data_3ZKM
#
_entry.id   3ZKM
#
_cell.length_a   67.944
_cell.length_b   161.101
_cell.length_c   163.233
_cell.angle_alpha   90.00
_cell.angle_beta   90.00
_cell.angle_gamma   90.00
#
_symmetry.space_group_name_H-M   'P 21 21 21'
#
loop_
_entity.id
_entity.type
_entity.pdbx_description
1 polymer 'BETA-SECRETASE 2'
2 polymer 'FAB HEAVY CHAIN'
3 polymer 'FAB LIGHT CHAIN'
4 non-polymer 'SULFATE ION'
5 non-polymer 'DIMETHYL SULFOXIDE'
6 non-polymer GLYCEROL
7 water water
#
loop_
_entity_poly.entity_id
_entity_poly.type
_entity_poly.pdbx_seq_one_letter_code
_entity_poly.pdbx_strand_id
1 'polypeptide(L)'
;ANFLAMVDNLQGDSGRGYYLEMLIGTPPQKLQILVDTGSSNFAVAGTPHSYIDTYFDTERSSTYRSKGFDVTVKYTQGSW
TGFVGEDLVTIPKGFNTSFLVNIATIFESENFFLPGIKWNGILGLAYATLAKPSSSLETFFDSLVTQANIPNVFSMQMCG
AGLPVAGSGTNGGSLVLGGIEPSLYKGDIWYTPIKEEWYYQIEILKLEIGGQSLNLDCREYNADKAIVDSGTTLLRLPQK
VFDAVVEAVARASLIPEFSDGFWTGSQLACWTNSETPWSYFPKISIYLRDENSSRSFRITILPQLYIQPMMGAGLNYECY
RFGISPSTNALVIGATVMEGFYVIFDRAQKRVGFAASPCAEIAGAAVSEISGPFSTEDVASNCVPA
;
A,B
2 'polypeptide(L)'
;(PCA)VQLKESGPVLVAPSQSLFISCTVSGFSLTRYGVHWVRQSPGKGLEWLGVIWAGGTTNYNSAFMSRLTISKDNSKS
QVFLKMNSLQTDDTAIYYCVKAYRNAMDYWGQGTSVTVSSAKTTAPSVYPLAPVCGDTSGSSVTLGCLVKGYFPEPVTLT
WNSGSLSSGVHTFPAVLQSDLYTLSSSVTVTSSTWPSQSITCNVAHPASSTKVDKKIEPRGPTIK
;
C,H
3 'polypeptide(L)'
;NIVLSQSPGSLAVSLGQRATISCRASKSVDTYGHSFIHWYQQKPGQPPNLLIHLASNLESGVPARFSGRGSGTDFTLTID
PVEADDAATYYCQQNNEDPWTFGGGTKLEIKRADAAPTVSIFPPSSEQLTSGGASVVCFLNNFYPKDINVKWKIDGSERQ
NGVLNSWTDQDSKDSTYSMSSTLTLTKDEYERHNSYTCEATHKTSTSPIVKSFNRNEC
;
D,L
#
loop_
_chem_comp.id
_chem_comp.type
_chem_comp.name
_chem_comp.formula
DMS non-polymer 'DIMETHYL SULFOXIDE' 'C2 H6 O S'
GOL non-polymer GLYCEROL 'C3 H8 O3'
SO4 non-polymer 'SULFATE ION' 'O4 S -2'
#
# COMPACT_ATOMS: atom_id res chain seq x y z
N ASN A 2 -48.89 49.62 -48.78
CA ASN A 2 -47.91 50.32 -47.92
C ASN A 2 -46.94 49.32 -47.30
N PHE A 3 -45.83 49.08 -47.99
CA PHE A 3 -44.87 48.06 -47.57
C PHE A 3 -44.04 48.44 -46.35
N LEU A 4 -43.81 49.73 -46.11
CA LEU A 4 -43.00 50.18 -44.96
C LEU A 4 -43.66 49.85 -43.62
N ALA A 5 -44.98 49.87 -43.60
CA ALA A 5 -45.74 49.53 -42.41
C ALA A 5 -45.61 48.04 -42.05
N MET A 6 -45.25 47.23 -43.04
CA MET A 6 -45.09 45.79 -42.83
C MET A 6 -43.70 45.41 -42.29
N VAL A 7 -42.78 46.37 -42.31
CA VAL A 7 -41.44 46.16 -41.76
C VAL A 7 -41.60 45.82 -40.29
N ASP A 8 -40.94 44.73 -39.88
CA ASP A 8 -40.90 44.28 -38.49
C ASP A 8 -42.24 43.79 -37.95
N ASN A 9 -43.14 43.35 -38.83
CA ASN A 9 -44.37 42.75 -38.35
C ASN A 9 -44.23 41.28 -37.86
N LEU A 10 -43.03 40.68 -37.94
CA LEU A 10 -42.85 39.31 -37.39
C LEU A 10 -42.10 39.35 -36.08
N GLN A 11 -42.39 38.39 -35.20
CA GLN A 11 -41.66 38.19 -33.95
C GLN A 11 -41.22 36.74 -33.97
N GLY A 12 -40.32 36.39 -33.07
CA GLY A 12 -39.93 35.00 -32.97
C GLY A 12 -38.52 34.80 -33.40
N ASP A 13 -38.14 33.54 -33.55
CA ASP A 13 -36.81 33.12 -33.94
C ASP A 13 -36.97 31.87 -34.80
N SER A 14 -35.87 31.42 -35.36
CA SER A 14 -35.84 30.24 -36.22
C SER A 14 -36.29 28.98 -35.48
N GLY A 15 -35.88 28.90 -34.21
CA GLY A 15 -35.90 27.66 -33.47
C GLY A 15 -37.31 27.18 -33.30
N ARG A 16 -38.22 28.11 -33.08
CA ARG A 16 -39.60 27.73 -32.81
C ARG A 16 -40.61 28.43 -33.70
N GLY A 17 -40.12 29.26 -34.64
CA GLY A 17 -40.99 29.96 -35.60
C GLY A 17 -41.05 31.50 -35.61
N TYR A 18 -41.22 32.06 -36.81
CA TYR A 18 -41.52 33.47 -36.98
C TYR A 18 -43.02 33.55 -37.15
N TYR A 19 -43.65 34.47 -36.43
CA TYR A 19 -45.09 34.54 -36.43
C TYR A 19 -45.59 35.97 -36.55
N LEU A 20 -46.79 36.06 -37.11
CA LEU A 20 -47.49 37.26 -37.44
C LEU A 20 -48.74 37.36 -36.57
N GLU A 21 -48.95 38.51 -35.94
CA GLU A 21 -50.19 38.75 -35.20
C GLU A 21 -51.36 39.00 -36.16
N MET A 22 -52.51 38.39 -35.85
CA MET A 22 -53.71 38.54 -36.67
C MET A 22 -54.93 38.71 -35.79
N LEU A 23 -55.90 39.49 -36.28
CA LEU A 23 -57.16 39.65 -35.57
C LEU A 23 -58.22 38.95 -36.37
N ILE A 24 -58.96 38.03 -35.74
CA ILE A 24 -59.91 37.18 -36.44
C ILE A 24 -61.31 37.34 -35.84
N GLY A 25 -62.32 37.49 -36.69
CA GLY A 25 -63.74 37.53 -36.30
C GLY A 25 -64.22 38.85 -35.74
N THR A 26 -65.47 38.83 -35.23
CA THR A 26 -66.19 40.02 -34.78
C THR A 26 -66.92 39.72 -33.46
N PRO A 27 -66.50 40.37 -32.36
CA PRO A 27 -65.40 41.32 -32.29
C PRO A 27 -64.07 40.55 -32.43
N PRO A 28 -62.96 41.26 -32.72
CA PRO A 28 -61.73 40.58 -33.10
C PRO A 28 -61.12 39.73 -31.97
N GLN A 29 -60.74 38.49 -32.28
CA GLN A 29 -59.88 37.72 -31.40
C GLN A 29 -58.45 37.75 -31.92
N LYS A 30 -57.49 38.07 -31.06
CA LYS A 30 -56.10 38.20 -31.47
C LYS A 30 -55.35 36.88 -31.34
N LEU A 31 -54.71 36.46 -32.44
N LEU A 31 -54.72 36.44 -32.44
CA LEU A 31 -53.90 35.25 -32.45
CA LEU A 31 -53.92 35.23 -32.44
C LEU A 31 -52.49 35.51 -32.96
C LEU A 31 -52.51 35.48 -33.00
N GLN A 32 -51.62 34.51 -32.78
CA GLN A 32 -50.22 34.61 -33.16
C GLN A 32 -49.98 33.50 -34.15
N ILE A 33 -49.57 33.87 -35.37
CA ILE A 33 -49.64 32.95 -36.49
C ILE A 33 -48.30 32.60 -37.14
N LEU A 34 -47.93 31.32 -37.12
CA LEU A 34 -46.66 30.89 -37.70
C LEU A 34 -46.65 31.19 -39.21
N VAL A 35 -45.58 31.78 -39.71
CA VAL A 35 -45.41 31.92 -41.16
C VAL A 35 -44.76 30.67 -41.79
N ASP A 36 -45.50 29.98 -42.65
CA ASP A 36 -45.05 28.69 -43.22
C ASP A 36 -45.16 28.65 -44.74
N THR A 37 -44.04 28.82 -45.43
CA THR A 37 -44.01 28.67 -46.89
C THR A 37 -44.00 27.22 -47.39
N GLY A 38 -44.04 26.26 -46.46
CA GLY A 38 -44.10 24.83 -46.79
C GLY A 38 -45.46 24.14 -46.71
N SER A 39 -46.55 24.91 -46.55
CA SER A 39 -47.92 24.32 -46.56
C SER A 39 -48.88 25.37 -47.05
N SER A 40 -50.15 25.00 -47.15
CA SER A 40 -51.11 25.87 -47.85
C SER A 40 -52.43 26.03 -47.16
N ASN A 41 -52.49 25.67 -45.88
CA ASN A 41 -53.67 25.86 -45.04
C ASN A 41 -53.48 26.93 -43.97
N PHE A 42 -54.53 27.72 -43.78
CA PHE A 42 -54.61 28.66 -42.65
C PHE A 42 -55.44 27.98 -41.57
N ALA A 43 -54.84 27.69 -40.40
CA ALA A 43 -55.53 26.97 -39.33
C ALA A 43 -55.15 27.54 -37.99
N VAL A 44 -56.11 27.55 -37.08
CA VAL A 44 -55.89 28.09 -35.74
C VAL A 44 -56.37 27.09 -34.71
N ALA A 45 -55.75 27.11 -33.54
CA ALA A 45 -56.26 26.33 -32.43
C ALA A 45 -57.70 26.77 -32.17
N GLY A 46 -58.58 25.80 -32.02
CA GLY A 46 -59.97 26.08 -31.82
C GLY A 46 -60.42 25.60 -30.47
N THR A 47 -59.51 24.99 -29.72
CA THR A 47 -59.81 24.50 -28.39
C THR A 47 -58.52 24.69 -27.58
N PRO A 48 -58.61 24.61 -26.24
CA PRO A 48 -57.38 24.68 -25.43
C PRO A 48 -56.34 23.61 -25.77
N HIS A 49 -55.08 23.94 -25.56
CA HIS A 49 -53.99 22.99 -25.65
C HIS A 49 -52.91 23.38 -24.63
N SER A 50 -52.21 22.40 -24.09
CA SER A 50 -51.10 22.66 -23.15
C SER A 50 -50.11 23.74 -23.57
N TYR A 51 -49.83 23.86 -24.88
CA TYR A 51 -48.74 24.72 -25.37
C TYR A 51 -49.19 25.99 -26.08
N ILE A 52 -50.43 26.36 -25.82
CA ILE A 52 -50.98 27.62 -26.32
C ILE A 52 -51.68 28.35 -25.19
N ASP A 53 -51.68 29.69 -25.27
CA ASP A 53 -52.31 30.54 -24.26
C ASP A 53 -53.74 30.86 -24.60
N THR A 54 -54.04 30.86 -25.89
CA THR A 54 -55.38 31.22 -26.32
C THR A 54 -55.71 30.53 -27.61
N TYR A 55 -56.99 30.54 -27.94
CA TYR A 55 -57.45 29.85 -29.12
C TYR A 55 -58.58 30.66 -29.71
N PHE A 56 -59.01 30.27 -30.90
CA PHE A 56 -60.08 30.96 -31.55
C PHE A 56 -61.38 30.28 -31.20
N ASP A 57 -62.28 31.04 -30.60
CA ASP A 57 -63.62 30.57 -30.26
C ASP A 57 -64.62 31.07 -31.29
N THR A 58 -65.08 30.14 -32.14
CA THR A 58 -66.03 30.45 -33.22
C THR A 58 -67.38 30.98 -32.71
N GLU A 59 -67.83 30.50 -31.55
CA GLU A 59 -69.14 30.90 -31.04
C GLU A 59 -69.17 32.34 -30.55
N ARG A 60 -68.00 32.95 -30.39
CA ARG A 60 -67.92 34.35 -29.99
C ARG A 60 -67.76 35.32 -31.16
N SER A 61 -67.59 34.79 -32.38
CA SER A 61 -67.51 35.62 -33.58
C SER A 61 -68.82 35.65 -34.37
N SER A 62 -69.36 36.86 -34.57
CA SER A 62 -70.64 37.00 -35.27
C SER A 62 -70.54 36.81 -36.79
N THR A 63 -69.32 36.88 -37.32
CA THR A 63 -69.12 36.78 -38.76
C THR A 63 -68.63 35.40 -39.22
N TYR A 64 -68.44 34.48 -38.29
CA TYR A 64 -67.94 33.15 -38.64
C TYR A 64 -69.02 32.33 -39.31
N ARG A 65 -68.64 31.61 -40.36
CA ARG A 65 -69.55 30.67 -41.00
C ARG A 65 -68.92 29.32 -41.21
N SER A 66 -69.61 28.27 -40.76
CA SER A 66 -69.14 26.90 -41.00
C SER A 66 -69.32 26.57 -42.47
N LYS A 67 -68.30 25.96 -43.08
CA LYS A 67 -68.43 25.52 -44.44
C LYS A 67 -68.98 24.11 -44.56
N GLY A 68 -69.22 23.42 -43.44
CA GLY A 68 -69.86 22.11 -43.51
C GLY A 68 -68.99 20.87 -43.73
N PHE A 69 -67.68 21.00 -43.62
CA PHE A 69 -66.79 19.84 -43.71
C PHE A 69 -65.56 20.05 -42.84
N ASP A 70 -64.82 18.97 -42.61
CA ASP A 70 -63.63 19.02 -41.76
C ASP A 70 -62.42 18.85 -42.66
N VAL A 71 -61.26 18.75 -42.04
CA VAL A 71 -60.01 18.62 -42.77
C VAL A 71 -58.94 18.07 -41.86
N THR A 72 -58.04 17.26 -42.41
N THR A 72 -58.05 17.25 -42.42
CA THR A 72 -56.86 16.85 -41.66
CA THR A 72 -56.85 16.85 -41.71
C THR A 72 -55.61 17.12 -42.51
C THR A 72 -55.64 17.25 -42.54
N VAL A 73 -54.57 17.65 -41.87
CA VAL A 73 -53.32 18.05 -42.54
C VAL A 73 -52.16 17.36 -41.86
N LYS A 74 -51.30 16.71 -42.65
CA LYS A 74 -50.09 16.10 -42.10
C LYS A 74 -48.87 16.80 -42.65
N TYR A 75 -47.94 17.15 -41.77
CA TYR A 75 -46.64 17.71 -42.12
C TYR A 75 -45.59 16.61 -41.90
N THR A 76 -44.35 16.90 -42.28
CA THR A 76 -43.26 15.92 -42.17
C THR A 76 -43.18 15.42 -40.73
N GLN A 77 -43.30 16.31 -39.78
CA GLN A 77 -43.73 15.91 -38.45
C GLN A 77 -44.89 16.77 -37.93
N GLY A 78 -45.84 16.08 -37.31
CA GLY A 78 -47.02 16.72 -36.78
C GLY A 78 -48.20 16.64 -37.72
N SER A 79 -49.38 16.71 -37.12
CA SER A 79 -50.62 16.64 -37.87
C SER A 79 -51.72 17.23 -37.02
N TRP A 80 -52.81 17.60 -37.68
CA TRP A 80 -53.97 18.08 -36.98
C TRP A 80 -55.22 17.81 -37.79
N THR A 81 -56.35 17.86 -37.08
CA THR A 81 -57.68 17.74 -37.65
C THR A 81 -58.49 18.91 -37.11
N GLY A 82 -59.31 19.51 -37.96
CA GLY A 82 -60.14 20.63 -37.58
C GLY A 82 -61.40 20.80 -38.43
N PHE A 83 -62.24 21.77 -38.04
CA PHE A 83 -63.41 22.09 -38.87
C PHE A 83 -63.05 23.21 -39.79
N VAL A 84 -63.77 23.33 -40.90
CA VAL A 84 -63.49 24.36 -41.86
C VAL A 84 -64.65 25.36 -41.91
N GLY A 85 -64.34 26.63 -41.75
CA GLY A 85 -65.29 27.69 -42.05
C GLY A 85 -64.62 28.89 -42.66
N GLU A 86 -65.27 30.05 -42.54
CA GLU A 86 -64.70 31.28 -43.00
C GLU A 86 -65.00 32.38 -42.02
N ASP A 87 -64.11 33.35 -41.95
CA ASP A 87 -64.33 34.51 -41.11
C ASP A 87 -63.46 35.65 -41.58
N LEU A 88 -63.71 36.84 -41.03
CA LEU A 88 -62.96 38.05 -41.37
C LEU A 88 -61.69 38.14 -40.56
N VAL A 89 -60.62 38.52 -41.24
CA VAL A 89 -59.30 38.66 -40.64
C VAL A 89 -58.74 40.05 -40.93
N THR A 90 -58.14 40.65 -39.91
CA THR A 90 -57.39 41.90 -40.05
C THR A 90 -55.96 41.56 -39.70
N ILE A 91 -55.01 42.02 -40.52
CA ILE A 91 -53.60 41.97 -40.13
C ILE A 91 -53.22 43.39 -39.68
N PRO A 92 -53.06 43.60 -38.37
CA PRO A 92 -52.87 44.97 -37.86
C PRO A 92 -51.64 45.62 -38.48
N LYS A 93 -50.52 44.87 -38.54
CA LYS A 93 -49.29 45.32 -39.18
C LYS A 93 -49.26 44.93 -40.68
N GLY A 94 -50.08 45.61 -41.46
CA GLY A 94 -50.18 45.38 -42.91
C GLY A 94 -51.45 45.92 -43.54
N PHE A 95 -52.59 45.32 -43.20
CA PHE A 95 -53.89 45.66 -43.81
C PHE A 95 -54.97 45.94 -42.77
N ASN A 96 -55.31 47.21 -42.63
CA ASN A 96 -56.35 47.64 -41.68
C ASN A 96 -57.78 47.39 -42.15
N THR A 97 -57.95 47.07 -43.43
CA THR A 97 -59.25 46.60 -43.93
C THR A 97 -59.31 45.10 -43.68
N SER A 98 -60.50 44.57 -43.45
CA SER A 98 -60.65 43.15 -43.21
C SER A 98 -61.01 42.40 -44.49
N PHE A 99 -60.62 41.12 -44.55
CA PHE A 99 -60.90 40.30 -45.71
C PHE A 99 -61.37 38.93 -45.26
N LEU A 100 -62.13 38.25 -46.11
CA LEU A 100 -62.75 36.99 -45.75
C LEU A 100 -61.83 35.87 -46.24
N VAL A 101 -61.58 34.90 -45.36
CA VAL A 101 -60.66 33.80 -45.67
C VAL A 101 -61.21 32.50 -45.16
N ASN A 102 -60.82 31.41 -45.80
CA ASN A 102 -61.04 30.09 -45.20
C ASN A 102 -60.24 29.92 -43.90
N ILE A 103 -60.81 29.23 -42.93
CA ILE A 103 -60.09 28.98 -41.66
C ILE A 103 -60.42 27.60 -41.14
N ALA A 104 -59.37 26.85 -40.77
CA ALA A 104 -59.55 25.55 -40.15
C ALA A 104 -59.31 25.75 -38.66
N THR A 105 -60.27 25.30 -37.85
CA THR A 105 -60.20 25.46 -36.42
C THR A 105 -59.86 24.10 -35.85
N ILE A 106 -58.64 23.98 -35.33
CA ILE A 106 -58.06 22.71 -34.85
C ILE A 106 -58.63 22.25 -33.51
N PHE A 107 -59.12 21.01 -33.42
CA PHE A 107 -59.59 20.44 -32.15
C PHE A 107 -58.75 19.22 -31.73
N GLU A 108 -57.98 18.69 -32.68
CA GLU A 108 -57.10 17.57 -32.39
C GLU A 108 -55.74 17.76 -33.05
N SER A 109 -54.66 17.42 -32.34
CA SER A 109 -53.33 17.51 -32.94
C SER A 109 -52.31 16.56 -32.30
N GLU A 110 -51.24 16.28 -33.04
CA GLU A 110 -50.19 15.39 -32.57
C GLU A 110 -48.89 16.03 -33.06
N ASN A 111 -47.99 16.31 -32.14
CA ASN A 111 -46.63 16.78 -32.43
C ASN A 111 -46.61 18.05 -33.28
N PHE A 112 -47.56 18.94 -33.02
CA PHE A 112 -47.76 20.13 -33.83
C PHE A 112 -47.59 21.39 -32.97
N PHE A 113 -48.40 21.53 -31.92
CA PHE A 113 -48.15 22.61 -30.94
C PHE A 113 -47.14 22.09 -29.94
N LEU A 114 -45.88 22.53 -30.06
CA LEU A 114 -44.79 21.91 -29.26
C LEU A 114 -44.36 22.83 -28.12
N PRO A 115 -43.76 22.26 -27.05
CA PRO A 115 -43.39 23.18 -25.96
C PRO A 115 -42.33 24.22 -26.44
N GLY A 116 -42.50 25.48 -26.04
CA GLY A 116 -41.52 26.50 -26.41
C GLY A 116 -42.01 27.40 -27.52
N ILE A 117 -43.14 27.06 -28.16
CA ILE A 117 -43.69 27.93 -29.22
C ILE A 117 -44.48 29.11 -28.64
N LYS A 118 -44.67 30.14 -29.45
CA LYS A 118 -45.44 31.30 -29.05
C LYS A 118 -46.62 31.49 -29.98
N TRP A 119 -46.73 30.62 -30.98
CA TRP A 119 -47.80 30.75 -31.97
C TRP A 119 -48.97 29.83 -31.65
N ASN A 120 -50.17 30.18 -32.08
CA ASN A 120 -51.35 29.32 -31.85
C ASN A 120 -52.09 29.03 -33.14
N GLY A 121 -51.38 29.22 -34.24
CA GLY A 121 -51.98 29.03 -35.57
C GLY A 121 -50.89 29.06 -36.59
N ILE A 122 -51.26 28.71 -37.83
CA ILE A 122 -50.33 28.60 -38.93
C ILE A 122 -50.89 29.19 -40.23
N LEU A 123 -50.02 29.91 -40.94
CA LEU A 123 -50.36 30.54 -42.20
C LEU A 123 -49.57 29.84 -43.31
N GLY A 124 -50.25 28.89 -43.97
CA GLY A 124 -49.70 28.18 -45.11
C GLY A 124 -49.68 29.10 -46.30
N LEU A 125 -48.45 29.45 -46.76
CA LEU A 125 -48.25 30.38 -47.87
C LEU A 125 -47.83 29.77 -49.22
N ALA A 126 -47.81 28.43 -49.30
CA ALA A 126 -47.49 27.75 -50.58
C ALA A 126 -48.68 27.72 -51.53
N TYR A 127 -48.62 26.85 -52.55
CA TYR A 127 -49.60 26.89 -53.64
C TYR A 127 -50.84 26.05 -53.30
N ALA A 128 -51.91 26.32 -54.05
CA ALA A 128 -53.21 25.67 -53.84
C ALA A 128 -53.12 24.16 -54.00
N THR A 129 -52.18 23.69 -54.81
CA THR A 129 -52.04 22.27 -55.05
C THR A 129 -51.76 21.46 -53.74
N LEU A 130 -51.20 22.14 -52.72
CA LEU A 130 -50.97 21.50 -51.41
C LEU A 130 -52.16 21.62 -50.41
N ALA A 131 -53.16 22.40 -50.74
CA ALA A 131 -54.19 22.69 -49.73
C ALA A 131 -55.07 21.46 -49.52
N LYS A 132 -55.54 21.30 -48.27
CA LYS A 132 -56.43 20.21 -47.91
C LYS A 132 -57.80 20.85 -47.56
N PRO A 133 -58.93 20.13 -47.79
CA PRO A 133 -58.99 18.77 -48.30
C PRO A 133 -58.62 18.68 -49.78
N SER A 134 -58.73 19.78 -50.52
CA SER A 134 -58.18 19.80 -51.87
C SER A 134 -57.81 21.22 -52.30
N SER A 135 -57.22 21.31 -53.48
CA SER A 135 -56.86 22.59 -54.09
C SER A 135 -58.03 23.57 -54.28
N SER A 136 -59.27 23.12 -54.16
CA SER A 136 -60.35 24.11 -54.27
C SER A 136 -60.64 24.90 -52.98
N LEU A 137 -60.01 24.49 -51.87
CA LEU A 137 -60.09 25.31 -50.65
C LEU A 137 -59.11 26.49 -50.79
N GLU A 138 -59.62 27.65 -51.19
CA GLU A 138 -58.76 28.79 -51.57
C GLU A 138 -57.75 29.14 -50.46
N THR A 139 -56.46 29.33 -50.81
CA THR A 139 -55.47 29.77 -49.81
C THR A 139 -55.67 31.20 -49.30
N PHE A 140 -55.13 31.46 -48.11
CA PHE A 140 -55.18 32.77 -47.46
C PHE A 140 -54.62 33.86 -48.37
N PHE A 141 -53.44 33.61 -48.96
CA PHE A 141 -52.79 34.57 -49.82
C PHE A 141 -53.57 34.77 -51.14
N ASP A 142 -54.12 33.72 -51.72
CA ASP A 142 -54.98 33.91 -52.91
C ASP A 142 -56.24 34.78 -52.63
N SER A 143 -56.85 34.61 -51.46
CA SER A 143 -57.98 35.45 -51.00
C SER A 143 -57.54 36.88 -50.87
N LEU A 144 -56.39 37.06 -50.22
CA LEU A 144 -55.78 38.36 -50.03
C LEU A 144 -55.50 39.08 -51.34
N VAL A 145 -54.89 38.39 -52.29
CA VAL A 145 -54.53 38.97 -53.55
C VAL A 145 -55.83 39.41 -54.24
N THR A 146 -56.81 38.51 -54.27
CA THR A 146 -58.12 38.75 -54.86
C THR A 146 -58.88 39.90 -54.22
N GLN A 147 -58.81 40.00 -52.89
CA GLN A 147 -59.63 40.93 -52.15
C GLN A 147 -58.96 42.25 -51.85
N ALA A 148 -57.66 42.23 -51.60
CA ALA A 148 -56.94 43.48 -51.39
C ALA A 148 -56.36 44.00 -52.72
N ASN A 149 -56.52 43.20 -53.77
CA ASN A 149 -55.99 43.51 -55.10
C ASN A 149 -54.51 43.89 -55.07
N ILE A 150 -53.71 43.09 -54.40
CA ILE A 150 -52.28 43.31 -54.35
C ILE A 150 -51.57 42.43 -55.38
N PRO A 151 -50.36 42.81 -55.81
CA PRO A 151 -49.58 41.86 -56.60
C PRO A 151 -49.43 40.47 -55.94
N ASN A 152 -49.34 39.45 -56.79
CA ASN A 152 -49.19 38.07 -56.36
C ASN A 152 -47.74 37.79 -56.00
N VAL A 153 -47.23 38.50 -54.98
CA VAL A 153 -45.84 38.41 -54.56
C VAL A 153 -45.82 38.60 -53.07
N PHE A 154 -44.92 37.90 -52.38
CA PHE A 154 -44.64 38.26 -50.98
C PHE A 154 -43.17 38.02 -50.69
N SER A 155 -42.66 38.59 -49.60
CA SER A 155 -41.22 38.44 -49.34
C SER A 155 -41.01 38.40 -47.83
N MET A 156 -39.92 37.78 -47.42
CA MET A 156 -39.71 37.50 -46.02
C MET A 156 -38.26 37.80 -45.63
N GLN A 157 -38.10 38.49 -44.52
CA GLN A 157 -36.77 38.61 -43.94
C GLN A 157 -36.82 38.14 -42.49
N MET A 158 -35.91 37.25 -42.14
CA MET A 158 -35.79 36.74 -40.78
C MET A 158 -34.56 37.39 -40.14
N CYS A 159 -34.74 38.08 -39.01
CA CYS A 159 -33.65 38.80 -38.35
C CYS A 159 -33.11 38.11 -37.09
N GLY A 160 -33.30 36.80 -36.98
CA GLY A 160 -32.87 36.08 -35.77
C GLY A 160 -31.39 35.69 -35.72
N ALA A 161 -30.67 35.83 -36.81
CA ALA A 161 -29.26 35.38 -36.88
C ALA A 161 -28.49 35.60 -35.57
N ASN A 171 -36.18 38.80 -31.21
CA ASN A 171 -36.06 39.71 -32.36
C ASN A 171 -36.53 39.12 -33.69
N GLY A 172 -37.36 39.89 -34.38
CA GLY A 172 -38.27 39.35 -35.37
C GLY A 172 -37.80 39.37 -36.80
N GLY A 173 -38.64 39.95 -37.65
CA GLY A 173 -38.43 39.95 -39.06
C GLY A 173 -39.62 40.62 -39.72
N SER A 174 -39.73 40.41 -41.03
CA SER A 174 -40.80 41.06 -41.80
C SER A 174 -41.43 40.15 -42.83
N LEU A 175 -42.75 40.18 -42.91
CA LEU A 175 -43.48 39.55 -44.02
C LEU A 175 -44.15 40.67 -44.83
N VAL A 176 -43.67 40.88 -46.05
CA VAL A 176 -44.16 41.92 -46.95
C VAL A 176 -45.10 41.29 -47.97
N LEU A 177 -46.40 41.52 -47.76
CA LEU A 177 -47.40 40.88 -48.61
C LEU A 177 -47.77 41.82 -49.73
N GLY A 178 -47.50 41.39 -50.94
CA GLY A 178 -47.76 42.21 -52.13
C GLY A 178 -46.54 42.73 -52.83
N GLY A 179 -45.34 42.47 -52.28
CA GLY A 179 -44.13 42.87 -52.99
C GLY A 179 -42.83 42.87 -52.22
N ILE A 180 -41.97 43.82 -52.58
CA ILE A 180 -40.60 43.93 -52.09
C ILE A 180 -40.44 45.30 -51.39
N GLU A 181 -39.72 45.33 -50.28
CA GLU A 181 -39.42 46.57 -49.58
C GLU A 181 -37.92 46.88 -49.67
N PRO A 182 -37.55 47.96 -50.41
CA PRO A 182 -36.14 48.22 -50.73
C PRO A 182 -35.23 48.36 -49.49
N SER A 183 -35.77 48.87 -48.39
CA SER A 183 -34.99 49.06 -47.19
C SER A 183 -34.57 47.75 -46.51
N LEU A 184 -35.04 46.62 -47.01
CA LEU A 184 -34.76 45.35 -46.37
C LEU A 184 -33.61 44.57 -47.00
N TYR A 185 -32.95 45.14 -47.99
CA TYR A 185 -31.80 44.50 -48.61
C TYR A 185 -30.74 45.48 -49.15
N LYS A 186 -29.58 44.92 -49.49
CA LYS A 186 -28.47 45.66 -50.04
C LYS A 186 -28.02 44.85 -51.23
N GLY A 187 -27.49 45.52 -52.26
CA GLY A 187 -27.00 44.84 -53.44
C GLY A 187 -28.11 44.33 -54.34
N ASP A 188 -27.83 43.25 -55.06
CA ASP A 188 -28.72 42.79 -56.12
C ASP A 188 -29.64 41.65 -55.68
N ILE A 189 -30.79 41.55 -56.34
CA ILE A 189 -31.65 40.39 -56.20
C ILE A 189 -31.27 39.41 -57.30
N TRP A 190 -31.04 38.16 -56.90
CA TRP A 190 -30.87 37.08 -57.85
C TRP A 190 -32.09 36.17 -57.81
N TYR A 191 -32.62 35.83 -58.99
CA TYR A 191 -33.82 34.97 -59.12
C TYR A 191 -33.57 33.61 -59.71
N THR A 192 -34.15 32.61 -59.05
CA THR A 192 -34.13 31.24 -59.52
C THR A 192 -35.58 30.80 -59.84
N PRO A 193 -35.79 30.11 -60.98
CA PRO A 193 -37.14 29.70 -61.42
C PRO A 193 -37.79 28.74 -60.44
N ILE A 194 -39.10 28.89 -60.27
CA ILE A 194 -39.85 27.87 -59.52
C ILE A 194 -40.06 26.68 -60.46
N LYS A 195 -39.56 25.51 -60.07
CA LYS A 195 -39.58 24.34 -60.94
C LYS A 195 -40.95 23.66 -60.97
N GLU A 196 -41.64 23.71 -59.84
CA GLU A 196 -42.93 23.10 -59.67
C GLU A 196 -43.67 23.88 -58.61
N GLU A 197 -44.89 24.30 -58.95
CA GLU A 197 -45.69 25.13 -58.08
C GLU A 197 -46.52 24.27 -57.14
N TRP A 198 -45.93 23.84 -56.02
CA TRP A 198 -46.64 23.18 -54.97
C TRP A 198 -46.04 23.65 -53.66
N TYR A 199 -44.93 23.04 -53.26
CA TYR A 199 -43.96 23.73 -52.42
C TYR A 199 -43.25 24.75 -53.31
N TYR A 200 -42.41 25.60 -52.71
CA TYR A 200 -41.54 26.47 -53.49
C TYR A 200 -40.30 25.66 -53.87
N GLN A 201 -40.46 24.84 -54.91
CA GLN A 201 -39.38 23.97 -55.41
C GLN A 201 -38.48 24.69 -56.39
N ILE A 202 -37.20 24.74 -56.02
CA ILE A 202 -36.15 25.33 -56.84
C ILE A 202 -35.08 24.30 -57.17
N GLU A 203 -34.27 24.59 -58.18
CA GLU A 203 -33.28 23.64 -58.66
C GLU A 203 -31.87 23.96 -58.13
N ILE A 204 -31.31 23.00 -57.39
CA ILE A 204 -29.98 23.15 -56.83
C ILE A 204 -29.01 22.45 -57.77
N LEU A 205 -27.94 23.17 -58.13
CA LEU A 205 -26.96 22.70 -59.10
C LEU A 205 -25.74 22.08 -58.42
N LYS A 206 -25.37 22.63 -57.26
CA LYS A 206 -24.16 22.23 -56.57
C LYS A 206 -24.12 22.81 -55.18
N LEU A 207 -23.54 22.04 -54.26
CA LEU A 207 -23.13 22.49 -52.94
C LEU A 207 -21.60 22.50 -52.84
N GLU A 208 -21.08 23.53 -52.18
CA GLU A 208 -19.64 23.72 -52.07
C GLU A 208 -19.31 23.99 -50.60
N ILE A 209 -18.31 23.28 -50.07
CA ILE A 209 -17.90 23.44 -48.67
C ILE A 209 -16.45 23.96 -48.64
N GLY A 210 -16.28 25.14 -48.04
CA GLY A 210 -15.00 25.84 -48.06
C GLY A 210 -14.36 25.88 -49.43
N GLY A 211 -15.13 26.25 -50.45
CA GLY A 211 -14.60 26.40 -51.80
C GLY A 211 -14.38 25.11 -52.58
N GLN A 212 -14.68 23.96 -51.96
CA GLN A 212 -14.61 22.67 -52.65
C GLN A 212 -16.00 22.08 -52.93
N SER A 213 -16.29 21.85 -54.21
CA SER A 213 -17.58 21.26 -54.59
C SER A 213 -17.61 19.79 -54.17
N LEU A 214 -18.81 19.29 -53.89
CA LEU A 214 -18.98 17.97 -53.31
C LEU A 214 -18.78 16.78 -54.25
N ASN A 215 -18.91 16.97 -55.56
CA ASN A 215 -18.81 15.82 -56.48
C ASN A 215 -19.89 14.76 -56.20
N LEU A 216 -21.15 15.21 -56.23
CA LEU A 216 -22.30 14.33 -56.27
C LEU A 216 -22.96 14.69 -57.59
N ASP A 217 -23.66 13.76 -58.21
CA ASP A 217 -24.47 14.11 -59.37
C ASP A 217 -25.47 15.19 -58.88
N CYS A 218 -25.68 16.25 -59.66
CA CYS A 218 -26.59 17.32 -59.21
C CYS A 218 -28.02 16.83 -58.93
N ARG A 219 -28.37 15.67 -59.50
CA ARG A 219 -29.68 15.05 -59.22
C ARG A 219 -29.83 14.64 -57.77
N GLU A 220 -28.72 14.38 -57.11
CA GLU A 220 -28.71 14.11 -55.66
C GLU A 220 -29.33 15.24 -54.81
N TYR A 221 -29.15 16.48 -55.24
CA TYR A 221 -29.68 17.63 -54.47
C TYR A 221 -31.18 17.84 -54.62
N ASN A 222 -31.77 17.19 -55.61
CA ASN A 222 -33.13 17.45 -56.02
C ASN A 222 -33.94 16.17 -56.05
N ALA A 223 -33.29 15.04 -55.75
CA ALA A 223 -33.79 13.70 -56.13
C ALA A 223 -35.24 13.52 -55.72
N ASP A 224 -35.55 14.01 -54.52
CA ASP A 224 -36.90 14.14 -54.06
C ASP A 224 -37.40 15.49 -54.54
N LYS A 225 -36.94 16.55 -53.86
CA LYS A 225 -37.22 17.97 -54.20
C LYS A 225 -36.33 18.87 -53.34
N ALA A 226 -35.99 20.05 -53.86
CA ALA A 226 -35.34 21.09 -53.07
C ALA A 226 -36.31 22.24 -52.95
N ILE A 227 -36.58 22.62 -51.71
CA ILE A 227 -37.65 23.57 -51.46
C ILE A 227 -37.19 24.64 -50.46
N VAL A 228 -37.82 25.82 -50.54
CA VAL A 228 -37.57 26.86 -49.54
C VAL A 228 -38.74 26.90 -48.52
N ASP A 229 -38.46 26.71 -47.23
CA ASP A 229 -39.53 26.48 -46.27
C ASP A 229 -39.31 27.18 -44.94
N SER A 230 -40.03 28.29 -44.77
CA SER A 230 -39.88 29.09 -43.57
C SER A 230 -40.37 28.33 -42.32
N GLY A 231 -41.14 27.26 -42.51
CA GLY A 231 -41.68 26.53 -41.38
C GLY A 231 -40.71 25.51 -40.82
N THR A 232 -39.64 25.25 -41.54
CA THR A 232 -38.57 24.33 -41.09
C THR A 232 -37.41 25.12 -40.49
N THR A 233 -36.94 24.68 -39.31
CA THR A 233 -35.91 25.37 -38.56
C THR A 233 -34.53 25.24 -39.20
N LEU A 234 -34.18 24.01 -39.52
CA LEU A 234 -32.84 23.67 -39.94
C LEU A 234 -32.66 23.59 -41.46
N LEU A 235 -31.40 23.48 -41.89
CA LEU A 235 -31.11 23.09 -43.27
C LEU A 235 -31.16 21.57 -43.21
N ARG A 236 -32.01 20.99 -44.04
CA ARG A 236 -32.30 19.57 -43.97
C ARG A 236 -31.83 18.97 -45.27
N LEU A 237 -30.96 17.97 -45.20
CA LEU A 237 -30.30 17.44 -46.38
C LEU A 237 -30.54 15.93 -46.48
N PRO A 238 -30.91 15.42 -47.67
CA PRO A 238 -31.09 13.96 -47.87
C PRO A 238 -29.85 13.22 -47.40
N GLN A 239 -30.03 12.00 -46.88
CA GLN A 239 -28.93 11.32 -46.18
C GLN A 239 -27.59 11.38 -46.93
N LYS A 240 -27.56 11.02 -48.22
CA LYS A 240 -26.30 10.97 -48.97
C LYS A 240 -25.62 12.34 -49.03
N VAL A 241 -26.44 13.37 -49.25
CA VAL A 241 -25.95 14.75 -49.30
C VAL A 241 -25.43 15.17 -47.93
N PHE A 242 -26.18 14.87 -46.87
CA PHE A 242 -25.75 15.19 -45.50
C PHE A 242 -24.37 14.64 -45.17
N ASP A 243 -24.15 13.37 -45.52
CA ASP A 243 -22.91 12.70 -45.18
C ASP A 243 -21.74 13.31 -45.94
N ALA A 244 -21.96 13.60 -47.22
CA ALA A 244 -20.96 14.28 -48.04
C ALA A 244 -20.62 15.67 -47.50
N VAL A 245 -21.63 16.39 -47.01
CA VAL A 245 -21.38 17.67 -46.35
C VAL A 245 -20.54 17.56 -45.09
N VAL A 246 -20.95 16.70 -44.16
CA VAL A 246 -20.23 16.64 -42.88
C VAL A 246 -18.82 16.08 -43.03
N GLU A 247 -18.63 15.25 -44.04
CA GLU A 247 -17.32 14.73 -44.41
C GLU A 247 -16.41 15.89 -44.91
N ALA A 248 -16.93 16.69 -45.84
CA ALA A 248 -16.22 17.90 -46.31
C ALA A 248 -15.94 18.92 -45.19
N VAL A 249 -16.90 19.11 -44.29
CA VAL A 249 -16.73 19.99 -43.13
C VAL A 249 -15.60 19.51 -42.20
N ALA A 250 -15.55 18.20 -41.92
CA ALA A 250 -14.44 17.62 -41.14
C ALA A 250 -13.10 17.78 -41.82
N ARG A 251 -13.08 17.68 -43.16
CA ARG A 251 -11.85 17.83 -43.93
C ARG A 251 -11.33 19.27 -43.94
N ALA A 252 -12.24 20.25 -43.89
CA ALA A 252 -11.85 21.67 -43.99
C ALA A 252 -11.78 22.40 -42.65
N SER A 253 -12.36 21.84 -41.59
CA SER A 253 -12.30 22.50 -40.27
C SER A 253 -10.91 22.36 -39.59
N LEU A 254 -10.66 23.17 -38.58
CA LEU A 254 -9.48 23.03 -37.76
C LEU A 254 -9.92 23.10 -36.30
N ILE A 255 -10.42 21.98 -35.79
CA ILE A 255 -10.88 21.78 -34.40
C ILE A 255 -9.66 21.83 -33.47
N PRO A 256 -9.76 22.52 -32.31
CA PRO A 256 -8.70 22.42 -31.30
C PRO A 256 -8.39 20.97 -30.86
N GLU A 257 -7.13 20.69 -30.54
CA GLU A 257 -6.76 19.38 -30.01
C GLU A 257 -7.15 19.30 -28.54
N PHE A 258 -7.43 18.07 -28.08
CA PHE A 258 -7.71 17.84 -26.68
C PHE A 258 -6.49 18.22 -25.86
N SER A 259 -6.71 18.80 -24.70
CA SER A 259 -5.63 19.28 -23.81
C SER A 259 -6.25 19.60 -22.46
N ASP A 260 -5.54 20.32 -21.60
CA ASP A 260 -6.07 20.60 -20.25
C ASP A 260 -7.43 21.29 -20.35
N GLY A 261 -8.43 20.73 -19.68
CA GLY A 261 -9.78 21.31 -19.63
C GLY A 261 -10.59 21.05 -20.88
N PHE A 262 -10.08 20.27 -21.83
CA PHE A 262 -10.85 19.97 -23.04
C PHE A 262 -10.53 18.53 -23.44
N TRP A 263 -11.35 17.58 -23.01
N TRP A 263 -11.35 17.59 -22.99
CA TRP A 263 -10.96 16.19 -23.19
CA TRP A 263 -10.97 16.16 -23.13
C TRP A 263 -12.04 15.26 -23.73
C TRP A 263 -12.01 15.27 -23.81
N THR A 264 -13.16 15.85 -24.15
CA THR A 264 -14.19 15.11 -24.90
C THR A 264 -14.78 16.01 -25.96
N GLY A 265 -15.27 15.40 -27.04
CA GLY A 265 -15.92 16.13 -28.14
C GLY A 265 -17.11 16.97 -27.72
N SER A 266 -17.94 16.44 -26.84
CA SER A 266 -19.09 17.15 -26.25
C SER A 266 -18.70 18.52 -25.71
N GLN A 267 -17.48 18.58 -25.17
CA GLN A 267 -16.94 19.83 -24.56
C GLN A 267 -16.67 20.95 -25.57
N LEU A 268 -16.79 20.61 -26.84
CA LEU A 268 -16.59 21.58 -27.88
C LEU A 268 -17.77 22.55 -27.98
N ALA A 269 -18.92 22.18 -27.39
CA ALA A 269 -20.17 22.93 -27.56
C ALA A 269 -20.20 24.32 -26.89
N CYS A 270 -19.50 24.48 -25.75
CA CYS A 270 -19.61 25.73 -24.95
C CYS A 270 -18.28 26.53 -24.86
N TRP A 271 -18.37 27.85 -25.00
CA TRP A 271 -17.19 28.72 -25.07
C TRP A 271 -17.30 29.92 -24.13
N THR A 272 -16.18 30.31 -23.52
CA THR A 272 -16.11 31.44 -22.57
C THR A 272 -15.29 32.60 -23.13
N ASN A 273 -15.26 33.71 -22.38
CA ASN A 273 -14.32 34.83 -22.60
C ASN A 273 -14.41 35.45 -23.99
N SER A 274 -15.64 35.63 -24.46
CA SER A 274 -15.95 36.10 -25.83
C SER A 274 -15.38 35.26 -26.98
N GLU A 275 -14.73 34.15 -26.68
N GLU A 275 -14.72 34.15 -26.67
CA GLU A 275 -14.20 33.26 -27.72
CA GLU A 275 -14.19 33.22 -27.68
C GLU A 275 -15.36 32.58 -28.43
C GLU A 275 -15.36 32.56 -28.42
N THR A 276 -15.22 32.37 -29.74
CA THR A 276 -16.28 31.69 -30.53
C THR A 276 -15.70 30.55 -31.40
N PRO A 277 -16.55 29.62 -31.82
CA PRO A 277 -16.08 28.48 -32.65
C PRO A 277 -15.97 28.79 -34.14
N TRP A 278 -16.35 30.01 -34.56
CA TRP A 278 -16.60 30.25 -35.98
C TRP A 278 -15.36 30.18 -36.87
N SER A 279 -14.24 30.73 -36.40
CA SER A 279 -13.03 30.77 -37.25
C SER A 279 -12.49 29.38 -37.62
N TYR A 280 -12.96 28.35 -36.90
CA TYR A 280 -12.50 26.98 -37.14
C TYR A 280 -13.25 26.24 -38.28
N PHE A 281 -14.28 26.86 -38.87
CA PHE A 281 -15.24 26.14 -39.73
C PHE A 281 -15.36 26.81 -41.08
N PRO A 282 -15.68 26.02 -42.14
CA PRO A 282 -15.73 26.51 -43.49
C PRO A 282 -17.06 27.16 -43.88
N LYS A 283 -17.04 27.94 -44.95
CA LYS A 283 -18.28 28.50 -45.52
C LYS A 283 -19.07 27.41 -46.25
N ILE A 284 -20.39 27.54 -46.35
CA ILE A 284 -21.16 26.55 -47.10
C ILE A 284 -21.97 27.29 -48.16
N SER A 285 -21.86 26.84 -49.42
CA SER A 285 -22.49 27.51 -50.55
C SER A 285 -23.47 26.60 -51.33
N ILE A 286 -24.62 27.18 -51.74
CA ILE A 286 -25.59 26.50 -52.57
C ILE A 286 -25.71 27.24 -53.91
N TYR A 287 -25.47 26.53 -55.00
CA TYR A 287 -25.64 27.08 -56.35
C TYR A 287 -27.03 26.79 -56.88
N LEU A 288 -27.68 27.83 -57.41
CA LEU A 288 -29.01 27.73 -57.98
C LEU A 288 -28.98 28.20 -59.43
N ARG A 289 -29.75 27.55 -60.30
CA ARG A 289 -29.90 28.09 -61.66
C ARG A 289 -30.52 29.49 -61.70
N ASP A 290 -29.90 30.37 -62.47
CA ASP A 290 -30.51 31.68 -62.70
C ASP A 290 -31.65 31.54 -63.72
N GLU A 291 -32.51 32.55 -63.80
CA GLU A 291 -33.58 32.60 -64.81
C GLU A 291 -33.06 32.47 -66.24
N ASN A 292 -31.88 33.05 -66.49
CA ASN A 292 -31.07 32.72 -67.68
C ASN A 292 -30.41 31.36 -67.44
N SER A 293 -30.88 30.36 -68.17
CA SER A 293 -30.48 28.97 -67.98
C SER A 293 -28.99 28.66 -68.04
N SER A 294 -28.24 29.44 -68.82
CA SER A 294 -26.80 29.26 -68.94
C SER A 294 -26.01 29.82 -67.75
N ARG A 295 -26.71 30.37 -66.77
CA ARG A 295 -26.07 31.03 -65.64
C ARG A 295 -26.60 30.52 -64.30
N SER A 296 -25.76 30.58 -63.29
CA SER A 296 -26.12 30.19 -61.92
C SER A 296 -25.66 31.27 -60.97
N PHE A 297 -26.20 31.26 -59.75
CA PHE A 297 -25.70 32.13 -58.71
C PHE A 297 -25.52 31.29 -57.44
N ARG A 298 -24.80 31.85 -56.47
CA ARG A 298 -24.39 31.12 -55.28
C ARG A 298 -24.88 31.85 -54.02
N ILE A 299 -25.61 31.14 -53.15
CA ILE A 299 -25.88 31.66 -51.82
C ILE A 299 -24.96 30.99 -50.82
N THR A 300 -24.39 31.77 -49.92
CA THR A 300 -23.32 31.29 -49.06
C THR A 300 -23.67 31.62 -47.62
N ILE A 301 -23.59 30.62 -46.76
CA ILE A 301 -23.74 30.89 -45.35
C ILE A 301 -22.39 30.72 -44.66
N LEU A 302 -22.08 31.60 -43.72
CA LEU A 302 -20.88 31.42 -42.88
C LEU A 302 -21.19 30.59 -41.62
N PRO A 303 -20.14 30.11 -40.91
CA PRO A 303 -20.31 29.32 -39.70
C PRO A 303 -21.25 29.99 -38.71
N GLN A 304 -21.24 31.32 -38.67
CA GLN A 304 -22.16 32.10 -37.81
C GLN A 304 -23.63 31.70 -37.94
N LEU A 305 -24.04 31.21 -39.11
CA LEU A 305 -25.42 30.81 -39.32
C LEU A 305 -25.68 29.33 -39.10
N TYR A 306 -24.66 28.48 -39.22
CA TYR A 306 -24.92 27.06 -38.99
C TYR A 306 -24.34 26.48 -37.70
N ILE A 307 -23.57 27.29 -36.97
CA ILE A 307 -23.09 26.96 -35.61
C ILE A 307 -23.74 28.00 -34.71
N GLN A 308 -24.88 27.59 -34.13
CA GLN A 308 -25.91 28.49 -33.65
C GLN A 308 -25.95 28.63 -32.12
N PRO A 309 -25.85 29.87 -31.61
CA PRO A 309 -25.83 30.13 -30.15
C PRO A 309 -27.18 29.71 -29.54
N MET A 310 -27.17 29.17 -28.33
CA MET A 310 -28.34 28.51 -27.74
C MET A 310 -28.87 29.17 -26.46
N MET A 311 -28.00 29.80 -25.69
CA MET A 311 -28.30 30.12 -24.28
C MET A 311 -29.26 31.29 -24.12
N GLY A 312 -29.99 31.30 -23.01
CA GLY A 312 -30.72 32.51 -22.59
C GLY A 312 -29.72 33.60 -22.23
N ALA A 313 -30.19 34.84 -22.18
CA ALA A 313 -29.32 35.98 -21.90
C ALA A 313 -28.83 35.98 -20.45
N GLY A 314 -27.83 36.82 -20.18
CA GLY A 314 -27.35 37.03 -18.81
C GLY A 314 -26.18 36.14 -18.38
N LEU A 315 -25.55 35.47 -19.34
CA LEU A 315 -24.37 34.61 -19.05
C LEU A 315 -23.10 35.11 -19.75
N ASN A 316 -21.94 34.61 -19.33
CA ASN A 316 -20.67 34.95 -19.96
C ASN A 316 -19.97 33.72 -20.58
N TYR A 317 -20.77 32.73 -20.95
CA TYR A 317 -20.33 31.69 -21.88
C TYR A 317 -21.50 31.45 -22.82
N GLU A 318 -21.25 30.76 -23.93
CA GLU A 318 -22.27 30.48 -24.94
C GLU A 318 -22.10 29.02 -25.35
N CYS A 319 -23.21 28.35 -25.66
CA CYS A 319 -23.21 26.98 -26.15
C CYS A 319 -23.87 26.99 -27.49
N TYR A 320 -23.36 26.21 -28.43
CA TYR A 320 -23.80 26.26 -29.84
C TYR A 320 -24.29 24.88 -30.31
N ARG A 321 -25.14 24.89 -31.34
CA ARG A 321 -25.63 23.66 -31.96
C ARG A 321 -25.46 23.76 -33.47
N PHE A 322 -25.26 22.60 -34.08
CA PHE A 322 -25.17 22.47 -35.51
C PHE A 322 -26.56 22.63 -36.13
N GLY A 323 -26.71 23.59 -37.05
CA GLY A 323 -28.00 23.86 -37.68
C GLY A 323 -28.29 23.14 -39.01
N ILE A 324 -27.72 21.95 -39.16
CA ILE A 324 -27.87 21.13 -40.39
C ILE A 324 -28.21 19.73 -39.89
N SER A 325 -29.19 19.10 -40.52
CA SER A 325 -29.63 17.76 -40.13
C SER A 325 -30.03 16.94 -41.35
N PRO A 326 -29.99 15.60 -41.21
CA PRO A 326 -30.39 14.77 -42.35
C PRO A 326 -31.90 14.69 -42.56
N SER A 327 -32.31 14.51 -43.81
N SER A 327 -32.32 14.49 -43.80
CA SER A 327 -33.69 14.23 -44.16
CA SER A 327 -33.71 14.20 -44.09
C SER A 327 -33.76 12.83 -44.78
C SER A 327 -33.77 12.84 -44.79
N THR A 328 -34.95 12.23 -44.80
CA THR A 328 -35.17 10.99 -45.58
C THR A 328 -35.24 11.36 -47.07
N ASN A 329 -35.98 12.43 -47.34
CA ASN A 329 -36.47 12.72 -48.68
C ASN A 329 -36.01 14.09 -49.26
N ALA A 330 -36.58 15.17 -48.73
CA ALA A 330 -36.41 16.50 -49.32
C ALA A 330 -35.09 17.17 -48.92
N LEU A 331 -34.65 18.13 -49.73
CA LEU A 331 -33.61 19.05 -49.32
C LEU A 331 -34.33 20.35 -48.99
N VAL A 332 -34.29 20.73 -47.73
CA VAL A 332 -35.11 21.81 -47.27
C VAL A 332 -34.26 22.98 -46.81
N ILE A 333 -34.34 24.04 -47.58
CA ILE A 333 -33.76 25.30 -47.22
C ILE A 333 -34.65 25.96 -46.17
N GLY A 334 -34.36 25.67 -44.91
CA GLY A 334 -35.16 26.12 -43.79
C GLY A 334 -34.62 27.44 -43.22
N ALA A 335 -35.10 27.78 -42.04
CA ALA A 335 -34.66 29.01 -41.38
C ALA A 335 -33.12 29.17 -41.21
N THR A 336 -32.37 28.07 -41.01
CA THR A 336 -30.91 28.13 -40.89
C THR A 336 -30.36 29.06 -42.00
N VAL A 337 -30.79 28.81 -43.24
CA VAL A 337 -30.33 29.53 -44.43
C VAL A 337 -31.11 30.84 -44.66
N MET A 338 -32.43 30.80 -44.46
CA MET A 338 -33.27 31.96 -44.79
C MET A 338 -32.88 33.15 -43.94
N GLU A 339 -32.39 32.89 -42.73
CA GLU A 339 -31.90 33.96 -41.84
C GLU A 339 -30.74 34.77 -42.43
N GLY A 340 -30.12 34.25 -43.46
CA GLY A 340 -29.04 34.98 -44.11
C GLY A 340 -29.49 35.90 -45.24
N PHE A 341 -30.76 35.81 -45.65
CA PHE A 341 -31.20 36.42 -46.91
C PHE A 341 -32.58 37.01 -46.86
N TYR A 342 -32.78 38.08 -47.63
CA TYR A 342 -34.13 38.52 -47.95
C TYR A 342 -34.67 37.65 -49.06
N VAL A 343 -35.80 36.99 -48.80
CA VAL A 343 -36.30 36.01 -49.77
C VAL A 343 -37.62 36.44 -50.42
N ILE A 344 -37.64 36.45 -51.74
CA ILE A 344 -38.81 36.96 -52.48
C ILE A 344 -39.55 35.81 -53.15
N PHE A 345 -40.81 35.61 -52.76
CA PHE A 345 -41.61 34.52 -53.35
C PHE A 345 -42.45 35.13 -54.46
N ASP A 346 -41.90 35.17 -55.66
CA ASP A 346 -42.52 35.92 -56.76
C ASP A 346 -43.42 34.96 -57.50
N ARG A 347 -44.63 34.77 -57.00
CA ARG A 347 -45.51 33.78 -57.58
C ARG A 347 -45.98 34.25 -58.99
N ALA A 348 -46.13 35.55 -59.16
CA ALA A 348 -46.57 36.14 -60.43
C ALA A 348 -45.67 35.81 -61.60
N GLN A 349 -44.37 35.74 -61.34
CA GLN A 349 -43.39 35.40 -62.37
C GLN A 349 -42.68 34.04 -62.14
N LYS A 350 -43.28 33.17 -61.33
CA LYS A 350 -42.79 31.79 -61.17
C LYS A 350 -41.27 31.73 -60.84
N ARG A 351 -40.87 32.57 -59.90
CA ARG A 351 -39.47 32.66 -59.54
C ARG A 351 -39.29 32.92 -58.04
N VAL A 352 -38.14 32.49 -57.50
CA VAL A 352 -37.77 32.87 -56.13
C VAL A 352 -36.50 33.74 -56.12
N GLY A 353 -36.57 34.87 -55.43
CA GLY A 353 -35.45 35.81 -55.33
C GLY A 353 -34.74 35.78 -53.97
N PHE A 354 -33.43 36.06 -54.00
CA PHE A 354 -32.55 36.14 -52.82
C PHE A 354 -31.70 37.40 -52.93
N ALA A 355 -31.58 38.10 -51.80
CA ALA A 355 -30.68 39.26 -51.62
C ALA A 355 -30.09 39.13 -50.22
N ALA A 356 -28.87 39.59 -50.00
CA ALA A 356 -28.28 39.56 -48.65
C ALA A 356 -29.03 40.49 -47.66
N SER A 357 -29.35 39.98 -46.47
CA SER A 357 -30.05 40.78 -45.45
C SER A 357 -29.05 41.65 -44.70
N PRO A 358 -29.32 42.96 -44.59
CA PRO A 358 -28.53 43.82 -43.69
C PRO A 358 -28.63 43.39 -42.22
N CYS A 359 -29.77 42.87 -41.80
CA CYS A 359 -29.95 42.39 -40.43
C CYS A 359 -29.22 41.06 -40.15
N ALA A 360 -28.68 40.43 -41.18
CA ALA A 360 -27.85 39.24 -41.04
C ALA A 360 -26.38 39.63 -40.80
N GLU A 361 -26.15 40.31 -39.68
N GLU A 361 -26.15 40.32 -39.69
CA GLU A 361 -24.82 40.75 -39.29
CA GLU A 361 -24.82 40.76 -39.29
C GLU A 361 -24.62 40.48 -37.81
C GLU A 361 -24.63 40.46 -37.81
N ILE A 362 -23.44 39.99 -37.46
CA ILE A 362 -23.04 39.82 -36.05
C ILE A 362 -21.81 40.71 -35.88
N ALA A 363 -21.85 41.58 -34.88
CA ALA A 363 -20.73 42.49 -34.57
C ALA A 363 -20.18 43.21 -35.81
N GLY A 364 -21.07 43.78 -36.61
CA GLY A 364 -20.67 44.51 -37.81
C GLY A 364 -20.48 43.70 -39.09
N ALA A 365 -20.11 42.42 -38.97
CA ALA A 365 -19.72 41.61 -40.13
C ALA A 365 -20.86 40.77 -40.74
N ALA A 366 -20.85 40.66 -42.07
CA ALA A 366 -21.84 39.84 -42.79
C ALA A 366 -21.70 38.35 -42.45
N VAL A 367 -22.83 37.69 -42.20
CA VAL A 367 -22.84 36.22 -41.95
C VAL A 367 -23.33 35.39 -43.17
N SER A 368 -23.59 36.07 -44.27
CA SER A 368 -23.99 35.43 -45.53
C SER A 368 -23.51 36.23 -46.72
N GLU A 369 -23.41 35.58 -47.87
CA GLU A 369 -23.00 36.22 -49.11
C GLU A 369 -23.85 35.72 -50.28
N ILE A 370 -24.01 36.57 -51.29
CA ILE A 370 -24.57 36.11 -52.59
C ILE A 370 -23.66 36.55 -53.74
N SER A 371 -23.42 35.69 -54.72
CA SER A 371 -22.53 36.06 -55.84
C SER A 371 -22.87 35.33 -57.13
N GLY A 372 -22.50 35.95 -58.23
CA GLY A 372 -22.77 35.39 -59.57
C GLY A 372 -22.47 36.47 -60.59
N PRO A 373 -22.56 36.13 -61.89
CA PRO A 373 -22.98 34.80 -62.34
C PRO A 373 -21.86 33.78 -62.50
N PHE A 374 -22.24 32.51 -62.47
CA PHE A 374 -21.34 31.43 -62.85
C PHE A 374 -21.98 30.75 -64.06
N SER A 375 -21.24 29.91 -64.74
CA SER A 375 -21.77 29.28 -65.94
C SER A 375 -22.33 27.92 -65.57
N THR A 376 -23.27 27.41 -66.37
CA THR A 376 -23.85 26.08 -66.13
C THR A 376 -23.39 25.06 -67.16
N GLU A 377 -22.38 25.46 -67.94
CA GLU A 377 -21.88 24.68 -69.07
C GLU A 377 -21.56 23.23 -68.71
N ASP A 378 -21.05 23.02 -67.49
CA ASP A 378 -20.59 21.69 -67.07
C ASP A 378 -21.60 20.93 -66.20
N VAL A 379 -22.82 21.46 -66.10
CA VAL A 379 -23.89 20.77 -65.39
C VAL A 379 -25.04 20.43 -66.36
N ALA A 380 -25.77 19.33 -66.11
CA ALA A 380 -26.91 18.97 -66.96
C ALA A 380 -27.90 20.14 -67.11
N SER A 381 -28.67 20.12 -68.20
CA SER A 381 -29.64 21.19 -68.44
C SER A 381 -30.80 21.12 -67.43
N ASN A 382 -31.01 19.94 -66.86
CA ASN A 382 -32.02 19.77 -65.81
C ASN A 382 -31.53 18.83 -64.72
N CYS A 383 -31.40 19.35 -63.51
CA CYS A 383 -30.93 18.56 -62.35
C CYS A 383 -32.08 17.99 -61.52
N VAL A 384 -33.31 18.24 -61.96
CA VAL A 384 -34.46 17.67 -61.25
C VAL A 384 -34.87 16.38 -61.94
N PRO A 385 -34.79 15.24 -61.23
CA PRO A 385 -35.12 13.98 -61.92
C PRO A 385 -36.63 13.70 -61.98
N ASN B 2 -13.53 34.87 23.56
CA ASN B 2 -12.64 35.63 24.49
C ASN B 2 -11.52 34.75 25.05
N PHE B 3 -10.42 34.67 24.31
CA PHE B 3 -9.32 33.76 24.65
C PHE B 3 -8.49 34.14 25.88
N LEU B 4 -8.39 35.44 26.20
CA LEU B 4 -7.57 35.88 27.34
C LEU B 4 -8.20 35.53 28.69
N ALA B 5 -9.53 35.53 28.75
CA ALA B 5 -10.25 35.17 29.97
C ALA B 5 -10.06 33.68 30.31
N MET B 6 -9.63 32.90 29.32
CA MET B 6 -9.52 31.45 29.49
C MET B 6 -8.14 31.05 29.99
N VAL B 7 -7.19 32.00 29.99
CA VAL B 7 -5.85 31.75 30.53
C VAL B 7 -6.03 31.46 32.01
N ASP B 8 -5.41 30.36 32.46
CA ASP B 8 -5.43 29.95 33.87
C ASP B 8 -6.77 29.43 34.35
N ASN B 9 -7.60 28.93 33.44
CA ASN B 9 -8.85 28.36 33.85
C ASN B 9 -8.72 26.92 34.41
N LEU B 10 -7.55 26.31 34.35
CA LEU B 10 -7.34 24.95 34.90
C LEU B 10 -6.60 24.95 36.22
N GLN B 11 -6.95 24.02 37.12
CA GLN B 11 -6.13 23.74 38.30
C GLN B 11 -5.66 22.29 38.28
N GLY B 12 -4.73 21.96 39.17
CA GLY B 12 -4.28 20.59 39.30
C GLY B 12 -2.86 20.39 38.85
N ASP B 13 -2.55 19.12 38.58
CA ASP B 13 -1.24 18.72 38.14
C ASP B 13 -1.38 17.41 37.38
N SER B 14 -0.31 17.01 36.71
CA SER B 14 -0.27 15.79 35.92
C SER B 14 -0.71 14.59 36.76
N GLY B 15 -0.07 14.45 37.92
CA GLY B 15 -0.21 13.30 38.79
C GLY B 15 -1.62 12.79 38.90
N ARG B 16 -2.56 13.68 39.25
CA ARG B 16 -3.94 13.25 39.48
C ARG B 16 -4.99 13.94 38.58
N GLY B 17 -4.52 14.73 37.62
CA GLY B 17 -5.41 15.43 36.67
C GLY B 17 -5.45 16.96 36.66
N TYR B 18 -5.70 17.51 35.46
CA TYR B 18 -6.03 18.92 35.27
C TYR B 18 -7.55 19.06 35.10
N TYR B 19 -8.14 19.99 35.84
CA TYR B 19 -9.58 20.11 35.80
C TYR B 19 -10.07 21.55 35.66
N LEU B 20 -11.29 21.65 35.14
CA LEU B 20 -11.96 22.90 34.87
C LEU B 20 -13.24 23.01 35.72
N GLU B 21 -13.48 24.18 36.32
CA GLU B 21 -14.72 24.40 37.06
C GLU B 21 -15.89 24.64 36.10
N MET B 22 -17.01 23.99 36.38
CA MET B 22 -18.23 24.21 35.61
C MET B 22 -19.44 24.41 36.51
N LEU B 23 -20.39 25.19 36.02
CA LEU B 23 -21.66 25.37 36.69
C LEU B 23 -22.72 24.68 35.85
N ILE B 24 -23.47 23.79 36.50
CA ILE B 24 -24.41 22.92 35.80
C ILE B 24 -25.80 23.06 36.39
N GLY B 25 -26.80 23.15 35.52
CA GLY B 25 -28.20 23.18 35.95
C GLY B 25 -28.65 24.50 36.57
N THR B 26 -29.92 24.55 37.00
CA THR B 26 -30.57 25.78 37.49
C THR B 26 -31.29 25.54 38.81
N PRO B 27 -30.86 26.18 39.91
CA PRO B 27 -29.71 27.06 40.10
C PRO B 27 -28.42 26.29 39.94
N PRO B 28 -27.31 26.97 39.57
CA PRO B 28 -26.12 26.22 39.18
C PRO B 28 -25.46 25.44 40.31
N GLN B 29 -25.16 24.18 40.04
CA GLN B 29 -24.29 23.36 40.91
C GLN B 29 -22.87 23.43 40.38
N LYS B 30 -21.90 23.64 41.28
CA LYS B 30 -20.50 23.80 40.90
C LYS B 30 -19.66 22.50 40.97
N LEU B 31 -19.16 22.08 39.81
N LEU B 31 -19.17 22.06 39.81
CA LEU B 31 -18.36 20.86 39.71
CA LEU B 31 -18.36 20.85 39.73
C LEU B 31 -16.95 21.12 39.19
C LEU B 31 -16.97 21.10 39.16
N GLN B 32 -16.06 20.16 39.42
CA GLN B 32 -14.67 20.25 39.02
C GLN B 32 -14.42 19.14 38.02
N ILE B 33 -14.02 19.50 36.80
CA ILE B 33 -14.15 18.56 35.69
C ILE B 33 -12.80 18.20 35.07
N LEU B 34 -12.45 16.93 35.10
CA LEU B 34 -11.20 16.50 34.46
C LEU B 34 -11.19 16.73 32.95
N VAL B 35 -10.13 17.32 32.42
CA VAL B 35 -10.00 17.57 30.98
C VAL B 35 -9.33 16.33 30.38
N ASP B 36 -10.05 15.61 29.51
CA ASP B 36 -9.56 14.33 29.00
C ASP B 36 -9.67 14.28 27.49
N THR B 37 -8.56 14.48 26.78
CA THR B 37 -8.52 14.34 25.32
C THR B 37 -8.52 12.87 24.86
N GLY B 38 -8.59 11.92 25.80
CA GLY B 38 -8.70 10.50 25.47
C GLY B 38 -10.07 9.84 25.50
N SER B 39 -11.14 10.62 25.63
CA SER B 39 -12.49 10.04 25.64
C SER B 39 -13.45 11.11 25.15
N SER B 40 -14.74 10.75 24.98
CA SER B 40 -15.67 11.66 24.31
C SER B 40 -17.00 11.79 25.04
N ASN B 41 -17.02 11.46 26.33
CA ASN B 41 -18.23 11.63 27.13
C ASN B 41 -18.02 12.65 28.21
N PHE B 42 -19.05 13.47 28.39
CA PHE B 42 -19.15 14.34 29.55
C PHE B 42 -19.98 13.65 30.63
N ALA B 43 -19.39 13.46 31.80
CA ALA B 43 -20.07 12.70 32.82
C ALA B 43 -19.70 13.22 34.20
N VAL B 44 -20.66 13.23 35.10
CA VAL B 44 -20.46 13.77 36.45
C VAL B 44 -20.92 12.76 37.48
N ALA B 45 -20.28 12.73 38.64
CA ALA B 45 -20.81 11.93 39.75
C ALA B 45 -22.24 12.40 39.98
N GLY B 46 -23.16 11.44 40.09
CA GLY B 46 -24.57 11.78 40.35
C GLY B 46 -25.01 11.24 41.71
N THR B 47 -24.08 10.69 42.47
CA THR B 47 -24.39 10.14 43.81
C THR B 47 -23.13 10.33 44.64
N PRO B 48 -23.23 10.23 45.98
CA PRO B 48 -22.01 10.42 46.78
C PRO B 48 -21.01 9.31 46.52
N HIS B 49 -19.73 9.61 46.70
CA HIS B 49 -18.69 8.62 46.61
C HIS B 49 -17.59 9.00 47.59
N SER B 50 -16.94 8.00 48.18
CA SER B 50 -15.80 8.24 49.10
C SER B 50 -14.80 9.32 48.63
N TYR B 51 -14.51 9.36 47.32
CA TYR B 51 -13.39 10.20 46.82
C TYR B 51 -13.78 11.51 46.13
N ILE B 52 -15.04 11.89 46.31
CA ILE B 52 -15.52 13.18 45.83
C ILE B 52 -16.20 13.92 46.97
N ASP B 53 -16.27 15.25 46.87
CA ASP B 53 -16.84 16.10 47.91
C ASP B 53 -18.26 16.52 47.59
N THR B 54 -18.60 16.42 46.30
CA THR B 54 -19.91 16.84 45.84
C THR B 54 -20.24 16.09 44.57
N TYR B 55 -21.52 15.99 44.29
CA TYR B 55 -21.98 15.37 43.08
C TYR B 55 -23.07 16.24 42.49
N PHE B 56 -23.44 15.98 41.26
CA PHE B 56 -24.56 16.71 40.67
C PHE B 56 -25.85 15.96 40.97
N ASP B 57 -26.78 16.65 41.61
CA ASP B 57 -28.11 16.11 41.91
C ASP B 57 -29.11 16.69 40.93
N THR B 58 -29.60 15.82 40.04
CA THR B 58 -30.54 16.16 38.98
C THR B 58 -31.89 16.66 39.51
N GLU B 59 -32.23 16.31 40.74
CA GLU B 59 -33.54 16.67 41.28
C GLU B 59 -33.56 18.10 41.78
N ARG B 60 -32.39 18.74 41.78
CA ARG B 60 -32.30 20.12 42.25
C ARG B 60 -32.02 21.13 41.13
N SER B 61 -32.15 20.69 39.88
CA SER B 61 -32.00 21.59 38.76
C SER B 61 -33.26 21.59 37.94
N SER B 62 -33.83 22.78 37.74
CA SER B 62 -35.12 22.85 37.05
C SER B 62 -35.02 22.65 35.53
N THR B 63 -33.80 22.76 35.00
CA THR B 63 -33.57 22.63 33.55
C THR B 63 -33.06 21.26 33.07
N TYR B 64 -32.77 20.35 34.00
CA TYR B 64 -32.36 18.98 33.65
C TYR B 64 -33.50 18.24 33.01
N ARG B 65 -33.18 17.46 31.97
CA ARG B 65 -34.14 16.57 31.33
C ARG B 65 -33.46 15.24 31.02
N SER B 66 -34.12 14.16 31.41
CA SER B 66 -33.68 12.80 31.15
C SER B 66 -33.87 12.51 29.68
N LYS B 67 -32.93 11.76 29.10
CA LYS B 67 -33.01 11.36 27.72
C LYS B 67 -33.49 9.93 27.60
N GLY B 68 -33.73 9.26 28.73
CA GLY B 68 -34.41 7.98 28.70
C GLY B 68 -33.56 6.75 28.44
N PHE B 69 -32.23 6.90 28.54
CA PHE B 69 -31.34 5.76 28.44
C PHE B 69 -30.11 5.90 29.35
N ASP B 70 -29.41 4.81 29.52
CA ASP B 70 -28.23 4.77 30.36
C ASP B 70 -27.01 4.59 29.46
N VAL B 71 -25.85 4.50 30.09
CA VAL B 71 -24.60 4.44 29.35
C VAL B 71 -23.53 3.90 30.32
N THR B 72 -22.63 3.08 29.77
N THR B 72 -22.64 3.08 29.75
CA THR B 72 -21.48 2.62 30.54
CA THR B 72 -21.46 2.63 30.46
C THR B 72 -20.23 2.86 29.67
C THR B 72 -20.26 3.00 29.62
N VAL B 73 -19.19 3.41 30.30
CA VAL B 73 -17.93 3.74 29.65
C VAL B 73 -16.80 2.99 30.36
N LYS B 74 -15.94 2.34 29.58
CA LYS B 74 -14.74 1.70 30.10
C LYS B 74 -13.49 2.39 29.56
N TYR B 75 -12.59 2.81 30.44
CA TYR B 75 -11.30 3.36 30.05
C TYR B 75 -10.25 2.28 30.25
N THR B 76 -9.00 2.61 29.97
CA THR B 76 -7.88 1.67 30.12
C THR B 76 -7.82 1.09 31.52
N GLN B 77 -8.01 1.94 32.51
CA GLN B 77 -8.46 1.43 33.78
C GLN B 77 -9.59 2.28 34.31
N GLY B 78 -10.59 1.61 34.87
CA GLY B 78 -11.75 2.27 35.40
C GLY B 78 -12.89 2.27 34.42
N SER B 79 -14.10 2.24 34.99
CA SER B 79 -15.33 2.26 34.23
C SER B 79 -16.38 2.91 35.11
N TRP B 80 -17.50 3.28 34.51
CA TRP B 80 -18.63 3.79 35.25
C TRP B 80 -19.91 3.53 34.45
N THR B 81 -21.04 3.54 35.16
CA THR B 81 -22.36 3.45 34.55
C THR B 81 -23.16 4.63 35.06
N GLY B 82 -23.98 5.20 34.19
CA GLY B 82 -24.75 6.40 34.53
C GLY B 82 -26.02 6.55 33.68
N PHE B 83 -26.87 7.49 34.08
CA PHE B 83 -28.02 7.90 33.29
C PHE B 83 -27.70 9.04 32.32
N VAL B 84 -28.39 9.08 31.20
CA VAL B 84 -28.09 10.13 30.22
C VAL B 84 -29.20 11.16 30.27
N GLY B 85 -28.79 12.41 30.33
CA GLY B 85 -29.74 13.50 30.20
C GLY B 85 -29.08 14.68 29.57
N GLU B 86 -29.71 15.84 29.70
CA GLU B 86 -29.11 17.04 29.23
C GLU B 86 -29.40 18.18 30.19
N ASP B 87 -28.50 19.14 30.26
CA ASP B 87 -28.74 20.30 31.11
C ASP B 87 -27.87 21.45 30.63
N LEU B 88 -28.19 22.64 31.11
CA LEU B 88 -27.44 23.88 30.83
C LEU B 88 -26.17 23.92 31.64
N VAL B 89 -25.11 24.36 30.98
CA VAL B 89 -23.80 24.45 31.60
C VAL B 89 -23.16 25.83 31.34
N THR B 90 -22.58 26.42 32.39
CA THR B 90 -21.80 27.64 32.26
C THR B 90 -20.33 27.34 32.60
N ILE B 91 -19.41 27.84 31.78
CA ILE B 91 -17.98 27.76 32.08
C ILE B 91 -17.53 29.12 32.60
N PRO B 92 -17.41 29.29 33.93
CA PRO B 92 -17.10 30.62 34.48
C PRO B 92 -15.84 31.23 33.89
N LYS B 93 -14.77 30.44 33.74
CA LYS B 93 -13.55 30.94 33.13
C LYS B 93 -13.51 30.60 31.62
N GLY B 94 -14.39 31.28 30.87
CA GLY B 94 -14.43 31.16 29.42
C GLY B 94 -15.66 31.74 28.75
N PHE B 95 -16.83 31.31 29.20
CA PHE B 95 -18.11 31.63 28.55
C PHE B 95 -19.19 32.11 29.52
N ASN B 96 -19.65 33.35 29.35
CA ASN B 96 -20.75 33.89 30.16
C ASN B 96 -22.13 33.35 29.75
N THR B 97 -22.26 32.90 28.51
CA THR B 97 -23.52 32.32 28.08
C THR B 97 -23.56 30.85 28.49
N SER B 98 -24.71 30.40 28.96
CA SER B 98 -24.91 28.98 29.22
C SER B 98 -25.27 28.26 27.92
N PHE B 99 -25.08 26.94 27.88
CA PHE B 99 -25.43 26.16 26.70
C PHE B 99 -25.82 24.74 27.11
N LEU B 100 -26.59 24.09 26.25
CA LEU B 100 -27.27 22.85 26.58
C LEU B 100 -26.39 21.71 26.09
N VAL B 101 -26.06 20.79 27.00
CA VAL B 101 -25.20 19.64 26.63
C VAL B 101 -25.76 18.32 27.14
N ASN B 102 -25.39 17.25 26.45
CA ASN B 102 -25.56 15.91 26.96
C ASN B 102 -24.76 15.74 28.25
N ILE B 103 -25.31 15.03 29.23
CA ILE B 103 -24.56 14.76 30.50
C ILE B 103 -24.86 13.35 31.02
N ALA B 104 -23.82 12.57 31.33
CA ALA B 104 -24.06 11.31 32.02
C ALA B 104 -23.89 11.57 33.52
N THR B 105 -24.85 11.08 34.31
CA THR B 105 -24.79 11.17 35.76
C THR B 105 -24.40 9.79 36.33
N ILE B 106 -23.24 9.74 36.97
CA ILE B 106 -22.65 8.43 37.36
C ILE B 106 -23.25 7.92 38.67
N PHE B 107 -23.75 6.67 38.68
CA PHE B 107 -24.22 6.10 39.94
C PHE B 107 -23.39 4.94 40.43
N GLU B 108 -22.61 4.36 39.54
CA GLU B 108 -21.75 3.24 39.89
C GLU B 108 -20.41 3.39 39.15
N SER B 109 -19.31 3.11 39.83
CA SER B 109 -17.98 3.22 39.20
C SER B 109 -16.97 2.26 39.83
N GLU B 110 -15.94 1.97 39.08
CA GLU B 110 -14.91 1.05 39.51
C GLU B 110 -13.58 1.63 39.03
N ASN B 111 -12.70 1.96 39.98
CA ASN B 111 -11.34 2.45 39.72
C ASN B 111 -11.30 3.70 38.88
N PHE B 112 -12.26 4.59 39.13
CA PHE B 112 -12.45 5.77 38.32
C PHE B 112 -12.22 7.00 39.18
N PHE B 113 -12.98 7.13 40.27
CA PHE B 113 -12.72 8.19 41.26
C PHE B 113 -11.72 7.60 42.25
N LEU B 114 -10.47 8.06 42.16
CA LEU B 114 -9.38 7.48 42.93
C LEU B 114 -8.96 8.43 44.08
N PRO B 115 -8.38 7.87 45.16
CA PRO B 115 -7.89 8.68 46.25
C PRO B 115 -6.92 9.73 45.71
N GLY B 116 -7.10 10.98 46.09
CA GLY B 116 -6.10 11.98 45.73
C GLY B 116 -6.55 12.91 44.63
N ILE B 117 -7.66 12.61 43.97
CA ILE B 117 -8.16 13.47 42.89
C ILE B 117 -8.94 14.63 43.48
N LYS B 118 -9.11 15.70 42.72
CA LYS B 118 -9.91 16.82 43.20
C LYS B 118 -11.09 17.05 42.24
N TRP B 119 -11.23 16.16 41.26
CA TRP B 119 -12.30 16.31 40.28
C TRP B 119 -13.47 15.37 40.60
N ASN B 120 -14.67 15.72 40.16
CA ASN B 120 -15.84 14.86 40.36
C ASN B 120 -16.65 14.64 39.09
N GLY B 121 -15.98 14.78 37.96
CA GLY B 121 -16.60 14.60 36.63
C GLY B 121 -15.48 14.66 35.59
N ILE B 122 -15.83 14.34 34.34
CA ILE B 122 -14.86 14.20 33.26
C ILE B 122 -15.42 14.82 31.99
N LEU B 123 -14.55 15.51 31.26
CA LEU B 123 -14.92 16.15 30.02
C LEU B 123 -14.11 15.50 28.93
N GLY B 124 -14.74 14.58 28.19
CA GLY B 124 -14.12 13.88 27.08
C GLY B 124 -14.11 14.77 25.85
N LEU B 125 -12.92 15.08 25.33
CA LEU B 125 -12.77 16.07 24.27
C LEU B 125 -12.31 15.44 22.95
N ALA B 126 -12.28 14.11 22.90
CA ALA B 126 -11.98 13.37 21.69
C ALA B 126 -13.19 13.39 20.70
N TYR B 127 -13.14 12.57 19.65
CA TYR B 127 -14.15 12.57 18.57
C TYR B 127 -15.40 11.73 18.89
N ALA B 128 -16.51 12.10 18.26
CA ALA B 128 -17.80 11.47 18.45
C ALA B 128 -17.73 9.97 18.28
N THR B 129 -16.79 9.52 17.43
CA THR B 129 -16.68 8.11 17.19
C THR B 129 -16.39 7.29 18.46
N LEU B 130 -15.81 7.92 19.48
CA LEU B 130 -15.55 7.25 20.76
C LEU B 130 -16.73 7.36 21.78
N ALA B 131 -17.70 8.21 21.50
CA ALA B 131 -18.78 8.48 22.49
C ALA B 131 -19.67 7.25 22.71
N LYS B 132 -20.13 7.07 23.94
CA LYS B 132 -21.04 5.99 24.27
C LYS B 132 -22.39 6.62 24.61
N PRO B 133 -23.49 5.86 24.40
CA PRO B 133 -23.58 4.50 23.85
C PRO B 133 -23.14 4.46 22.39
N SER B 134 -23.26 5.56 21.66
CA SER B 134 -22.82 5.64 20.26
C SER B 134 -22.43 7.06 19.89
N SER B 135 -21.96 7.24 18.65
CA SER B 135 -21.50 8.53 18.17
C SER B 135 -22.61 9.53 17.97
N SER B 136 -23.87 9.09 18.03
CA SER B 136 -24.93 10.11 17.93
C SER B 136 -25.12 10.87 19.25
N LEU B 137 -24.50 10.41 20.34
CA LEU B 137 -24.56 11.23 21.55
C LEU B 137 -23.57 12.39 21.38
N GLU B 138 -24.10 13.55 20.96
CA GLU B 138 -23.28 14.73 20.67
C GLU B 138 -22.27 15.01 21.77
N THR B 139 -21.01 15.20 21.39
CA THR B 139 -20.00 15.55 22.40
C THR B 139 -20.16 16.98 22.92
N PHE B 140 -19.63 17.21 24.11
CA PHE B 140 -19.62 18.52 24.72
C PHE B 140 -19.06 19.60 23.78
N PHE B 141 -17.86 19.36 23.23
CA PHE B 141 -17.21 20.38 22.40
C PHE B 141 -18.01 20.64 21.10
N ASP B 142 -18.62 19.61 20.55
CA ASP B 142 -19.44 19.80 19.33
C ASP B 142 -20.71 20.62 19.65
N SER B 143 -21.25 20.39 20.86
CA SER B 143 -22.39 21.21 21.33
C SER B 143 -22.00 22.66 21.44
N LEU B 144 -20.82 22.88 22.01
CA LEU B 144 -20.24 24.21 22.17
C LEU B 144 -19.88 24.91 20.86
N VAL B 145 -19.27 24.17 19.93
CA VAL B 145 -18.95 24.70 18.61
C VAL B 145 -20.24 25.22 17.94
N THR B 146 -21.26 24.37 17.89
CA THR B 146 -22.60 24.75 17.40
C THR B 146 -23.16 26.00 18.10
N GLN B 147 -23.17 25.99 19.43
CA GLN B 147 -23.93 26.94 20.24
C GLN B 147 -23.21 28.22 20.60
N ALA B 148 -21.88 28.17 20.67
CA ALA B 148 -21.10 29.36 20.93
C ALA B 148 -20.56 29.96 19.64
N ASN B 149 -20.85 29.30 18.52
CA ASN B 149 -20.33 29.72 17.21
C ASN B 149 -18.81 30.00 17.28
N ILE B 150 -18.07 29.00 17.78
CA ILE B 150 -16.59 29.07 17.83
C ILE B 150 -15.95 28.14 16.84
N PRO B 151 -14.72 28.48 16.39
CA PRO B 151 -14.02 27.51 15.54
C PRO B 151 -13.87 26.12 16.18
N ASN B 152 -13.80 25.09 15.33
CA ASN B 152 -13.64 23.71 15.75
C ASN B 152 -12.15 23.40 16.07
N VAL B 153 -11.65 24.13 17.05
CA VAL B 153 -10.27 24.01 17.53
C VAL B 153 -10.29 24.25 19.04
N PHE B 154 -9.44 23.54 19.80
CA PHE B 154 -9.14 23.95 21.19
C PHE B 154 -7.64 23.75 21.46
N SER B 155 -7.11 24.34 22.52
CA SER B 155 -5.69 24.14 22.83
C SER B 155 -5.49 24.06 24.33
N MET B 156 -4.39 23.45 24.73
CA MET B 156 -4.17 23.14 26.14
C MET B 156 -2.71 23.33 26.50
N GLN B 157 -2.50 24.00 27.63
CA GLN B 157 -1.21 24.14 28.23
C GLN B 157 -1.27 23.67 29.69
N MET B 158 -0.37 22.75 30.06
CA MET B 158 -0.24 22.31 31.44
C MET B 158 1.00 22.96 32.06
N CYS B 159 0.83 23.59 33.23
CA CYS B 159 1.93 24.30 33.90
C CYS B 159 2.45 23.69 35.21
N GLY B 160 2.32 22.38 35.38
CA GLY B 160 2.80 21.72 36.60
C GLY B 160 4.24 21.19 36.58
N ALA B 161 5.01 21.54 35.56
CA ALA B 161 6.38 20.99 35.41
C ALA B 161 7.37 21.46 36.49
N ASN B 171 0.31 25.61 40.81
CA ASN B 171 0.14 26.03 39.42
C ASN B 171 -0.71 25.06 38.61
N GLY B 172 -1.51 25.61 37.70
CA GLY B 172 -2.46 24.83 36.90
C GLY B 172 -2.15 24.96 35.42
N GLY B 173 -3.01 25.64 34.68
CA GLY B 173 -2.86 25.69 33.23
C GLY B 173 -4.08 26.28 32.55
N SER B 174 -4.17 26.07 31.24
CA SER B 174 -5.25 26.66 30.43
C SER B 174 -5.87 25.72 29.41
N LEU B 175 -7.19 25.75 29.32
CA LEU B 175 -7.91 25.16 28.18
C LEU B 175 -8.61 26.30 27.40
N VAL B 176 -8.13 26.58 26.20
CA VAL B 176 -8.64 27.66 25.36
C VAL B 176 -9.56 26.99 24.35
N LEU B 177 -10.86 27.26 24.52
CA LEU B 177 -11.88 26.61 23.70
C LEU B 177 -12.19 27.48 22.49
N GLY B 178 -11.86 26.97 21.30
CA GLY B 178 -12.15 27.67 20.07
C GLY B 178 -10.99 28.41 19.43
N GLY B 179 -9.77 28.17 19.91
CA GLY B 179 -8.61 28.80 19.29
C GLY B 179 -7.30 28.67 20.04
N ILE B 180 -6.40 29.61 19.75
CA ILE B 180 -5.04 29.63 20.28
C ILE B 180 -4.86 30.95 21.00
N GLU B 181 -4.17 30.94 22.13
CA GLU B 181 -3.87 32.18 22.81
C GLU B 181 -2.39 32.49 22.65
N PRO B 182 -2.07 33.61 21.95
CA PRO B 182 -0.68 33.91 21.60
C PRO B 182 0.28 34.02 22.80
N SER B 183 -0.20 34.50 23.93
CA SER B 183 0.65 34.69 25.09
C SER B 183 1.05 33.39 25.80
N LEU B 184 0.62 32.24 25.27
CA LEU B 184 0.87 30.95 25.90
C LEU B 184 2.04 30.20 25.26
N TYR B 185 2.67 30.78 24.25
CA TYR B 185 3.83 30.15 23.64
C TYR B 185 4.79 31.15 23.00
N LYS B 186 6.03 30.70 22.83
CA LYS B 186 7.05 31.43 22.10
C LYS B 186 7.51 30.51 20.96
N GLY B 187 8.23 31.07 19.99
CA GLY B 187 8.70 30.29 18.86
C GLY B 187 7.55 29.93 17.94
N ASP B 188 7.71 28.83 17.21
CA ASP B 188 6.80 28.42 16.14
C ASP B 188 5.91 27.26 16.54
N ILE B 189 4.72 27.18 15.94
CA ILE B 189 3.87 25.99 16.08
C ILE B 189 4.21 25.02 14.98
N TRP B 190 4.43 23.76 15.37
CA TRP B 190 4.61 22.69 14.42
C TRP B 190 3.38 21.77 14.42
N TYR B 191 2.92 21.41 13.22
CA TYR B 191 1.67 20.68 13.05
C TYR B 191 1.90 19.32 12.47
N THR B 192 1.32 18.32 13.11
CA THR B 192 1.37 16.94 12.62
C THR B 192 -0.07 16.50 12.26
N PRO B 193 -0.26 15.77 11.16
CA PRO B 193 -1.62 15.31 10.77
C PRO B 193 -2.25 14.34 11.79
N ILE B 194 -3.56 14.46 12.01
CA ILE B 194 -4.29 13.47 12.76
C ILE B 194 -4.54 12.34 11.77
N LYS B 195 -4.10 11.14 12.11
CA LYS B 195 -4.19 10.00 11.18
C LYS B 195 -5.58 9.37 11.16
N GLU B 196 -6.20 9.31 12.33
CA GLU B 196 -7.49 8.70 12.51
C GLU B 196 -8.21 9.52 13.56
N GLU B 197 -9.40 10.01 13.22
CA GLU B 197 -10.17 10.87 14.10
C GLU B 197 -11.03 10.01 15.06
N TRP B 198 -10.44 9.62 16.17
CA TRP B 198 -11.18 8.93 17.21
C TRP B 198 -10.56 9.41 18.51
N TYR B 199 -9.45 8.80 18.90
CA TYR B 199 -8.48 9.48 19.74
C TYR B 199 -7.78 10.49 18.83
N TYR B 200 -6.91 11.31 19.41
CA TYR B 200 -6.04 12.19 18.62
C TYR B 200 -4.80 11.36 18.24
N GLN B 201 -4.95 10.52 17.21
CA GLN B 201 -3.88 9.61 16.78
C GLN B 201 -2.97 10.33 15.81
N ILE B 202 -1.67 10.30 16.08
CA ILE B 202 -0.70 11.01 15.25
C ILE B 202 0.39 10.02 14.93
N GLU B 203 1.24 10.34 13.95
CA GLU B 203 2.21 9.37 13.45
C GLU B 203 3.61 9.65 13.99
N ILE B 204 4.12 8.69 14.74
CA ILE B 204 5.47 8.80 15.33
C ILE B 204 6.45 8.06 14.43
N LEU B 205 7.54 8.74 14.10
CA LEU B 205 8.53 8.24 13.12
C LEU B 205 9.72 7.66 13.83
N LYS B 206 10.06 8.23 14.98
CA LYS B 206 11.34 7.95 15.62
C LYS B 206 11.37 8.43 17.08
N LEU B 207 11.90 7.58 17.96
CA LEU B 207 12.31 7.98 19.29
C LEU B 207 13.84 8.02 19.38
N GLU B 208 14.36 9.03 20.07
CA GLU B 208 15.80 9.28 20.16
C GLU B 208 16.16 9.60 21.62
N ILE B 209 17.16 8.91 22.14
CA ILE B 209 17.58 9.03 23.54
C ILE B 209 19.03 9.53 23.57
N GLY B 210 19.21 10.72 24.14
CA GLY B 210 20.49 11.41 24.18
C GLY B 210 21.17 11.40 22.83
N GLY B 211 20.49 11.93 21.83
CA GLY B 211 21.01 11.94 20.45
C GLY B 211 21.15 10.61 19.73
N GLN B 212 20.75 9.51 20.37
CA GLN B 212 20.84 8.20 19.72
C GLN B 212 19.45 7.60 19.46
N SER B 213 19.10 7.47 18.19
CA SER B 213 17.81 6.88 17.84
C SER B 213 17.81 5.37 18.12
N LEU B 214 16.62 4.84 18.35
CA LEU B 214 16.46 3.50 18.89
C LEU B 214 16.72 2.35 17.95
N ASN B 215 16.55 2.55 16.65
CA ASN B 215 16.60 1.42 15.72
C ASN B 215 15.52 0.36 16.03
N LEU B 216 14.27 0.81 15.99
CA LEU B 216 13.12 -0.09 15.93
C LEU B 216 12.46 0.33 14.64
N ASP B 217 11.74 -0.61 14.02
CA ASP B 217 10.91 -0.25 12.89
C ASP B 217 9.92 0.82 13.34
N CYS B 218 9.75 1.86 12.54
CA CYS B 218 8.87 2.97 12.95
C CYS B 218 7.45 2.49 13.27
N ARG B 219 7.07 1.32 12.76
CA ARG B 219 5.72 0.79 13.02
C ARG B 219 5.57 0.30 14.44
N GLU B 220 6.69 0.02 15.09
CA GLU B 220 6.68 -0.31 16.50
C GLU B 220 6.08 0.83 17.39
N TYR B 221 6.20 2.09 16.94
CA TYR B 221 5.71 3.20 17.75
C TYR B 221 4.22 3.44 17.54
N ASN B 222 3.66 2.87 16.48
CA ASN B 222 2.30 3.16 16.08
C ASN B 222 1.48 1.89 16.06
N ALA B 223 2.09 0.78 16.50
CA ALA B 223 1.64 -0.60 16.21
C ALA B 223 0.25 -0.91 16.71
N ASP B 224 -0.12 -0.28 17.81
CA ASP B 224 -1.52 -0.19 18.18
C ASP B 224 -1.99 1.17 17.68
N LYS B 225 -1.53 2.23 18.36
CA LYS B 225 -1.79 3.63 17.98
C LYS B 225 -0.91 4.54 18.83
N ALA B 226 -0.55 5.69 18.26
CA ALA B 226 0.17 6.71 19.01
C ALA B 226 -0.76 7.89 19.18
N ILE B 227 -1.10 8.21 20.43
CA ILE B 227 -2.17 9.20 20.71
C ILE B 227 -1.78 10.27 21.71
N VAL B 228 -2.38 11.47 21.61
CA VAL B 228 -2.16 12.51 22.62
C VAL B 228 -3.33 12.58 23.61
N ASP B 229 -3.03 12.30 24.89
CA ASP B 229 -4.08 12.07 25.90
C ASP B 229 -3.82 12.80 27.23
N SER B 230 -4.55 13.91 27.43
CA SER B 230 -4.41 14.72 28.63
C SER B 230 -4.90 14.01 29.88
N GLY B 231 -5.66 12.93 29.69
CA GLY B 231 -6.23 12.18 30.78
C GLY B 231 -5.27 11.13 31.33
N THR B 232 -4.18 10.89 30.64
CA THR B 232 -3.17 9.92 31.08
C THR B 232 -1.98 10.68 31.70
N THR B 233 -1.49 10.20 32.85
CA THR B 233 -0.50 10.91 33.64
C THR B 233 0.90 10.81 33.02
N LEU B 234 1.27 9.60 32.65
CA LEU B 234 2.63 9.30 32.22
C LEU B 234 2.80 9.24 30.72
N LEU B 235 4.07 9.18 30.30
CA LEU B 235 4.39 8.73 28.96
C LEU B 235 4.29 7.19 28.98
N ARG B 236 3.37 6.65 28.19
CA ARG B 236 3.11 5.21 28.22
C ARG B 236 3.61 4.61 26.91
N LEU B 237 4.47 3.59 27.01
CA LEU B 237 5.10 3.05 25.83
C LEU B 237 4.87 1.55 25.69
N PRO B 238 4.51 1.07 24.48
CA PRO B 238 4.39 -0.37 24.27
C PRO B 238 5.63 -1.15 24.76
N GLN B 239 5.44 -2.36 25.28
CA GLN B 239 6.52 -3.05 25.97
C GLN B 239 7.88 -3.02 25.24
N LYS B 240 7.90 -3.33 23.94
CA LYS B 240 9.17 -3.33 23.16
C LYS B 240 9.86 -1.95 23.10
N VAL B 241 9.05 -0.89 22.97
CA VAL B 241 9.53 0.48 22.90
C VAL B 241 10.03 0.86 24.31
N PHE B 242 9.27 0.49 25.32
CA PHE B 242 9.67 0.79 26.68
C PHE B 242 11.07 0.23 26.97
N ASP B 243 11.26 -1.06 26.68
CA ASP B 243 12.52 -1.76 26.95
C ASP B 243 13.68 -1.16 26.15
N ALA B 244 13.41 -0.82 24.89
CA ALA B 244 14.43 -0.15 24.10
C ALA B 244 14.81 1.21 24.68
N VAL B 245 13.81 1.94 25.16
CA VAL B 245 14.06 3.26 25.76
C VAL B 245 14.91 3.16 27.03
N VAL B 246 14.56 2.23 27.93
CA VAL B 246 15.24 2.16 29.22
C VAL B 246 16.66 1.58 29.05
N GLU B 247 16.80 0.69 28.07
CA GLU B 247 18.12 0.21 27.68
C GLU B 247 18.99 1.40 27.27
N ALA B 248 18.45 2.24 26.39
CA ALA B 248 19.16 3.44 25.92
C ALA B 248 19.47 4.46 27.03
N VAL B 249 18.53 4.68 27.96
CA VAL B 249 18.73 5.60 29.07
C VAL B 249 19.87 5.13 29.99
N ALA B 250 19.95 3.81 30.22
CA ALA B 250 21.03 3.21 31.03
C ALA B 250 22.40 3.36 30.35
N ARG B 251 22.41 3.33 29.02
CA ARG B 251 23.63 3.47 28.26
C ARG B 251 24.12 4.91 28.28
N ALA B 252 23.21 5.88 28.35
CA ALA B 252 23.57 7.30 28.20
C ALA B 252 23.72 7.99 29.53
N SER B 253 23.14 7.44 30.59
CA SER B 253 23.17 8.11 31.88
C SER B 253 24.54 7.94 32.58
N LEU B 254 24.76 8.74 33.61
CA LEU B 254 25.95 8.62 34.43
C LEU B 254 25.52 8.66 35.90
N ILE B 255 24.96 7.56 36.38
CA ILE B 255 24.50 7.33 37.75
C ILE B 255 25.74 7.34 38.66
N PRO B 256 25.67 8.01 39.81
CA PRO B 256 26.77 7.92 40.80
C PRO B 256 27.09 6.49 41.21
N GLU B 257 28.35 6.22 41.56
CA GLU B 257 28.74 4.92 42.10
C GLU B 257 28.30 4.80 43.54
N PHE B 258 27.98 3.59 43.99
CA PHE B 258 27.68 3.38 45.41
C PHE B 258 28.92 3.75 46.25
N SER B 259 28.69 4.31 47.42
CA SER B 259 29.77 4.74 48.34
C SER B 259 29.19 5.06 49.71
N ASP B 260 29.90 5.78 50.57
CA ASP B 260 29.31 6.13 51.88
C ASP B 260 27.94 6.83 51.74
N GLY B 261 26.95 6.30 52.44
CA GLY B 261 25.59 6.84 52.50
C GLY B 261 24.72 6.62 51.26
N PHE B 262 25.22 5.83 50.30
CA PHE B 262 24.50 5.50 49.08
C PHE B 262 24.87 4.06 48.68
N TRP B 263 24.06 3.10 49.14
N TRP B 263 24.07 3.09 49.14
CA TRP B 263 24.43 1.68 49.00
CA TRP B 263 24.44 1.66 48.99
C TRP B 263 23.36 0.78 48.37
C TRP B 263 23.38 0.79 48.33
N THR B 264 22.21 1.37 48.01
CA THR B 264 21.16 0.65 47.28
C THR B 264 20.55 1.56 46.19
N GLY B 265 20.10 0.95 45.09
CA GLY B 265 19.44 1.69 44.00
C GLY B 265 18.24 2.55 44.41
N SER B 266 17.47 2.03 45.39
CA SER B 266 16.31 2.72 45.99
C SER B 266 16.70 4.09 46.51
N GLN B 267 17.90 4.18 47.04
CA GLN B 267 18.41 5.42 47.64
C GLN B 267 18.77 6.50 46.65
N LEU B 268 18.69 6.17 45.38
CA LEU B 268 18.89 7.16 44.33
C LEU B 268 17.66 8.07 44.16
N ALA B 269 16.54 7.68 44.77
CA ALA B 269 15.27 8.41 44.64
C ALA B 269 15.25 9.80 45.28
N CYS B 270 15.95 9.98 46.41
CA CYS B 270 15.84 11.23 47.20
C CYS B 270 17.14 12.05 47.29
N TRP B 271 17.03 13.38 47.30
CA TRP B 271 18.21 14.26 47.21
C TRP B 271 18.11 15.45 48.17
N THR B 272 19.23 15.78 48.82
CA THR B 272 19.31 16.92 49.76
C THR B 272 20.21 18.04 49.23
N ASN B 273 20.22 19.17 49.94
CA ASN B 273 21.16 20.28 49.68
C ASN B 273 21.01 20.92 48.31
N SER B 274 19.76 21.01 47.85
CA SER B 274 19.42 21.50 46.50
C SER B 274 19.94 20.67 45.30
N GLU B 275 20.67 19.59 45.57
N GLU B 275 20.67 19.58 45.59
CA GLU B 275 21.18 18.74 44.49
CA GLU B 275 21.17 18.67 44.56
C GLU B 275 20.02 18.03 43.80
C GLU B 275 19.98 18.05 43.80
N THR B 276 20.14 17.84 42.49
CA THR B 276 19.08 17.20 41.69
C THR B 276 19.69 16.07 40.84
N PRO B 277 18.88 15.08 40.44
CA PRO B 277 19.45 13.98 39.63
C PRO B 277 19.57 14.31 38.15
N TRP B 278 19.09 15.49 37.73
CA TRP B 278 18.86 15.77 36.31
C TRP B 278 20.09 15.73 35.39
N SER B 279 21.22 16.23 35.89
CA SER B 279 22.43 16.36 35.09
C SER B 279 22.99 14.99 34.64
N TYR B 280 22.58 13.93 35.34
CA TYR B 280 23.05 12.57 35.01
C TYR B 280 22.21 11.82 33.96
N PHE B 281 21.18 12.45 33.40
CA PHE B 281 20.24 11.73 32.51
C PHE B 281 20.12 12.37 31.14
N PRO B 282 19.77 11.59 30.09
CA PRO B 282 19.70 12.15 28.74
C PRO B 282 18.34 12.76 28.38
N LYS B 283 18.34 13.57 27.32
CA LYS B 283 17.12 14.08 26.70
C LYS B 283 16.40 12.98 25.92
N ILE B 284 15.09 13.11 25.79
CA ILE B 284 14.29 12.12 25.07
C ILE B 284 13.48 12.87 24.01
N SER B 285 13.61 12.44 22.76
CA SER B 285 12.99 13.08 21.62
C SER B 285 12.00 12.18 20.87
N ILE B 286 10.86 12.77 20.48
CA ILE B 286 9.88 12.10 19.64
C ILE B 286 9.77 12.89 18.32
N TYR B 287 9.99 12.18 17.22
CA TYR B 287 9.85 12.72 15.86
C TYR B 287 8.44 12.43 15.29
N LEU B 288 7.80 13.47 14.80
CA LEU B 288 6.47 13.37 14.25
C LEU B 288 6.50 13.87 12.80
N ARG B 289 5.67 13.29 11.94
CA ARG B 289 5.59 13.78 10.55
C ARG B 289 4.97 15.17 10.50
N ASP B 290 5.59 16.05 9.71
CA ASP B 290 5.00 17.34 9.38
C ASP B 290 3.78 17.17 8.43
N GLU B 291 2.95 18.19 8.33
CA GLU B 291 1.86 18.21 7.33
C GLU B 291 2.48 18.03 5.92
N ASN B 292 3.68 18.57 5.75
CA ASN B 292 4.52 18.24 4.61
C ASN B 292 5.13 16.85 4.80
N SER B 293 4.66 15.89 4.01
CA SER B 293 5.06 14.48 4.13
C SER B 293 6.57 14.19 4.04
N SER B 294 7.30 15.03 3.31
CA SER B 294 8.76 14.88 3.18
C SER B 294 9.51 15.40 4.41
N ARG B 295 8.81 16.04 5.35
CA ARG B 295 9.41 16.66 6.53
C ARG B 295 8.93 16.10 7.89
N SER B 296 9.75 16.33 8.92
CA SER B 296 9.39 15.96 10.31
C SER B 296 9.91 16.99 11.29
N PHE B 297 9.35 16.95 12.49
CA PHE B 297 9.85 17.76 13.57
C PHE B 297 9.98 16.89 14.81
N ARG B 298 10.69 17.41 15.81
CA ARG B 298 10.85 16.67 17.06
C ARG B 298 10.50 17.50 18.28
N ILE B 299 9.75 16.86 19.17
CA ILE B 299 9.51 17.40 20.48
C ILE B 299 10.46 16.66 21.41
N THR B 300 11.08 17.43 22.29
CA THR B 300 12.10 16.90 23.16
C THR B 300 11.76 17.24 24.59
N ILE B 301 11.94 16.28 25.48
CA ILE B 301 11.75 16.54 26.90
C ILE B 301 13.08 16.33 27.62
N LEU B 302 13.43 17.23 28.55
CA LEU B 302 14.61 17.01 29.39
C LEU B 302 14.26 16.17 30.60
N PRO B 303 15.29 15.67 31.34
CA PRO B 303 15.11 14.91 32.56
C PRO B 303 14.20 15.60 33.53
N GLN B 304 14.23 16.94 33.56
CA GLN B 304 13.31 17.71 34.42
C GLN B 304 11.87 17.25 34.29
N LEU B 305 11.48 16.84 33.09
CA LEU B 305 10.12 16.47 32.81
C LEU B 305 9.80 15.03 33.15
N TYR B 306 10.78 14.13 33.05
CA TYR B 306 10.47 12.69 33.26
C TYR B 306 11.05 12.12 34.51
N ILE B 307 11.86 12.93 35.21
CA ILE B 307 12.32 12.59 36.56
C ILE B 307 11.64 13.60 37.49
N GLN B 308 10.50 13.16 38.03
CA GLN B 308 9.47 14.08 38.50
C GLN B 308 9.43 14.16 40.02
N PRO B 309 9.54 15.38 40.56
CA PRO B 309 9.52 15.63 42.03
C PRO B 309 8.19 15.21 42.66
N MET B 310 8.22 14.76 43.92
CA MET B 310 7.12 13.99 44.54
C MET B 310 6.60 14.48 45.89
N MET B 311 7.28 15.41 46.54
CA MET B 311 6.98 15.66 47.95
C MET B 311 6.04 16.83 48.14
N GLY B 312 5.26 16.80 49.23
CA GLY B 312 4.53 17.99 49.68
C GLY B 312 5.51 19.10 49.96
N ALA B 313 4.99 20.31 50.15
CA ALA B 313 5.84 21.48 50.34
C ALA B 313 6.50 21.46 51.72
N GLY B 314 7.53 22.29 51.88
CA GLY B 314 8.16 22.53 53.17
C GLY B 314 9.30 21.63 53.60
N LEU B 315 9.96 20.95 52.65
CA LEU B 315 11.07 20.07 53.00
C LEU B 315 12.36 20.61 52.46
N ASN B 316 13.50 20.16 52.97
CA ASN B 316 14.78 20.50 52.38
C ASN B 316 15.42 19.30 51.64
N TYR B 317 14.61 18.29 51.34
CA TYR B 317 15.01 17.24 50.40
C TYR B 317 13.88 16.99 49.43
N GLU B 318 14.20 16.33 48.30
CA GLU B 318 13.20 16.02 47.30
C GLU B 318 13.34 14.58 46.86
N CYS B 319 12.21 13.94 46.51
CA CYS B 319 12.22 12.55 46.06
C CYS B 319 11.53 12.58 44.71
N TYR B 320 12.03 11.81 43.75
CA TYR B 320 11.53 11.91 42.35
C TYR B 320 11.04 10.55 41.86
N ARG B 321 10.14 10.56 40.87
CA ARG B 321 9.67 9.31 40.24
C ARG B 321 9.89 9.40 38.75
N PHE B 322 10.05 8.23 38.13
CA PHE B 322 10.27 8.09 36.70
C PHE B 322 8.91 8.20 36.03
N GLY B 323 8.77 9.18 35.15
CA GLY B 323 7.50 9.50 34.50
C GLY B 323 7.18 8.74 33.23
N ILE B 324 7.71 7.51 33.11
CA ILE B 324 7.55 6.72 31.87
C ILE B 324 7.20 5.29 32.30
N SER B 325 6.20 4.68 31.66
CA SER B 325 5.80 3.31 32.03
C SER B 325 5.43 2.48 30.81
N PRO B 326 5.46 1.13 30.93
CA PRO B 326 5.12 0.35 29.74
C PRO B 326 3.61 0.29 29.51
N SER B 327 3.23 0.00 28.27
CA SER B 327 1.83 -0.15 27.90
C SER B 327 1.67 -1.54 27.32
N THR B 328 0.44 -2.06 27.30
CA THR B 328 0.16 -3.28 26.55
C THR B 328 0.18 -2.95 25.06
N ASN B 329 -0.47 -1.86 24.70
CA ASN B 329 -0.83 -1.61 23.31
C ASN B 329 -0.46 -0.22 22.81
N ALA B 330 -1.14 0.81 23.31
CA ALA B 330 -1.00 2.17 22.77
C ALA B 330 0.29 2.88 23.21
N LEU B 331 0.79 3.78 22.38
CA LEU B 331 1.84 4.68 22.82
C LEU B 331 1.12 5.96 23.16
N VAL B 332 1.13 6.30 24.43
CA VAL B 332 0.32 7.40 24.90
C VAL B 332 1.19 8.53 25.36
N ILE B 333 1.08 9.63 24.63
CA ILE B 333 1.70 10.89 25.03
C ILE B 333 0.84 11.56 26.09
N GLY B 334 1.11 11.28 27.36
CA GLY B 334 0.28 11.83 28.41
C GLY B 334 0.83 13.12 28.99
N ALA B 335 0.42 13.40 30.22
CA ALA B 335 0.82 14.63 30.92
C ALA B 335 2.34 14.82 31.08
N THR B 336 3.09 13.73 31.29
CA THR B 336 4.58 13.78 31.37
C THR B 336 5.15 14.63 30.22
N VAL B 337 4.61 14.44 29.02
CA VAL B 337 5.11 15.16 27.86
C VAL B 337 4.38 16.49 27.64
N MET B 338 3.06 16.47 27.77
CA MET B 338 2.23 17.67 27.47
C MET B 338 2.60 18.86 28.34
N GLU B 339 3.13 18.56 29.52
CA GLU B 339 3.65 19.59 30.43
C GLU B 339 4.79 20.40 29.82
N GLY B 340 5.38 19.90 28.73
CA GLY B 340 6.46 20.62 28.06
C GLY B 340 6.03 21.57 26.97
N PHE B 341 4.75 21.52 26.58
CA PHE B 341 4.32 22.12 25.31
C PHE B 341 2.90 22.69 25.34
N TYR B 342 2.67 23.72 24.53
CA TYR B 342 1.30 24.17 24.22
C TYR B 342 0.81 23.27 23.10
N VAL B 343 -0.28 22.56 23.36
CA VAL B 343 -0.78 21.59 22.40
C VAL B 343 -2.04 22.13 21.76
N ILE B 344 -2.10 22.13 20.43
CA ILE B 344 -3.27 22.66 19.71
C ILE B 344 -4.02 21.53 18.99
N PHE B 345 -5.26 21.30 19.39
CA PHE B 345 -6.09 20.22 18.87
C PHE B 345 -6.95 20.86 17.80
N ASP B 346 -6.44 20.89 16.58
CA ASP B 346 -7.09 21.64 15.49
C ASP B 346 -7.98 20.66 14.76
N ARG B 347 -9.22 20.46 15.25
CA ARG B 347 -10.06 19.42 14.65
C ARG B 347 -10.51 19.85 13.24
N ALA B 348 -10.62 21.17 13.04
CA ALA B 348 -11.08 21.76 11.75
C ALA B 348 -10.11 21.46 10.63
N GLN B 349 -8.81 21.48 10.95
CA GLN B 349 -7.80 21.17 9.95
C GLN B 349 -7.13 19.83 10.12
N LYS B 350 -7.76 18.91 10.85
CA LYS B 350 -7.27 17.52 10.99
C LYS B 350 -5.76 17.43 11.34
N ARG B 351 -5.35 18.28 12.28
CA ARG B 351 -3.96 18.32 12.73
C ARG B 351 -3.81 18.65 14.22
N VAL B 352 -2.68 18.23 14.78
CA VAL B 352 -2.28 18.56 16.15
C VAL B 352 -1.06 19.48 16.14
N GLY B 353 -1.16 20.62 16.81
CA GLY B 353 -0.04 21.58 16.90
C GLY B 353 0.75 21.48 18.22
N PHE B 354 2.06 21.71 18.16
CA PHE B 354 2.94 21.79 19.35
C PHE B 354 3.81 23.06 19.30
N ALA B 355 3.84 23.77 20.43
CA ALA B 355 4.83 24.82 20.62
C ALA B 355 5.42 24.73 22.03
N ALA B 356 6.59 25.32 22.21
CA ALA B 356 7.27 25.35 23.50
C ALA B 356 6.49 26.23 24.51
N SER B 357 6.35 25.74 25.74
CA SER B 357 5.57 26.45 26.76
C SER B 357 6.50 27.27 27.63
N PRO B 358 6.28 28.60 27.69
CA PRO B 358 7.06 29.39 28.64
C PRO B 358 6.86 28.97 30.10
N CYS B 359 5.70 28.40 30.43
CA CYS B 359 5.47 27.99 31.83
C CYS B 359 6.22 26.71 32.19
N ALA B 360 6.73 26.02 31.15
CA ALA B 360 7.58 24.85 31.30
C ALA B 360 9.05 25.25 31.50
N GLU B 361 9.33 25.87 32.65
N GLU B 361 9.31 25.86 32.67
CA GLU B 361 10.67 26.33 32.99
CA GLU B 361 10.64 26.32 33.04
C GLU B 361 10.97 26.09 34.47
C GLU B 361 10.91 25.98 34.50
N ILE B 362 12.14 25.54 34.76
CA ILE B 362 12.61 25.33 36.15
C ILE B 362 13.82 26.25 36.35
N ALA B 363 13.69 27.16 37.32
CA ALA B 363 14.74 28.12 37.68
C ALA B 363 15.39 28.76 36.44
N GLY B 364 14.57 29.43 35.63
CA GLY B 364 15.08 30.13 34.46
C GLY B 364 15.20 29.31 33.17
N ALA B 365 15.49 28.01 33.29
CA ALA B 365 15.82 27.18 32.11
C ALA B 365 14.64 26.34 31.58
N ALA B 366 14.57 26.25 30.26
CA ALA B 366 13.54 25.44 29.59
C ALA B 366 13.73 23.93 29.82
N VAL B 367 12.62 23.20 29.91
CA VAL B 367 12.63 21.75 30.16
C VAL B 367 12.14 20.92 28.98
N SER B 368 11.86 21.60 27.88
CA SER B 368 11.40 20.96 26.66
C SER B 368 11.94 21.77 25.47
N GLU B 369 11.99 21.14 24.30
CA GLU B 369 12.53 21.77 23.11
C GLU B 369 11.69 21.30 21.93
N ILE B 370 11.55 22.16 20.95
CA ILE B 370 10.98 21.76 19.67
C ILE B 370 11.88 22.26 18.53
N SER B 371 12.11 21.41 17.55
CA SER B 371 12.95 21.77 16.41
C SER B 371 12.61 20.99 15.13
N GLY B 372 12.87 21.65 14.00
CA GLY B 372 12.74 21.03 12.68
C GLY B 372 13.10 22.09 11.64
N PRO B 373 12.98 21.76 10.35
CA PRO B 373 12.52 20.47 9.85
C PRO B 373 13.66 19.45 9.76
N PHE B 374 13.29 18.16 9.74
CA PHE B 374 14.20 17.09 9.40
C PHE B 374 13.59 16.34 8.23
N SER B 375 14.39 15.55 7.52
CA SER B 375 13.88 14.81 6.35
C SER B 375 13.30 13.47 6.74
N THR B 376 12.26 13.02 6.01
CA THR B 376 11.69 11.67 6.17
C THR B 376 12.13 10.65 5.10
N GLU B 377 13.23 10.96 4.41
CA GLU B 377 13.71 10.12 3.32
C GLU B 377 14.12 8.72 3.77
N ASP B 378 14.62 8.62 4.99
CA ASP B 378 15.10 7.34 5.51
C ASP B 378 14.04 6.59 6.33
N VAL B 379 12.77 6.94 6.13
CA VAL B 379 11.66 6.28 6.83
C VAL B 379 10.47 6.02 5.87
N ALA B 380 9.69 4.99 6.16
CA ALA B 380 8.48 4.65 5.38
C ALA B 380 7.58 5.86 5.17
N SER B 381 6.81 5.85 4.07
CA SER B 381 5.86 6.93 3.85
C SER B 381 4.67 6.82 4.82
N ASN B 382 4.43 5.59 5.32
CA ASN B 382 3.44 5.36 6.36
C ASN B 382 3.91 4.41 7.46
N CYS B 383 4.07 4.95 8.67
CA CYS B 383 4.50 4.17 9.84
C CYS B 383 3.37 3.60 10.69
N VAL B 384 2.14 3.87 10.30
CA VAL B 384 0.97 3.35 11.02
C VAL B 384 0.53 2.05 10.36
N PRO B 385 0.68 0.92 11.07
CA PRO B 385 0.27 -0.36 10.50
C PRO B 385 -1.24 -0.54 10.58
N PCA C 1 47.88 -3.05 38.80
CA PCA C 1 47.07 -4.26 38.72
CB PCA C 1 48.04 -5.38 38.39
CG PCA C 1 49.33 -4.67 37.93
CD PCA C 1 49.08 -3.21 38.27
OE PCA C 1 49.90 -2.32 38.06
C PCA C 1 46.31 -4.48 39.99
O PCA C 1 46.91 -4.53 41.06
N VAL C 2 44.99 -4.60 39.90
CA VAL C 2 44.18 -4.77 41.12
C VAL C 2 44.27 -6.20 41.64
N GLN C 3 44.54 -6.35 42.94
CA GLN C 3 44.58 -7.67 43.55
C GLN C 3 44.01 -7.62 44.97
N LEU C 4 43.29 -8.66 45.38
CA LEU C 4 42.79 -8.79 46.77
C LEU C 4 43.15 -10.20 47.27
N LYS C 5 43.59 -10.30 48.53
CA LYS C 5 44.04 -11.61 49.05
C LYS C 5 43.54 -11.86 50.48
N GLU C 6 42.71 -12.89 50.65
CA GLU C 6 42.13 -13.20 51.93
C GLU C 6 43.08 -14.07 52.73
N SER C 7 43.10 -13.90 54.04
CA SER C 7 43.87 -14.81 54.87
C SER C 7 42.99 -15.08 56.08
N GLY C 8 42.72 -16.36 56.32
CA GLY C 8 41.79 -16.77 57.37
C GLY C 8 42.27 -18.06 58.02
N PRO C 9 41.54 -18.54 59.05
CA PRO C 9 41.86 -19.82 59.66
C PRO C 9 41.10 -20.87 58.86
N VAL C 10 41.84 -21.81 58.32
CA VAL C 10 41.26 -22.87 57.52
C VAL C 10 40.18 -23.60 58.35
N LEU C 11 40.42 -23.72 59.66
CA LEU C 11 39.52 -24.44 60.54
C LEU C 11 39.29 -23.64 61.81
N VAL C 12 38.04 -23.58 62.26
CA VAL C 12 37.66 -22.92 63.51
C VAL C 12 36.48 -23.69 64.13
N ALA C 13 36.43 -23.79 65.46
CA ALA C 13 35.37 -24.56 66.13
C ALA C 13 34.11 -23.74 66.37
N PRO C 14 32.92 -24.38 66.42
CA PRO C 14 31.62 -23.72 66.65
C PRO C 14 31.63 -22.76 67.82
N SER C 15 30.73 -21.80 67.79
CA SER C 15 30.71 -20.71 68.76
C SER C 15 31.97 -19.82 68.76
N GLN C 16 33.18 -20.38 68.59
CA GLN C 16 34.43 -19.55 68.54
C GLN C 16 34.31 -18.44 67.48
N SER C 17 35.31 -17.57 67.38
CA SER C 17 35.21 -16.43 66.43
C SER C 17 36.03 -16.54 65.14
N LEU C 18 35.43 -16.10 64.03
CA LEU C 18 36.14 -16.06 62.75
C LEU C 18 36.82 -14.69 62.50
N PHE C 19 38.11 -14.68 62.26
N PHE C 19 38.12 -14.71 62.24
CA PHE C 19 38.77 -13.47 61.82
CA PHE C 19 38.88 -13.52 61.85
C PHE C 19 39.50 -13.68 60.50
C PHE C 19 39.49 -13.73 60.47
N ILE C 20 39.09 -12.89 59.51
CA ILE C 20 39.74 -12.89 58.18
C ILE C 20 40.26 -11.50 57.82
N SER C 21 41.47 -11.44 57.27
CA SER C 21 41.94 -10.23 56.63
C SER C 21 41.94 -10.29 55.08
N CYS C 22 41.97 -9.11 54.49
CA CYS C 22 41.95 -8.95 53.04
C CYS C 22 43.00 -7.91 52.78
N THR C 23 44.07 -8.31 52.09
CA THR C 23 45.12 -7.37 51.78
C THR C 23 44.96 -6.98 50.32
N VAL C 24 44.87 -5.68 50.06
CA VAL C 24 44.59 -5.20 48.72
C VAL C 24 45.78 -4.47 48.11
N SER C 25 45.90 -4.50 46.79
N SER C 25 45.88 -4.50 46.78
CA SER C 25 46.93 -3.77 46.09
CA SER C 25 46.94 -3.82 46.06
C SER C 25 46.39 -3.32 44.73
C SER C 25 46.41 -3.36 44.70
N GLY C 26 47.05 -2.33 44.12
CA GLY C 26 46.60 -1.74 42.85
C GLY C 26 45.44 -0.74 42.95
N PHE C 27 44.94 -0.50 44.17
CA PHE C 27 43.88 0.50 44.42
C PHE C 27 43.92 0.92 45.87
N SER C 28 43.23 2.01 46.21
CA SER C 28 43.29 2.52 47.57
C SER C 28 41.95 2.33 48.27
N LEU C 29 41.99 1.94 49.53
CA LEU C 29 40.79 1.83 50.38
C LEU C 29 40.26 3.21 50.77
N THR C 30 41.07 4.25 50.54
CA THR C 30 40.60 5.66 50.68
C THR C 30 39.72 6.11 49.52
N ARG C 31 39.70 5.33 48.44
CA ARG C 31 38.93 5.67 47.24
C ARG C 31 37.80 4.63 46.95
N TYR C 32 37.97 3.38 47.37
CA TYR C 32 37.01 2.29 47.04
C TYR C 32 36.51 1.49 48.22
N GLY C 33 35.23 1.14 48.18
CA GLY C 33 34.67 0.20 49.16
C GLY C 33 35.19 -1.21 48.92
N VAL C 34 35.15 -2.03 49.96
CA VAL C 34 35.42 -3.50 49.83
C VAL C 34 34.24 -4.21 50.46
N HIS C 35 33.71 -5.19 49.73
CA HIS C 35 32.60 -6.00 50.15
C HIS C 35 33.11 -7.39 50.62
N TRP C 36 32.30 -8.05 51.44
CA TRP C 36 32.52 -9.46 51.75
C TRP C 36 31.35 -10.27 51.29
N VAL C 37 31.67 -11.34 50.57
CA VAL C 37 30.67 -12.24 50.02
C VAL C 37 31.16 -13.66 50.36
N ARG C 38 30.23 -14.56 50.72
CA ARG C 38 30.62 -15.95 50.94
C ARG C 38 29.85 -16.88 50.01
N GLN C 39 30.39 -18.11 49.82
CA GLN C 39 29.73 -19.07 48.95
C GLN C 39 29.78 -20.45 49.61
N SER C 40 28.63 -21.11 49.67
CA SER C 40 28.53 -22.46 50.23
C SER C 40 27.56 -23.30 49.39
N PRO C 41 27.72 -24.65 49.43
CA PRO C 41 26.72 -25.46 48.77
C PRO C 41 25.29 -25.25 49.27
N GLY C 42 25.10 -25.16 50.58
CA GLY C 42 23.76 -25.07 51.16
C GLY C 42 23.05 -23.75 50.90
N LYS C 43 23.81 -22.66 50.85
CA LYS C 43 23.21 -21.33 50.83
C LYS C 43 23.59 -20.48 49.63
N GLY C 44 24.49 -20.98 48.79
CA GLY C 44 24.95 -20.23 47.61
C GLY C 44 25.74 -18.96 47.96
N LEU C 45 25.65 -17.98 47.06
CA LEU C 45 26.31 -16.69 47.21
C LEU C 45 25.46 -15.80 48.13
N GLU C 46 26.08 -15.28 49.18
CA GLU C 46 25.45 -14.41 50.19
C GLU C 46 26.32 -13.17 50.36
N TRP C 47 25.75 -12.00 50.19
CA TRP C 47 26.51 -10.75 50.45
C TRP C 47 26.46 -10.49 51.94
N LEU C 48 27.62 -10.31 52.57
CA LEU C 48 27.72 -10.12 54.01
C LEU C 48 27.66 -8.63 54.44
N GLY C 49 28.37 -7.78 53.71
CA GLY C 49 28.40 -6.34 54.06
C GLY C 49 29.49 -5.65 53.30
N VAL C 50 29.69 -4.39 53.60
CA VAL C 50 30.68 -3.61 52.86
C VAL C 50 31.25 -2.53 53.79
N ILE C 51 32.47 -2.11 53.55
CA ILE C 51 33.03 -0.94 54.25
C ILE C 51 33.50 0.02 53.16
N TRP C 52 32.91 1.21 53.16
CA TRP C 52 33.12 2.14 52.06
C TRP C 52 34.40 2.97 52.29
N ALA C 53 34.80 3.73 51.29
CA ALA C 53 35.99 4.58 51.39
C ALA C 53 36.07 5.41 52.69
N GLY C 54 34.98 6.10 53.00
CA GLY C 54 34.92 6.96 54.21
C GLY C 54 34.79 6.20 55.52
N GLY C 55 34.78 4.85 55.48
CA GLY C 55 34.72 4.08 56.73
C GLY C 55 33.34 3.65 57.22
N THR C 56 32.30 4.06 56.50
N THR C 56 32.29 4.09 56.54
CA THR C 56 30.93 3.66 56.77
CA THR C 56 30.94 3.62 56.88
C THR C 56 30.76 2.18 56.42
C THR C 56 30.79 2.18 56.47
N THR C 57 29.98 1.46 57.23
CA THR C 57 29.74 0.03 57.02
C THR C 57 28.26 -0.20 56.85
N ASN C 58 27.90 -1.06 55.90
CA ASN C 58 26.54 -1.55 55.74
C ASN C 58 26.60 -3.08 55.70
N TYR C 59 25.65 -3.69 56.38
CA TYR C 59 25.69 -5.13 56.60
C TYR C 59 24.44 -5.76 56.11
N ASN C 60 24.51 -7.04 55.80
CA ASN C 60 23.33 -7.87 55.61
C ASN C 60 22.66 -8.04 56.98
N SER C 61 21.39 -7.65 57.10
CA SER C 61 20.67 -7.71 58.39
C SER C 61 20.60 -9.11 59.05
N ALA C 62 20.63 -10.18 58.24
CA ALA C 62 20.64 -11.55 58.78
C ALA C 62 21.87 -11.83 59.65
N PHE C 63 22.96 -11.09 59.41
CA PHE C 63 24.23 -11.28 60.11
C PHE C 63 24.56 -10.22 61.15
N MET C 64 23.92 -9.06 61.10
CA MET C 64 24.39 -7.91 61.89
C MET C 64 24.58 -8.15 63.41
N SER C 65 23.81 -9.06 63.99
CA SER C 65 23.99 -9.41 65.39
C SER C 65 25.38 -9.98 65.71
N ARG C 66 26.11 -10.47 64.71
CA ARG C 66 27.39 -11.13 65.01
C ARG C 66 28.57 -10.78 64.09
N LEU C 67 28.34 -9.92 63.12
CA LEU C 67 29.39 -9.62 62.15
C LEU C 67 29.89 -8.18 62.25
N THR C 68 31.21 -8.00 62.21
CA THR C 68 31.85 -6.68 62.19
C THR C 68 32.85 -6.61 61.05
N ILE C 69 32.70 -5.60 60.20
CA ILE C 69 33.71 -5.31 59.21
C ILE C 69 34.47 -4.05 59.56
N SER C 70 35.79 -4.08 59.43
CA SER C 70 36.57 -2.88 59.72
C SER C 70 37.76 -2.82 58.77
N LYS C 71 38.57 -1.76 58.85
CA LYS C 71 39.68 -1.67 57.93
C LYS C 71 40.83 -0.86 58.49
N ASP C 72 42.00 -0.98 57.89
CA ASP C 72 43.07 -0.08 58.27
C ASP C 72 43.68 0.45 56.97
N ASN C 73 43.26 1.66 56.57
CA ASN C 73 43.73 2.27 55.32
C ASN C 73 45.25 2.19 55.16
N SER C 74 45.98 2.49 56.24
CA SER C 74 47.44 2.56 56.18
C SER C 74 48.07 1.16 56.05
N LYS C 75 47.34 0.12 56.44
CA LYS C 75 47.81 -1.25 56.23
C LYS C 75 47.28 -1.91 54.95
N SER C 76 46.49 -1.17 54.16
CA SER C 76 45.83 -1.70 52.95
C SER C 76 45.06 -2.99 53.22
N GLN C 77 44.46 -3.07 54.41
CA GLN C 77 43.78 -4.26 54.84
C GLN C 77 42.37 -3.97 55.28
N VAL C 78 41.50 -4.92 54.92
CA VAL C 78 40.14 -4.94 55.36
C VAL C 78 39.96 -6.19 56.22
N PHE C 79 39.09 -6.11 57.22
CA PHE C 79 38.96 -7.17 58.21
C PHE C 79 37.52 -7.60 58.36
N LEU C 80 37.34 -8.90 58.62
CA LEU C 80 36.00 -9.41 58.90
C LEU C 80 36.08 -10.17 60.21
N LYS C 81 35.13 -9.94 61.10
CA LYS C 81 35.03 -10.69 62.36
C LYS C 81 33.60 -11.19 62.49
N MET C 82 33.43 -12.49 62.68
CA MET C 82 32.11 -13.04 62.88
C MET C 82 32.08 -13.90 64.16
N ASN C 83 31.01 -13.72 64.95
CA ASN C 83 30.84 -14.44 66.21
C ASN C 83 29.82 -15.57 66.12
N SER C 84 29.72 -16.34 67.20
CA SER C 84 28.70 -17.38 67.32
C SER C 84 28.62 -18.25 66.08
N LEU C 85 29.75 -18.79 65.67
CA LEU C 85 29.83 -19.60 64.46
C LEU C 85 29.05 -20.91 64.52
N GLN C 86 28.16 -21.12 63.56
CA GLN C 86 27.49 -22.39 63.37
C GLN C 86 28.18 -23.18 62.27
N THR C 87 27.98 -24.50 62.21
CA THR C 87 28.69 -25.32 61.22
C THR C 87 28.37 -24.87 59.78
N ASP C 88 27.16 -24.36 59.55
CA ASP C 88 26.78 -23.88 58.22
C ASP C 88 27.33 -22.46 57.84
N ASP C 89 28.22 -21.93 58.68
CA ASP C 89 29.11 -20.82 58.34
C ASP C 89 30.32 -21.32 57.56
N THR C 90 30.37 -22.66 57.36
CA THR C 90 31.37 -23.28 56.51
C THR C 90 31.16 -22.81 55.08
N ALA C 91 32.21 -22.27 54.47
CA ALA C 91 32.00 -21.58 53.17
C ALA C 91 33.34 -21.08 52.68
N ILE C 92 33.34 -20.58 51.44
CA ILE C 92 34.47 -19.84 50.88
C ILE C 92 34.12 -18.37 51.10
N TYR C 93 35.05 -17.63 51.72
CA TYR C 93 34.87 -16.20 52.03
C TYR C 93 35.75 -15.39 51.11
N TYR C 94 35.13 -14.41 50.44
CA TYR C 94 35.77 -13.56 49.44
C TYR C 94 35.68 -12.10 49.83
N CYS C 95 36.76 -11.36 49.68
CA CYS C 95 36.63 -9.90 49.68
C CYS C 95 36.59 -9.43 48.23
N VAL C 96 35.86 -8.36 47.99
CA VAL C 96 35.53 -7.95 46.62
C VAL C 96 35.54 -6.44 46.54
N LYS C 97 36.23 -5.90 45.54
CA LYS C 97 36.36 -4.45 45.39
C LYS C 97 35.05 -3.86 44.84
N ALA C 98 34.64 -2.74 45.39
CA ALA C 98 33.45 -1.99 44.87
C ALA C 98 33.75 -1.36 43.50
N TYR C 99 32.72 -1.32 42.65
CA TYR C 99 32.85 -0.84 41.27
C TYR C 99 31.51 -0.36 40.82
N ARG C 100 31.40 0.91 40.44
CA ARG C 100 30.14 1.51 40.01
C ARG C 100 28.96 1.17 40.93
N ASN C 101 28.00 0.41 40.43
CA ASN C 101 26.86 -0.01 41.29
C ASN C 101 26.86 -1.53 41.51
N ALA C 102 28.05 -2.09 41.53
CA ALA C 102 28.23 -3.53 41.69
C ALA C 102 29.63 -3.77 42.23
N MET C 103 30.31 -4.79 41.70
CA MET C 103 31.60 -5.25 42.25
C MET C 103 32.45 -5.77 41.07
N ASP C 104 33.76 -5.45 41.02
CA ASP C 104 34.58 -5.94 39.92
C ASP C 104 35.61 -7.04 40.23
N TYR C 105 36.57 -6.75 41.09
CA TYR C 105 37.67 -7.69 41.35
C TYR C 105 37.43 -8.44 42.65
N TRP C 106 37.60 -9.77 42.60
CA TRP C 106 37.44 -10.60 43.78
C TRP C 106 38.78 -11.18 44.17
N GLY C 107 38.96 -11.50 45.45
CA GLY C 107 40.16 -12.28 45.83
C GLY C 107 39.88 -13.72 45.46
N GLN C 108 40.84 -14.61 45.66
CA GLN C 108 40.63 -16.02 45.30
C GLN C 108 39.73 -16.74 46.29
N GLY C 109 39.53 -16.14 47.46
CA GLY C 109 38.62 -16.69 48.46
C GLY C 109 39.44 -17.51 49.43
N THR C 110 38.94 -17.63 50.64
CA THR C 110 39.61 -18.43 51.64
C THR C 110 38.58 -19.39 52.21
N SER C 111 38.97 -20.64 52.25
CA SER C 111 38.11 -21.72 52.71
C SER C 111 38.06 -21.71 54.23
N VAL C 112 36.86 -21.64 54.78
CA VAL C 112 36.67 -21.67 56.21
C VAL C 112 35.78 -22.86 56.58
N THR C 113 36.30 -23.77 57.39
CA THR C 113 35.49 -24.88 57.88
C THR C 113 35.25 -24.71 59.40
N VAL C 114 33.98 -24.76 59.77
CA VAL C 114 33.54 -24.66 61.17
C VAL C 114 33.19 -26.07 61.69
N SER C 115 34.10 -26.62 62.48
CA SER C 115 34.01 -28.00 62.97
C SER C 115 34.82 -28.14 64.25
N SER C 116 34.31 -28.93 65.18
CA SER C 116 35.06 -29.32 66.38
C SER C 116 36.11 -30.40 66.07
N ALA C 117 36.01 -31.05 64.91
CA ALA C 117 36.95 -32.12 64.51
C ALA C 117 38.35 -31.58 64.33
N LYS C 118 39.35 -32.45 64.51
CA LYS C 118 40.75 -32.03 64.46
C LYS C 118 41.39 -32.12 63.07
N THR C 119 42.49 -31.39 62.91
CA THR C 119 43.32 -31.39 61.73
C THR C 119 44.04 -32.72 61.53
N THR C 120 44.02 -33.24 60.29
CA THR C 120 44.71 -34.49 59.95
C THR C 120 45.43 -34.42 58.60
N ALA C 121 46.74 -34.71 58.58
CA ALA C 121 47.52 -34.68 57.36
C ALA C 121 47.06 -35.83 56.46
N PRO C 122 47.24 -35.66 55.13
CA PRO C 122 46.91 -36.77 54.23
C PRO C 122 48.03 -37.78 54.01
N SER C 123 47.64 -39.03 53.74
CA SER C 123 48.57 -40.00 53.16
C SER C 123 48.46 -39.80 51.66
N VAL C 124 49.59 -39.70 50.99
CA VAL C 124 49.66 -39.47 49.55
C VAL C 124 50.30 -40.71 48.89
N TYR C 125 49.59 -41.28 47.92
CA TYR C 125 49.97 -42.58 47.34
C TYR C 125 50.11 -42.45 45.83
N PRO C 126 51.28 -42.83 45.27
CA PRO C 126 51.53 -42.72 43.85
C PRO C 126 50.82 -43.85 43.13
N LEU C 127 50.17 -43.57 41.99
CA LEU C 127 49.50 -44.63 41.22
C LEU C 127 50.13 -44.81 39.87
N ALA C 128 50.95 -45.85 39.77
CA ALA C 128 51.58 -46.25 38.50
C ALA C 128 50.70 -47.26 37.72
N PRO C 129 50.88 -47.36 36.39
CA PRO C 129 49.99 -48.30 35.67
C PRO C 129 50.16 -49.78 36.06
N VAL C 130 49.13 -50.60 35.80
CA VAL C 130 49.20 -52.06 36.02
C VAL C 130 50.54 -52.64 35.54
N CYS C 131 51.17 -53.45 36.39
CA CYS C 131 52.43 -54.10 36.08
C CYS C 131 52.33 -54.93 34.79
N GLY C 132 53.15 -54.61 33.81
CA GLY C 132 53.20 -55.40 32.58
C GLY C 132 52.14 -55.14 31.53
N ASP C 133 51.26 -54.16 31.78
CA ASP C 133 50.33 -53.71 30.74
C ASP C 133 51.12 -53.18 29.55
N THR C 134 50.55 -53.32 28.35
CA THR C 134 51.14 -52.80 27.11
C THR C 134 51.52 -51.33 27.23
N SER C 135 52.70 -50.99 26.73
CA SER C 135 53.18 -49.60 26.70
C SER C 135 52.63 -48.95 25.43
N GLY C 136 51.44 -48.37 25.55
CA GLY C 136 50.71 -47.80 24.41
C GLY C 136 51.25 -46.43 24.03
N SER C 137 50.55 -45.71 23.13
CA SER C 137 51.08 -44.42 22.68
C SER C 137 51.00 -43.33 23.79
N SER C 138 50.12 -43.56 24.76
CA SER C 138 50.07 -42.67 25.92
C SER C 138 49.83 -43.46 27.21
N VAL C 139 50.04 -42.79 28.33
CA VAL C 139 50.02 -43.43 29.63
C VAL C 139 49.37 -42.47 30.63
N THR C 140 48.56 -43.04 31.53
CA THR C 140 47.90 -42.28 32.57
C THR C 140 48.48 -42.69 33.92
N LEU C 141 48.89 -41.71 34.70
CA LEU C 141 49.38 -41.94 36.06
C LEU C 141 48.43 -41.27 37.01
N GLY C 142 48.50 -41.59 38.29
CA GLY C 142 47.60 -41.00 39.26
C GLY C 142 48.25 -40.69 40.59
N CYS C 143 47.52 -39.95 41.41
CA CYS C 143 47.99 -39.65 42.77
C CYS C 143 46.75 -39.73 43.66
N LEU C 144 46.86 -40.38 44.81
CA LEU C 144 45.72 -40.59 45.69
C LEU C 144 45.99 -39.90 47.00
N VAL C 145 45.07 -39.05 47.44
CA VAL C 145 45.20 -38.22 48.66
C VAL C 145 44.09 -38.62 49.61
N LYS C 146 44.45 -39.38 50.64
CA LYS C 146 43.47 -40.05 51.44
C LYS C 146 43.56 -39.65 52.90
N GLY C 147 42.38 -39.48 53.50
CA GLY C 147 42.21 -39.33 54.96
C GLY C 147 42.70 -38.03 55.57
N TYR C 148 42.35 -36.90 54.96
CA TYR C 148 42.71 -35.58 55.52
C TYR C 148 41.51 -34.76 55.99
N PHE C 149 41.77 -33.78 56.85
CA PHE C 149 40.73 -32.88 57.32
C PHE C 149 41.44 -31.63 57.84
N PRO C 150 40.94 -30.45 57.50
CA PRO C 150 39.77 -30.17 56.67
C PRO C 150 40.18 -29.90 55.19
N GLU C 151 39.23 -29.55 54.33
CA GLU C 151 39.61 -28.97 53.03
C GLU C 151 40.31 -27.63 53.34
N PRO C 152 41.20 -27.14 52.46
CA PRO C 152 41.50 -27.81 51.19
C PRO C 152 42.91 -28.38 51.09
N VAL C 153 43.16 -29.09 49.99
CA VAL C 153 44.51 -29.45 49.62
C VAL C 153 44.81 -28.77 48.29
N THR C 154 46.09 -28.56 47.98
CA THR C 154 46.48 -28.16 46.64
C THR C 154 47.33 -29.27 46.02
N LEU C 155 47.02 -29.67 44.79
CA LEU C 155 47.78 -30.74 44.15
C LEU C 155 48.34 -30.24 42.84
N THR C 156 49.62 -30.46 42.63
CA THR C 156 50.25 -30.11 41.36
C THR C 156 51.04 -31.31 40.89
N TRP C 157 51.42 -31.28 39.63
CA TRP C 157 52.34 -32.27 39.07
C TRP C 157 53.65 -31.58 38.66
N ASN C 158 54.80 -32.17 39.01
CA ASN C 158 56.11 -31.56 38.69
C ASN C 158 56.12 -30.06 39.05
N SER C 159 55.58 -29.77 40.23
CA SER C 159 55.59 -28.42 40.85
C SER C 159 54.76 -27.38 40.10
N GLY C 160 53.75 -27.85 39.35
CA GLY C 160 52.87 -27.01 38.55
C GLY C 160 53.29 -26.86 37.09
N SER C 161 54.49 -27.33 36.76
CA SER C 161 54.99 -27.28 35.39
C SER C 161 54.21 -28.23 34.48
N LEU C 162 53.88 -29.41 34.99
CA LEU C 162 53.07 -30.34 34.18
C LEU C 162 51.58 -30.03 34.44
N SER C 163 50.91 -29.47 33.44
CA SER C 163 49.52 -29.01 33.58
C SER C 163 48.63 -29.56 32.44
N SER C 164 49.23 -29.78 31.27
CA SER C 164 48.53 -30.48 30.16
C SER C 164 48.11 -31.88 30.60
N GLY C 165 46.84 -32.22 30.35
CA GLY C 165 46.31 -33.59 30.57
C GLY C 165 46.03 -33.99 32.01
N VAL C 166 45.85 -33.00 32.89
CA VAL C 166 45.61 -33.24 34.32
C VAL C 166 44.12 -33.15 34.63
N HIS C 167 43.60 -34.10 35.39
CA HIS C 167 42.27 -33.97 35.99
C HIS C 167 42.41 -34.19 37.48
N THR C 168 42.07 -33.16 38.26
CA THR C 168 42.10 -33.26 39.71
C THR C 168 40.63 -33.29 40.18
N PHE C 169 40.24 -34.35 40.89
CA PHE C 169 38.84 -34.59 41.22
C PHE C 169 38.44 -33.99 42.55
N PRO C 170 37.24 -33.39 42.65
CA PRO C 170 36.73 -32.86 43.90
C PRO C 170 36.82 -33.92 45.00
N ALA C 171 37.21 -33.46 46.20
CA ALA C 171 37.31 -34.33 47.36
C ALA C 171 35.91 -34.83 47.80
N VAL C 172 35.87 -36.03 48.35
CA VAL C 172 34.62 -36.56 48.84
C VAL C 172 34.82 -36.94 50.30
N LEU C 173 33.82 -36.58 51.10
CA LEU C 173 33.85 -36.77 52.56
C LEU C 173 33.30 -38.15 52.94
N GLN C 174 34.16 -38.97 53.53
CA GLN C 174 33.83 -40.34 53.85
C GLN C 174 34.36 -40.61 55.26
N SER C 175 33.48 -41.06 56.14
CA SER C 175 33.85 -41.37 57.54
C SER C 175 34.73 -40.28 58.17
N ASP C 176 34.27 -39.03 58.03
CA ASP C 176 34.88 -37.87 58.70
C ASP C 176 36.17 -37.36 58.06
N LEU C 177 36.70 -38.06 57.07
CA LEU C 177 37.93 -37.62 56.41
C LEU C 177 37.67 -37.39 54.90
N TYR C 178 38.56 -36.63 54.25
CA TYR C 178 38.42 -36.36 52.82
C TYR C 178 39.32 -37.25 51.98
N THR C 179 38.88 -37.55 50.77
CA THR C 179 39.76 -38.24 49.82
C THR C 179 39.66 -37.56 48.47
N LEU C 180 40.80 -37.38 47.82
CA LEU C 180 40.77 -36.88 46.47
C LEU C 180 41.84 -37.57 45.64
N SER C 181 41.67 -37.45 44.33
CA SER C 181 42.60 -38.04 43.41
C SER C 181 42.85 -37.09 42.25
N SER C 182 43.95 -37.36 41.53
CA SER C 182 44.27 -36.62 40.32
C SER C 182 44.93 -37.57 39.32
N SER C 183 44.55 -37.45 38.05
CA SER C 183 45.24 -38.17 37.01
C SER C 183 46.01 -37.21 36.09
N VAL C 184 47.00 -37.74 35.41
CA VAL C 184 47.68 -37.00 34.38
C VAL C 184 48.04 -38.01 33.30
N THR C 185 47.86 -37.58 32.05
CA THR C 185 48.07 -38.41 30.88
C THR C 185 49.14 -37.77 30.00
N VAL C 186 50.16 -38.57 29.66
CA VAL C 186 51.32 -38.12 28.91
C VAL C 186 51.66 -39.15 27.84
N THR C 187 52.51 -38.76 26.88
CA THR C 187 52.94 -39.72 25.85
C THR C 187 53.82 -40.81 26.41
N SER C 188 53.86 -41.92 25.69
CA SER C 188 54.85 -42.99 25.88
C SER C 188 56.28 -42.48 25.99
N SER C 189 56.64 -41.51 25.16
CA SER C 189 58.01 -40.99 25.16
C SER C 189 58.28 -40.13 26.42
N THR C 190 57.24 -39.71 27.12
CA THR C 190 57.39 -38.82 28.26
C THR C 190 57.71 -39.59 29.54
N TRP C 191 56.97 -40.68 29.79
CA TRP C 191 57.12 -41.39 31.02
C TRP C 191 57.25 -42.87 30.67
N PRO C 192 58.19 -43.57 31.31
CA PRO C 192 58.98 -43.11 32.44
C PRO C 192 60.37 -42.47 32.13
N SER C 193 60.68 -42.20 30.87
CA SER C 193 61.90 -41.43 30.52
C SER C 193 62.07 -40.20 31.44
N GLN C 194 60.99 -39.48 31.68
CA GLN C 194 61.01 -38.31 32.58
C GLN C 194 60.39 -38.59 33.93
N SER C 195 60.91 -37.91 34.95
CA SER C 195 60.40 -37.96 36.30
C SER C 195 59.07 -37.21 36.36
N ILE C 196 58.06 -37.86 36.92
CA ILE C 196 56.77 -37.23 37.18
C ILE C 196 56.44 -37.41 38.64
N THR C 197 56.19 -36.30 39.33
CA THR C 197 55.90 -36.30 40.76
C THR C 197 54.61 -35.53 41.06
N CYS C 198 53.78 -36.04 41.96
CA CYS C 198 52.68 -35.21 42.48
C CYS C 198 53.10 -34.51 43.78
N ASN C 199 52.72 -33.24 43.89
CA ASN C 199 53.02 -32.46 45.10
C ASN C 199 51.72 -32.13 45.76
N VAL C 200 51.62 -32.44 47.04
CA VAL C 200 50.35 -32.25 47.74
C VAL C 200 50.54 -31.41 49.01
N ALA C 201 49.99 -30.21 49.00
CA ALA C 201 50.08 -29.34 50.15
C ALA C 201 48.77 -29.32 50.92
N HIS C 202 48.85 -29.40 52.24
CA HIS C 202 47.67 -29.31 53.09
C HIS C 202 47.90 -28.26 54.18
N PRO C 203 47.51 -27.01 53.89
CA PRO C 203 47.78 -25.84 54.76
C PRO C 203 47.51 -26.12 56.24
N ALA C 204 46.30 -26.60 56.53
CA ALA C 204 45.81 -26.85 57.88
C ALA C 204 46.73 -27.68 58.75
N SER C 205 47.47 -28.59 58.14
CA SER C 205 48.39 -29.44 58.88
C SER C 205 49.83 -29.06 58.60
N SER C 206 50.01 -28.00 57.82
CA SER C 206 51.33 -27.49 57.43
C SER C 206 52.24 -28.50 56.73
N THR C 207 51.65 -29.49 56.08
CA THR C 207 52.39 -30.50 55.33
C THR C 207 52.47 -30.22 53.83
N LYS C 208 53.65 -30.50 53.29
CA LYS C 208 53.93 -30.47 51.88
C LYS C 208 54.57 -31.83 51.58
N VAL C 209 53.99 -32.60 50.67
CA VAL C 209 54.41 -33.99 50.43
C VAL C 209 54.62 -34.24 48.94
N ASP C 210 55.78 -34.78 48.56
CA ASP C 210 56.04 -35.17 47.17
C ASP C 210 56.02 -36.67 47.03
N LYS C 211 55.41 -37.16 45.94
CA LYS C 211 55.48 -38.59 45.62
C LYS C 211 55.80 -38.77 44.16
N LYS C 212 57.01 -39.28 43.89
CA LYS C 212 57.38 -39.67 42.54
C LYS C 212 56.58 -40.90 42.10
N ILE C 213 56.14 -40.93 40.84
CA ILE C 213 55.46 -42.11 40.26
C ILE C 213 56.50 -43.03 39.63
N GLU C 214 56.65 -44.23 40.19
CA GLU C 214 57.62 -45.22 39.72
C GLU C 214 56.92 -46.37 39.02
N PRO C 215 57.53 -46.94 37.97
CA PRO C 215 56.98 -48.19 37.43
C PRO C 215 56.90 -49.25 38.52
N ARG C 216 55.81 -50.03 38.54
CA ARG C 216 55.67 -51.12 39.49
C ARG C 216 56.67 -52.21 39.17
N GLY C 217 57.04 -52.36 38.00
N ASN D 1 13.65 -9.60 52.15
CA ASN D 1 14.65 -9.33 51.07
C ASN D 1 14.00 -9.37 49.70
N ILE D 2 14.71 -8.88 48.68
CA ILE D 2 14.37 -9.19 47.30
C ILE D 2 14.98 -10.56 46.95
N VAL D 3 14.15 -11.50 46.50
CA VAL D 3 14.64 -12.84 46.17
C VAL D 3 14.77 -12.90 44.65
N LEU D 4 15.89 -13.45 44.15
CA LEU D 4 16.08 -13.67 42.71
C LEU D 4 15.94 -15.17 42.36
N SER D 5 15.19 -15.48 41.34
CA SER D 5 14.98 -16.89 41.00
C SER D 5 15.42 -17.09 39.58
N GLN D 6 16.38 -17.98 39.37
CA GLN D 6 16.94 -18.21 38.04
C GLN D 6 16.38 -19.48 37.43
N SER D 7 16.13 -19.44 36.13
CA SER D 7 15.62 -20.59 35.44
C SER D 7 16.22 -20.64 34.00
N PRO D 8 16.50 -21.86 33.49
CA PRO D 8 16.46 -23.11 34.25
C PRO D 8 17.65 -23.18 35.21
N GLY D 9 17.71 -24.25 36.00
CA GLY D 9 18.87 -24.53 36.88
C GLY D 9 20.10 -24.89 36.05
N SER D 10 19.87 -25.59 34.93
CA SER D 10 20.92 -25.91 33.96
C SER D 10 20.38 -26.05 32.53
N LEU D 11 21.25 -25.88 31.55
CA LEU D 11 20.87 -25.72 30.16
C LEU D 11 22.04 -26.29 29.41
N ALA D 12 21.79 -27.20 28.46
CA ALA D 12 22.86 -27.64 27.56
C ALA D 12 22.62 -27.09 26.15
N VAL D 13 23.62 -26.38 25.62
CA VAL D 13 23.50 -25.70 24.33
C VAL D 13 24.70 -26.03 23.48
N SER D 14 24.46 -26.22 22.18
CA SER D 14 25.52 -26.54 21.22
C SER D 14 26.42 -25.36 20.93
N LEU D 15 27.67 -25.66 20.63
CA LEU D 15 28.63 -24.64 20.18
C LEU D 15 28.03 -23.89 19.00
N GLY D 16 28.25 -22.57 18.94
CA GLY D 16 27.73 -21.75 17.86
C GLY D 16 26.26 -21.37 17.95
N GLN D 17 25.53 -21.97 18.89
CA GLN D 17 24.09 -21.67 19.06
C GLN D 17 23.84 -20.61 20.15
N ARG D 18 22.56 -20.25 20.35
CA ARG D 18 22.18 -19.24 21.32
C ARG D 18 21.75 -19.87 22.64
N ALA D 19 22.24 -19.31 23.74
CA ALA D 19 21.74 -19.68 25.06
C ALA D 19 21.05 -18.46 25.66
N THR D 20 19.89 -18.68 26.27
CA THR D 20 19.13 -17.61 26.95
C THR D 20 18.73 -18.08 28.33
N ILE D 21 19.10 -17.33 29.35
CA ILE D 21 18.82 -17.74 30.70
C ILE D 21 18.06 -16.63 31.41
N SER D 22 17.14 -17.00 32.30
CA SER D 22 16.25 -16.01 32.94
C SER D 22 16.52 -15.76 34.41
N CYS D 23 16.19 -14.54 34.85
CA CYS D 23 16.24 -14.18 36.25
C CYS D 23 14.96 -13.42 36.58
N ARG D 24 14.27 -13.88 37.63
N ARG D 24 14.26 -13.86 37.63
CA ARG D 24 13.04 -13.24 38.09
CA ARG D 24 13.01 -13.22 38.05
C ARG D 24 13.28 -12.67 39.47
C ARG D 24 13.19 -12.70 39.47
N ALA D 25 12.94 -11.40 39.65
CA ALA D 25 13.03 -10.79 40.95
C ALA D 25 11.65 -10.82 41.63
N SER D 26 11.60 -11.02 42.94
CA SER D 26 10.33 -11.09 43.67
C SER D 26 9.57 -9.76 43.78
N LYS D 27 10.28 -8.67 43.50
CA LYS D 27 9.83 -7.27 43.64
C LYS D 27 10.63 -6.46 42.59
N SER D 28 10.10 -5.34 42.09
CA SER D 28 10.81 -4.58 41.05
C SER D 28 12.22 -4.17 41.49
N VAL D 29 13.18 -4.18 40.58
CA VAL D 29 14.54 -3.78 40.98
C VAL D 29 14.91 -2.43 40.36
N ASP D 30 13.89 -1.66 39.97
CA ASP D 30 14.08 -0.47 39.16
C ASP D 30 13.94 0.76 40.02
N THR D 31 14.83 1.72 39.80
CA THR D 31 14.69 3.07 40.33
C THR D 31 15.19 4.01 39.24
N TYR D 32 14.42 5.06 38.90
CA TYR D 32 14.85 6.02 37.84
C TYR D 32 15.05 5.31 36.49
N GLY D 33 14.20 4.33 36.21
CA GLY D 33 14.28 3.55 34.96
C GLY D 33 15.49 2.63 34.85
N HIS D 34 16.37 2.64 35.85
CA HIS D 34 17.58 1.81 35.83
C HIS D 34 17.23 0.58 36.61
N SER D 35 17.60 -0.59 36.10
CA SER D 35 17.41 -1.85 36.84
C SER D 35 18.67 -2.18 37.61
N PHE D 36 18.59 -2.15 38.95
CA PHE D 36 19.73 -2.53 39.84
C PHE D 36 19.94 -4.02 39.97
N ILE D 37 20.26 -4.65 38.86
CA ILE D 37 20.49 -6.10 38.84
C ILE D 37 21.64 -6.30 37.86
N HIS D 38 22.48 -7.31 38.09
CA HIS D 38 23.77 -7.46 37.37
C HIS D 38 24.03 -8.95 37.14
N TRP D 39 24.84 -9.28 36.13
CA TRP D 39 25.11 -10.67 35.73
C TRP D 39 26.56 -10.99 35.88
N TYR D 40 26.86 -12.14 36.49
CA TYR D 40 28.24 -12.59 36.71
C TYR D 40 28.43 -14.00 36.14
N GLN D 41 29.64 -14.30 35.67
CA GLN D 41 30.01 -15.67 35.25
C GLN D 41 30.96 -16.25 36.29
N GLN D 42 30.72 -17.49 36.74
CA GLN D 42 31.70 -18.16 37.59
C GLN D 42 32.19 -19.44 36.91
N LYS D 43 33.42 -19.39 36.44
CA LYS D 43 34.09 -20.57 35.92
C LYS D 43 34.61 -21.42 37.08
N PRO D 44 34.69 -22.75 36.88
CA PRO D 44 35.08 -23.66 37.98
C PRO D 44 36.40 -23.23 38.64
N GLY D 45 36.41 -23.19 39.97
CA GLY D 45 37.63 -22.86 40.73
C GLY D 45 37.97 -21.36 40.77
N GLN D 46 37.07 -20.53 40.24
CA GLN D 46 37.31 -19.08 40.16
C GLN D 46 36.21 -18.36 40.90
N PRO D 47 36.44 -17.09 41.32
CA PRO D 47 35.31 -16.31 41.84
C PRO D 47 34.39 -15.84 40.71
N PRO D 48 33.16 -15.42 41.03
CA PRO D 48 32.33 -14.85 39.96
C PRO D 48 32.99 -13.62 39.32
N ASN D 49 32.54 -13.25 38.12
CA ASN D 49 33.08 -12.07 37.51
C ASN D 49 32.00 -11.35 36.73
N LEU D 50 31.89 -10.04 36.94
CA LEU D 50 30.84 -9.23 36.36
C LEU D 50 30.92 -9.18 34.83
N LEU D 51 29.79 -9.51 34.19
CA LEU D 51 29.66 -9.44 32.73
C LEU D 51 28.84 -8.22 32.31
N ILE D 52 27.72 -8.03 32.98
CA ILE D 52 26.68 -7.04 32.59
C ILE D 52 26.28 -6.23 33.81
N HIS D 53 26.34 -4.90 33.70
CA HIS D 53 26.08 -4.01 34.81
C HIS D 53 24.74 -3.32 34.57
N LEU D 54 23.92 -3.15 35.60
CA LEU D 54 22.60 -2.50 35.43
C LEU D 54 21.80 -3.13 34.30
N ALA D 55 21.69 -4.46 34.38
CA ALA D 55 20.84 -5.22 33.45
C ALA D 55 21.26 -5.32 31.99
N SER D 56 21.83 -4.26 31.39
CA SER D 56 22.11 -4.30 29.96
C SER D 56 23.44 -3.68 29.55
N ASN D 57 24.16 -3.01 30.46
CA ASN D 57 25.43 -2.39 30.07
C ASN D 57 26.58 -3.40 30.05
N LEU D 58 27.02 -3.78 28.85
CA LEU D 58 28.07 -4.78 28.74
C LEU D 58 29.39 -4.23 29.28
N GLU D 59 30.06 -4.99 30.15
CA GLU D 59 31.33 -4.55 30.72
C GLU D 59 32.40 -4.47 29.66
N SER D 60 33.26 -3.47 29.78
CA SER D 60 34.36 -3.30 28.85
C SER D 60 35.22 -4.56 28.86
N GLY D 61 35.54 -5.05 27.67
CA GLY D 61 36.42 -6.22 27.56
C GLY D 61 35.67 -7.54 27.64
N VAL D 62 34.37 -7.49 27.98
CA VAL D 62 33.52 -8.67 27.84
C VAL D 62 33.10 -8.78 26.37
N PRO D 63 33.18 -10.00 25.79
CA PRO D 63 32.84 -10.14 24.36
C PRO D 63 31.38 -9.82 24.03
N ALA D 64 31.17 -9.28 22.84
CA ALA D 64 29.86 -8.88 22.35
C ALA D 64 28.84 -10.01 22.30
N ARG D 65 29.29 -11.27 22.41
CA ARG D 65 28.38 -12.43 22.44
C ARG D 65 27.38 -12.39 23.63
N PHE D 66 27.75 -11.65 24.68
CA PHE D 66 26.93 -11.52 25.89
C PHE D 66 26.05 -10.28 25.83
N SER D 67 24.78 -10.44 26.17
CA SER D 67 23.89 -9.29 26.25
C SER D 67 22.83 -9.52 27.30
N GLY D 68 22.44 -8.42 27.96
CA GLY D 68 21.39 -8.44 28.97
C GLY D 68 20.19 -7.62 28.56
N ARG D 69 19.01 -8.15 28.90
CA ARG D 69 17.75 -7.48 28.64
C ARG D 69 16.89 -7.57 29.89
N GLY D 70 15.90 -6.68 29.97
CA GLY D 70 14.87 -6.80 30.96
C GLY D 70 14.64 -5.48 31.68
N SER D 71 13.60 -5.49 32.52
CA SER D 71 13.19 -4.37 33.36
C SER D 71 12.13 -4.86 34.36
N GLY D 72 11.95 -4.09 35.43
CA GLY D 72 11.03 -4.46 36.50
C GLY D 72 11.47 -5.69 37.26
N THR D 73 10.87 -6.83 36.92
CA THR D 73 11.16 -8.09 37.60
C THR D 73 11.71 -9.18 36.65
N ASP D 74 11.70 -8.93 35.34
CA ASP D 74 12.05 -9.98 34.34
C ASP D 74 13.32 -9.62 33.56
N PHE D 75 14.36 -10.45 33.69
CA PHE D 75 15.67 -10.25 33.08
C PHE D 75 16.15 -11.51 32.39
N THR D 76 16.99 -11.33 31.38
CA THR D 76 17.57 -12.45 30.66
C THR D 76 19.00 -12.15 30.31
N LEU D 77 19.81 -13.21 30.28
CA LEU D 77 21.14 -13.09 29.77
C LEU D 77 21.20 -13.95 28.53
N THR D 78 21.68 -13.38 27.44
CA THR D 78 21.80 -14.11 26.18
C THR D 78 23.27 -14.27 25.84
N ILE D 79 23.64 -15.48 25.41
CA ILE D 79 24.97 -15.77 24.90
C ILE D 79 24.79 -16.34 23.51
N ASP D 80 25.39 -15.69 22.51
CA ASP D 80 25.12 -16.03 21.11
C ASP D 80 26.22 -15.44 20.24
N PRO D 81 27.05 -16.30 19.62
CA PRO D 81 27.05 -17.76 19.73
C PRO D 81 27.85 -18.28 20.93
N VAL D 82 27.38 -19.36 21.51
CA VAL D 82 28.07 -20.01 22.64
C VAL D 82 29.39 -20.64 22.21
N GLU D 83 30.42 -20.50 23.04
CA GLU D 83 31.77 -21.08 22.82
C GLU D 83 32.15 -21.98 23.99
N ALA D 84 33.19 -22.79 23.82
CA ALA D 84 33.63 -23.77 24.83
C ALA D 84 33.92 -23.10 26.16
N ASP D 85 34.54 -21.91 26.10
CA ASP D 85 34.93 -21.16 27.30
C ASP D 85 33.73 -20.76 28.16
N ASP D 86 32.53 -20.78 27.56
CA ASP D 86 31.31 -20.34 28.27
C ASP D 86 30.73 -21.38 29.24
N ALA D 87 31.36 -22.55 29.30
CA ALA D 87 30.98 -23.58 30.25
C ALA D 87 31.21 -23.06 31.69
N ALA D 88 30.12 -22.76 32.38
CA ALA D 88 30.21 -22.02 33.63
C ALA D 88 28.84 -21.89 34.29
N THR D 89 28.79 -21.41 35.53
CA THR D 89 27.53 -21.07 36.18
C THR D 89 27.33 -19.53 36.16
N TYR D 90 26.13 -19.06 35.79
CA TYR D 90 25.84 -17.63 35.69
C TYR D 90 24.88 -17.19 36.78
N TYR D 91 25.17 -16.06 37.42
CA TYR D 91 24.38 -15.56 38.52
C TYR D 91 23.88 -14.15 38.27
N CYS D 92 22.62 -13.89 38.61
CA CYS D 92 22.15 -12.50 38.65
C CYS D 92 22.28 -12.05 40.11
N GLN D 93 22.34 -10.72 40.34
CA GLN D 93 22.57 -10.16 41.67
C GLN D 93 21.90 -8.77 41.70
N GLN D 94 21.07 -8.52 42.72
CA GLN D 94 20.36 -7.26 42.79
C GLN D 94 20.87 -6.42 43.91
N ASN D 95 20.73 -5.10 43.75
CA ASN D 95 21.00 -4.21 44.88
C ASN D 95 20.11 -2.98 44.79
N ASN D 96 18.86 -3.15 44.34
CA ASN D 96 17.88 -2.07 44.48
C ASN D 96 17.48 -1.87 45.94
N GLU D 97 17.51 -2.97 46.69
CA GLU D 97 17.31 -2.97 48.15
C GLU D 97 18.35 -3.77 48.89
N ASP D 98 18.46 -3.51 50.19
N ASP D 98 18.46 -3.51 50.19
CA ASP D 98 19.30 -4.30 51.07
CA ASP D 98 19.34 -4.29 51.08
C ASP D 98 18.49 -5.47 51.64
C ASP D 98 18.60 -5.35 51.93
N PRO D 99 19.16 -6.57 52.00
CA PRO D 99 20.54 -6.85 51.58
C PRO D 99 20.67 -7.08 50.07
N TRP D 100 21.88 -6.85 49.54
CA TRP D 100 22.19 -7.28 48.21
C TRP D 100 21.96 -8.82 48.23
N THR D 101 21.40 -9.35 47.16
CA THR D 101 21.13 -10.77 47.03
C THR D 101 21.52 -11.29 45.67
N PHE D 102 21.80 -12.60 45.62
CA PHE D 102 22.13 -13.31 44.41
C PHE D 102 21.04 -14.35 44.09
N GLY D 103 20.83 -14.66 42.81
CA GLY D 103 20.04 -15.82 42.44
C GLY D 103 20.81 -17.12 42.70
N GLY D 104 20.11 -18.22 42.48
CA GLY D 104 20.65 -19.56 42.75
C GLY D 104 21.58 -20.08 41.66
N GLY D 105 21.70 -19.33 40.58
CA GLY D 105 22.63 -19.65 39.49
C GLY D 105 22.05 -20.56 38.42
N THR D 106 22.60 -20.44 37.21
CA THR D 106 22.26 -21.30 36.08
C THR D 106 23.53 -21.87 35.51
N LYS D 107 23.60 -23.19 35.43
CA LYS D 107 24.79 -23.82 34.86
C LYS D 107 24.63 -24.04 33.37
N LEU D 108 25.54 -23.50 32.57
CA LEU D 108 25.47 -23.68 31.11
C LEU D 108 26.39 -24.84 30.80
N GLU D 109 25.82 -25.91 30.26
CA GLU D 109 26.60 -27.03 29.76
C GLU D 109 26.80 -26.86 28.26
N ILE D 110 28.03 -27.06 27.78
CA ILE D 110 28.31 -27.02 26.36
C ILE D 110 27.98 -28.41 25.78
N LYS D 111 27.14 -28.46 24.75
CA LYS D 111 26.63 -29.74 24.28
C LYS D 111 27.47 -30.26 23.13
N ARG D 112 28.66 -30.76 23.45
CA ARG D 112 29.60 -31.21 22.43
C ARG D 112 29.16 -32.60 21.97
N ALA D 113 29.88 -33.17 21.00
CA ALA D 113 29.52 -34.46 20.45
C ALA D 113 29.76 -35.50 21.53
N ASP D 114 28.90 -36.51 21.61
CA ASP D 114 29.06 -37.62 22.57
C ASP D 114 30.44 -38.23 22.45
N ALA D 115 31.09 -38.61 23.58
CA ALA D 115 32.45 -39.17 23.56
C ALA D 115 32.64 -40.25 24.63
N ALA D 116 33.19 -41.40 24.25
CA ALA D 116 33.38 -42.52 25.21
C ALA D 116 34.51 -42.20 26.16
N PRO D 117 34.42 -42.67 27.42
CA PRO D 117 35.56 -42.41 28.35
C PRO D 117 36.80 -43.23 28.05
N THR D 118 37.97 -42.65 28.31
CA THR D 118 39.21 -43.43 28.38
C THR D 118 39.35 -43.90 29.83
N VAL D 119 39.44 -45.22 30.01
CA VAL D 119 39.35 -45.84 31.34
C VAL D 119 40.70 -46.44 31.73
N SER D 120 41.13 -46.19 32.97
CA SER D 120 42.43 -46.70 33.46
C SER D 120 42.26 -47.18 34.89
N ILE D 121 42.79 -48.36 35.21
CA ILE D 121 42.66 -48.97 36.55
C ILE D 121 44.04 -49.05 37.22
N PHE D 122 44.04 -48.88 38.53
CA PHE D 122 45.26 -48.77 39.31
C PHE D 122 45.20 -49.60 40.57
N PRO D 123 46.07 -50.61 40.66
CA PRO D 123 46.19 -51.42 41.88
C PRO D 123 46.63 -50.54 43.05
N PRO D 124 46.32 -50.95 44.30
CA PRO D 124 46.82 -50.24 45.49
C PRO D 124 48.31 -50.07 45.39
N SER D 125 48.86 -48.93 45.82
CA SER D 125 50.31 -48.78 45.84
C SER D 125 50.88 -49.66 46.95
N SER D 126 52.12 -50.08 46.80
CA SER D 126 52.75 -50.90 47.84
C SER D 126 52.78 -50.08 49.11
N GLU D 127 53.07 -48.78 48.96
CA GLU D 127 53.11 -47.85 50.07
C GLU D 127 51.83 -47.89 50.91
N GLN D 128 50.67 -47.99 50.28
CA GLN D 128 49.41 -48.18 51.03
C GLN D 128 49.22 -49.62 51.49
N LEU D 129 49.76 -50.56 50.71
CA LEU D 129 49.75 -51.98 51.08
C LEU D 129 50.69 -52.20 52.27
N THR D 130 51.99 -51.96 52.07
CA THR D 130 53.04 -52.10 53.12
C THR D 130 52.67 -51.35 54.38
N SER D 131 51.37 -51.11 54.55
CA SER D 131 50.86 -50.26 55.62
C SER D 131 49.35 -50.43 55.94
N GLY D 132 48.75 -51.53 55.49
CA GLY D 132 47.42 -51.90 55.98
C GLY D 132 46.18 -51.51 55.19
N GLY D 133 46.36 -50.71 54.14
CA GLY D 133 45.23 -50.26 53.32
C GLY D 133 45.25 -50.77 51.90
N ALA D 134 44.07 -50.84 51.30
CA ALA D 134 43.97 -51.24 49.91
C ALA D 134 42.93 -50.43 49.13
N SER D 135 43.40 -49.46 48.34
CA SER D 135 42.50 -48.71 47.46
C SER D 135 42.77 -49.06 45.99
N VAL D 136 41.71 -49.33 45.25
CA VAL D 136 41.83 -49.55 43.81
C VAL D 136 41.13 -48.39 43.12
N VAL D 137 41.81 -47.72 42.20
CA VAL D 137 41.25 -46.52 41.58
C VAL D 137 41.01 -46.70 40.09
N CYS D 138 39.84 -46.26 39.62
N CYS D 138 39.88 -46.18 39.63
CA CYS D 138 39.56 -46.18 38.19
CA CYS D 138 39.52 -46.18 38.25
C CYS D 138 39.20 -44.76 37.78
C CYS D 138 39.23 -44.73 37.82
N PHE D 139 39.93 -44.26 36.79
CA PHE D 139 39.66 -42.94 36.20
C PHE D 139 38.93 -43.20 34.89
N LEU D 140 37.85 -42.45 34.66
CA LEU D 140 37.08 -42.53 33.43
C LEU D 140 37.20 -41.11 32.87
N ASN D 141 38.11 -40.93 31.93
CA ASN D 141 38.50 -39.59 31.50
C ASN D 141 37.90 -39.12 30.16
N ASN D 142 37.55 -37.85 30.13
CA ASN D 142 37.23 -37.14 28.85
C ASN D 142 36.04 -37.69 28.08
N PHE D 143 34.89 -37.74 28.74
CA PHE D 143 33.66 -38.27 28.13
C PHE D 143 32.52 -37.23 28.10
N TYR D 144 31.52 -37.50 27.28
CA TYR D 144 30.34 -36.66 27.19
C TYR D 144 29.17 -37.51 26.66
N PRO D 145 27.99 -37.42 27.27
CA PRO D 145 27.53 -36.55 28.36
C PRO D 145 28.00 -37.07 29.72
N LYS D 146 27.62 -36.38 30.79
CA LYS D 146 28.12 -36.58 32.14
C LYS D 146 27.61 -37.87 32.81
N ASP D 147 26.40 -38.30 32.44
CA ASP D 147 25.82 -39.56 32.91
C ASP D 147 26.71 -40.77 32.59
N ILE D 148 27.09 -41.47 33.65
CA ILE D 148 28.02 -42.59 33.56
C ILE D 148 27.80 -43.54 34.73
N ASN D 149 27.97 -44.82 34.46
CA ASN D 149 27.82 -45.89 35.45
C ASN D 149 29.12 -46.64 35.55
N VAL D 150 29.57 -46.88 36.79
CA VAL D 150 30.78 -47.64 37.04
C VAL D 150 30.42 -48.83 37.96
N LYS D 151 30.80 -50.02 37.53
CA LYS D 151 30.60 -51.25 38.32
C LYS D 151 31.97 -51.79 38.67
N TRP D 152 32.14 -52.14 39.94
CA TRP D 152 33.35 -52.80 40.41
C TRP D 152 33.02 -54.27 40.61
N LYS D 153 33.89 -55.12 40.08
CA LYS D 153 33.78 -56.56 40.21
C LYS D 153 35.07 -57.13 40.79
N ILE D 154 34.91 -57.95 41.82
CA ILE D 154 36.01 -58.63 42.49
C ILE D 154 35.78 -60.13 42.22
N ASP D 155 36.75 -60.76 41.54
CA ASP D 155 36.60 -62.12 41.01
C ASP D 155 35.27 -62.30 40.29
N GLY D 156 34.91 -61.37 39.42
CA GLY D 156 33.62 -61.40 38.74
C GLY D 156 32.37 -61.28 39.59
N SER D 157 32.49 -61.00 40.89
CA SER D 157 31.32 -60.68 41.72
C SER D 157 31.26 -59.18 42.05
N GLU D 158 30.06 -58.61 41.92
CA GLU D 158 29.83 -57.20 42.12
C GLU D 158 30.06 -56.78 43.57
N ARG D 159 30.74 -55.65 43.76
CA ARG D 159 30.85 -54.98 45.07
C ARG D 159 30.27 -53.57 45.02
N GLN D 160 29.36 -53.27 45.95
CA GLN D 160 28.74 -51.94 46.00
C GLN D 160 29.16 -51.07 47.20
N ASN D 161 29.66 -51.68 48.27
CA ASN D 161 30.07 -50.92 49.46
C ASN D 161 31.52 -50.48 49.40
N GLY D 162 31.82 -49.30 49.93
CA GLY D 162 33.19 -48.81 49.98
C GLY D 162 33.67 -48.16 48.68
N VAL D 163 32.72 -47.70 47.87
CA VAL D 163 33.02 -47.05 46.58
C VAL D 163 32.73 -45.56 46.69
N LEU D 164 33.73 -44.74 46.35
CA LEU D 164 33.62 -43.28 46.39
C LEU D 164 33.83 -42.75 44.97
N ASN D 165 32.87 -41.98 44.48
CA ASN D 165 32.94 -41.41 43.14
C ASN D 165 32.96 -39.88 43.14
N SER D 166 33.71 -39.29 42.20
CA SER D 166 33.78 -37.83 42.07
C SER D 166 33.91 -37.43 40.58
N TRP D 167 33.06 -36.51 40.11
CA TRP D 167 33.11 -35.99 38.75
C TRP D 167 33.83 -34.64 38.75
N THR D 168 34.59 -34.34 37.69
CA THR D 168 35.12 -32.97 37.52
C THR D 168 33.98 -32.06 37.01
N ASP D 169 34.23 -30.74 36.98
CA ASP D 169 33.35 -29.83 36.25
C ASP D 169 33.62 -29.95 34.76
N GLN D 170 32.72 -29.43 33.92
CA GLN D 170 32.94 -29.48 32.48
C GLN D 170 34.25 -28.79 32.04
N ASP D 171 35.03 -29.44 31.18
CA ASP D 171 36.27 -28.81 30.75
C ASP D 171 36.03 -27.56 29.86
N SER D 172 36.75 -26.46 30.15
CA SER D 172 36.57 -25.20 29.41
C SER D 172 37.06 -25.27 27.99
N LYS D 173 37.85 -26.30 27.69
CA LYS D 173 38.49 -26.35 26.40
C LYS D 173 37.87 -27.42 25.49
N ASP D 174 37.70 -28.62 26.02
CA ASP D 174 37.21 -29.70 25.16
C ASP D 174 35.79 -30.14 25.51
N SER D 175 35.23 -29.52 26.54
CA SER D 175 33.82 -29.71 26.93
C SER D 175 33.48 -31.13 27.41
N THR D 176 34.49 -31.89 27.85
CA THR D 176 34.23 -33.21 28.40
C THR D 176 34.15 -33.13 29.94
N TYR D 177 33.73 -34.25 30.51
CA TYR D 177 33.83 -34.52 31.95
C TYR D 177 34.76 -35.68 32.17
N SER D 178 35.25 -35.79 33.39
CA SER D 178 36.04 -36.94 33.80
C SER D 178 35.51 -37.36 35.17
N MET D 179 35.73 -38.64 35.52
CA MET D 179 35.24 -39.15 36.80
C MET D 179 36.25 -40.15 37.39
N SER D 180 36.41 -40.10 38.71
CA SER D 180 37.31 -41.00 39.42
C SER D 180 36.43 -41.88 40.34
N SER D 181 36.72 -43.19 40.36
CA SER D 181 36.06 -44.13 41.28
C SER D 181 37.11 -44.88 42.08
N THR D 182 36.93 -44.88 43.41
CA THR D 182 37.85 -45.55 44.37
C THR D 182 37.08 -46.61 45.18
N LEU D 183 37.51 -47.85 45.01
CA LEU D 183 37.01 -48.95 45.84
C LEU D 183 38.01 -49.12 46.97
N THR D 184 37.56 -49.02 48.22
CA THR D 184 38.48 -49.15 49.35
C THR D 184 38.15 -50.41 50.15
N LEU D 185 39.16 -51.25 50.37
CA LEU D 185 39.06 -52.49 51.13
C LEU D 185 40.15 -52.53 52.18
N THR D 186 40.02 -53.45 53.13
CA THR D 186 41.13 -53.76 54.04
C THR D 186 42.18 -54.51 53.21
N LYS D 187 43.44 -54.44 53.63
CA LYS D 187 44.55 -55.18 53.00
C LYS D 187 44.27 -56.67 52.90
N ASP D 188 43.67 -57.20 53.97
CA ASP D 188 43.34 -58.61 54.08
C ASP D 188 42.33 -59.03 53.03
N GLU D 189 41.26 -58.27 52.87
CA GLU D 189 40.31 -58.59 51.81
C GLU D 189 40.93 -58.55 50.41
N TYR D 190 41.74 -57.53 50.14
CA TYR D 190 42.44 -57.40 48.86
C TYR D 190 43.29 -58.66 48.54
N GLU D 191 44.02 -59.14 49.55
CA GLU D 191 44.89 -60.29 49.37
C GLU D 191 44.18 -61.64 49.31
N ARG D 192 42.87 -61.64 49.58
CA ARG D 192 42.03 -62.83 49.46
C ARG D 192 41.47 -63.01 48.06
N HIS D 193 41.58 -61.99 47.20
CA HIS D 193 41.05 -62.12 45.83
C HIS D 193 42.09 -61.90 44.72
N ASN D 194 41.78 -62.31 43.49
CA ASN D 194 42.76 -62.19 42.42
C ASN D 194 42.46 -61.11 41.39
N SER D 195 41.23 -61.10 40.87
CA SER D 195 40.91 -60.19 39.76
C SER D 195 40.03 -59.03 40.17
N TYR D 196 40.45 -57.85 39.70
CA TYR D 196 39.81 -56.58 40.03
C TYR D 196 39.44 -55.89 38.74
N THR D 197 38.17 -55.48 38.67
CA THR D 197 37.54 -54.98 37.45
C THR D 197 36.71 -53.76 37.67
N CYS D 198 36.98 -52.71 36.92
N CYS D 198 36.99 -52.73 36.86
CA CYS D 198 36.00 -51.63 36.88
CA CYS D 198 36.18 -51.52 36.76
C CYS D 198 35.38 -51.56 35.49
C CYS D 198 35.39 -51.53 35.42
N GLU D 199 34.05 -51.56 35.47
CA GLU D 199 33.24 -51.57 34.21
C GLU D 199 32.50 -50.24 34.04
N ALA D 200 32.76 -49.57 32.93
CA ALA D 200 32.12 -48.28 32.67
C ALA D 200 31.03 -48.47 31.62
N THR D 201 29.81 -48.11 31.98
CA THR D 201 28.68 -48.06 31.04
C THR D 201 28.31 -46.61 30.75
N HIS D 202 28.25 -46.29 29.47
CA HIS D 202 28.03 -44.92 29.01
C HIS D 202 27.22 -45.05 27.72
N LYS D 203 26.43 -44.05 27.40
CA LYS D 203 25.49 -44.19 26.30
C LYS D 203 26.18 -44.35 24.95
N THR D 204 27.49 -44.13 24.89
CA THR D 204 28.28 -44.24 23.66
C THR D 204 28.52 -45.69 23.22
N SER D 205 28.12 -46.64 24.06
CA SER D 205 28.18 -48.04 23.65
C SER D 205 27.19 -48.84 24.42
N THR D 206 26.65 -49.85 23.75
CA THR D 206 25.72 -50.77 24.37
C THR D 206 26.43 -51.74 25.35
N SER D 207 27.73 -51.95 25.15
CA SER D 207 28.47 -52.81 26.05
C SER D 207 29.40 -51.92 26.89
N PRO D 208 29.73 -52.36 28.12
CA PRO D 208 30.62 -51.57 28.97
C PRO D 208 32.08 -51.68 28.55
N ILE D 209 32.89 -50.68 28.91
CA ILE D 209 34.34 -50.68 28.76
C ILE D 209 34.87 -51.30 30.04
N VAL D 210 35.65 -52.38 29.90
CA VAL D 210 36.08 -53.17 31.03
C VAL D 210 37.58 -52.99 31.20
N LYS D 211 38.03 -52.63 32.40
CA LYS D 211 39.46 -52.64 32.70
C LYS D 211 39.69 -53.49 33.94
N SER D 212 40.75 -54.28 33.86
CA SER D 212 41.00 -55.37 34.80
C SER D 212 42.46 -55.57 35.06
N PHE D 213 42.75 -56.12 36.24
CA PHE D 213 44.07 -56.61 36.55
C PHE D 213 43.96 -57.82 37.48
N ASN D 214 44.96 -58.70 37.44
CA ASN D 214 45.07 -59.79 38.40
C ASN D 214 46.18 -59.49 39.38
N ARG D 215 45.88 -59.65 40.66
CA ARG D 215 46.88 -59.41 41.67
C ARG D 215 48.12 -60.31 41.45
N ASN D 216 49.30 -59.76 41.76
CA ASN D 216 50.61 -60.39 41.55
C ASN D 216 50.74 -61.25 40.28
N GLU D 217 50.52 -60.64 39.12
CA GLU D 217 50.59 -61.36 37.86
C GLU D 217 51.65 -60.81 36.90
N PCA E 1 12.44 11.52 -33.47
CA PCA E 1 11.67 10.28 -33.51
CB PCA E 1 12.68 9.19 -33.81
CG PCA E 1 14.01 9.90 -34.10
CD PCA E 1 13.70 11.37 -33.87
OE PCA E 1 14.50 12.29 -34.04
C PCA E 1 10.96 10.04 -32.21
O PCA E 1 11.61 9.94 -31.15
N VAL E 2 9.63 9.99 -32.25
CA VAL E 2 8.82 9.75 -31.05
C VAL E 2 8.93 8.31 -30.56
N GLN E 3 9.19 8.15 -29.26
CA GLN E 3 9.22 6.82 -28.66
C GLN E 3 8.65 6.91 -27.25
N LEU E 4 7.92 5.87 -26.83
CA LEU E 4 7.43 5.71 -25.46
C LEU E 4 7.84 4.29 -24.98
N LYS E 5 8.35 4.20 -23.76
CA LYS E 5 8.77 2.92 -23.16
C LYS E 5 8.23 2.73 -21.75
N GLU E 6 7.35 1.74 -21.62
CA GLU E 6 6.84 1.31 -20.33
C GLU E 6 7.80 0.41 -19.59
N SER E 7 7.87 0.61 -18.29
CA SER E 7 8.57 -0.31 -17.45
C SER E 7 7.69 -0.60 -16.24
N GLY E 8 7.42 -1.88 -16.01
CA GLY E 8 6.53 -2.30 -14.93
C GLY E 8 6.97 -3.59 -14.22
N PRO E 9 6.20 -4.03 -13.19
CA PRO E 9 6.57 -5.31 -12.61
C PRO E 9 5.85 -6.33 -13.47
N VAL E 10 6.56 -7.37 -13.82
CA VAL E 10 5.99 -8.35 -14.72
C VAL E 10 4.91 -9.10 -13.93
N LEU E 11 5.13 -9.24 -12.62
CA LEU E 11 4.25 -9.97 -11.70
C LEU E 11 4.06 -9.17 -10.42
N VAL E 12 2.81 -9.00 -10.00
CA VAL E 12 2.46 -8.29 -8.77
C VAL E 12 1.36 -9.06 -8.05
N ALA E 13 1.49 -9.23 -6.73
CA ALA E 13 0.46 -9.92 -5.91
C ALA E 13 -0.81 -9.05 -5.78
N PRO E 14 -2.00 -9.69 -5.74
CA PRO E 14 -3.30 -9.01 -5.58
C PRO E 14 -3.33 -8.13 -4.35
N SER E 15 -4.25 -7.17 -4.34
CA SER E 15 -4.33 -6.13 -3.32
C SER E 15 -3.02 -5.33 -3.11
N GLN E 16 -1.86 -5.82 -3.60
CA GLN E 16 -0.62 -4.98 -3.62
C GLN E 16 -0.79 -3.85 -4.65
N SER E 17 0.24 -3.02 -4.83
CA SER E 17 0.13 -1.88 -5.75
C SER E 17 0.87 -2.04 -7.09
N LEU E 18 0.23 -1.59 -8.16
CA LEU E 18 0.89 -1.57 -9.47
C LEU E 18 1.54 -0.20 -9.76
N PHE E 19 2.84 -0.18 -10.06
N PHE E 19 2.84 -0.20 -10.06
CA PHE E 19 3.52 1.04 -10.49
CA PHE E 19 3.59 0.99 -10.46
C PHE E 19 4.28 0.83 -11.80
C PHE E 19 4.16 0.73 -11.84
N ILE E 20 3.88 1.61 -12.79
CA ILE E 20 4.48 1.57 -14.11
C ILE E 20 4.98 2.97 -14.46
N SER E 21 6.17 3.06 -15.02
CA SER E 21 6.64 4.32 -15.60
C SER E 21 6.63 4.27 -17.12
N CYS E 22 6.55 5.46 -17.71
CA CYS E 22 6.64 5.65 -19.13
C CYS E 22 7.71 6.72 -19.41
N THR E 23 8.77 6.30 -20.07
CA THR E 23 9.86 7.20 -20.40
C THR E 23 9.68 7.58 -21.87
N VAL E 24 9.59 8.88 -22.17
CA VAL E 24 9.30 9.28 -23.53
C VAL E 24 10.49 10.00 -24.16
N SER E 25 10.56 10.00 -25.48
N SER E 25 10.51 10.02 -25.49
CA SER E 25 11.60 10.72 -26.20
CA SER E 25 11.59 10.64 -26.24
C SER E 25 11.05 11.18 -27.54
C SER E 25 11.02 11.20 -27.54
N GLY E 26 11.66 12.23 -28.10
CA GLY E 26 11.24 12.80 -29.38
C GLY E 26 10.07 13.78 -29.33
N PHE E 27 9.52 14.00 -28.14
CA PHE E 27 8.48 15.01 -27.87
C PHE E 27 8.55 15.38 -26.40
N SER E 28 7.91 16.49 -26.03
CA SER E 28 8.04 16.98 -24.65
C SER E 28 6.70 16.86 -23.95
N LEU E 29 6.73 16.45 -22.68
CA LEU E 29 5.55 16.37 -21.84
C LEU E 29 5.02 17.77 -21.48
N THR E 30 5.82 18.80 -21.72
CA THR E 30 5.35 20.20 -21.49
C THR E 30 4.42 20.64 -22.62
N ARG E 31 4.33 19.82 -23.66
CA ARG E 31 3.58 20.20 -24.86
C ARG E 31 2.49 19.17 -25.18
N TYR E 32 2.68 17.93 -24.73
CA TYR E 32 1.77 16.84 -25.12
C TYR E 32 1.24 16.05 -23.93
N GLY E 33 -0.05 15.70 -23.96
CA GLY E 33 -0.64 14.76 -23.01
C GLY E 33 -0.16 13.34 -23.28
N VAL E 34 -0.20 12.52 -22.23
CA VAL E 34 0.06 11.06 -22.36
C VAL E 34 -1.10 10.30 -21.72
N HIS E 35 -1.62 9.31 -22.46
CA HIS E 35 -2.77 8.49 -22.04
C HIS E 35 -2.26 7.14 -21.55
N TRP E 36 -3.07 6.45 -20.75
CA TRP E 36 -2.76 5.05 -20.40
C TRP E 36 -3.90 4.22 -20.89
N VAL E 37 -3.58 3.16 -21.63
CA VAL E 37 -4.59 2.25 -22.14
C VAL E 37 -4.15 0.84 -21.76
N ARG E 38 -5.11 -0.06 -21.52
CA ARG E 38 -4.71 -1.45 -21.30
C ARG E 38 -5.55 -2.35 -22.18
N GLN E 39 -5.04 -3.57 -22.39
CA GLN E 39 -5.66 -4.55 -23.22
C GLN E 39 -5.60 -5.92 -22.59
N SER E 40 -6.76 -6.55 -22.47
CA SER E 40 -6.84 -7.94 -22.00
C SER E 40 -7.81 -8.78 -22.83
N PRO E 41 -7.66 -10.13 -22.78
CA PRO E 41 -8.69 -10.93 -23.44
C PRO E 41 -10.07 -10.73 -22.84
N GLY E 42 -10.17 -10.62 -21.53
CA GLY E 42 -11.46 -10.52 -20.91
C GLY E 42 -12.21 -9.24 -21.18
N LYS E 43 -11.50 -8.11 -21.26
CA LYS E 43 -12.16 -6.81 -21.28
C LYS E 43 -11.78 -5.96 -22.49
N GLY E 44 -10.89 -6.50 -23.32
CA GLY E 44 -10.43 -5.78 -24.54
C GLY E 44 -9.62 -4.53 -24.24
N LEU E 45 -9.74 -3.54 -25.11
CA LEU E 45 -9.05 -2.25 -24.90
C LEU E 45 -9.85 -1.33 -23.97
N GLU E 46 -9.21 -0.83 -22.93
CA GLU E 46 -9.84 0.07 -21.97
C GLU E 46 -8.93 1.28 -21.80
N TRP E 47 -9.50 2.46 -21.98
CA TRP E 47 -8.80 3.70 -21.73
C TRP E 47 -8.87 3.97 -20.23
N LEU E 48 -7.72 4.17 -19.60
CA LEU E 48 -7.65 4.36 -18.14
C LEU E 48 -7.66 5.85 -17.72
N GLY E 49 -6.95 6.68 -18.48
CA GLY E 49 -6.87 8.11 -18.11
C GLY E 49 -5.78 8.81 -18.86
N VAL E 50 -5.60 10.08 -18.53
CA VAL E 50 -4.59 10.86 -19.23
C VAL E 50 -4.08 11.96 -18.34
N ILE E 51 -2.82 12.34 -18.55
CA ILE E 51 -2.23 13.55 -17.94
C ILE E 51 -1.80 14.52 -19.06
N TRP E 52 -2.42 15.69 -19.08
CA TRP E 52 -2.17 16.64 -20.15
C TRP E 52 -0.91 17.47 -19.88
N ALA E 53 -0.52 18.29 -20.85
CA ALA E 53 0.67 19.12 -20.75
C ALA E 53 0.73 19.94 -19.47
N GLY E 54 -0.38 20.55 -19.10
CA GLY E 54 -0.39 21.47 -17.96
C GLY E 54 -0.50 20.71 -16.64
N GLY E 55 -0.46 19.38 -16.67
CA GLY E 55 -0.57 18.59 -15.42
C GLY E 55 -1.96 18.16 -14.95
N THR E 56 -2.99 18.60 -15.67
N THR E 56 -3.01 18.61 -15.62
CA THR E 56 -4.37 18.16 -15.40
CA THR E 56 -4.33 18.14 -15.22
C THR E 56 -4.53 16.68 -15.72
C THR E 56 -4.51 16.69 -15.67
N THR E 57 -5.31 15.95 -14.91
CA THR E 57 -5.56 14.52 -15.17
C THR E 57 -7.03 14.30 -15.34
N ASN E 58 -7.41 13.43 -16.29
CA ASN E 58 -8.77 12.96 -16.39
C ASN E 58 -8.75 11.43 -16.43
N TYR E 59 -9.65 10.82 -15.67
CA TYR E 59 -9.66 9.37 -15.48
C TYR E 59 -10.91 8.75 -16.00
N ASN E 60 -10.80 7.47 -16.39
CA ASN E 60 -11.96 6.61 -16.56
C ASN E 60 -12.62 6.44 -15.18
N SER E 61 -13.89 6.84 -15.08
CA SER E 61 -14.55 6.82 -13.75
C SER E 61 -14.59 5.43 -13.08
N ALA E 62 -14.69 4.36 -13.86
CA ALA E 62 -14.66 2.98 -13.31
C ALA E 62 -13.41 2.67 -12.46
N PHE E 63 -12.35 3.45 -12.66
CA PHE E 63 -11.06 3.23 -12.05
C PHE E 63 -10.66 4.33 -11.07
N MET E 64 -11.35 5.48 -11.12
CA MET E 64 -10.91 6.65 -10.32
C MET E 64 -10.70 6.34 -8.85
N SER E 65 -11.54 5.47 -8.27
CA SER E 65 -11.34 5.04 -6.89
C SER E 65 -9.90 4.61 -6.55
N ARG E 66 -9.13 4.10 -7.53
CA ARG E 66 -7.85 3.45 -7.18
C ARG E 66 -6.64 3.74 -8.09
N LEU E 67 -6.88 4.57 -9.10
CA LEU E 67 -5.88 4.91 -10.09
C LEU E 67 -5.36 6.34 -9.90
N THR E 68 -4.05 6.51 -9.96
CA THR E 68 -3.41 7.82 -9.97
C THR E 68 -2.39 7.83 -11.09
N ILE E 69 -2.49 8.86 -11.93
CA ILE E 69 -1.52 9.15 -12.97
C ILE E 69 -0.76 10.45 -12.65
N SER E 70 0.54 10.46 -12.85
CA SER E 70 1.31 11.66 -12.57
C SER E 70 2.47 11.71 -13.52
N LYS E 71 3.28 12.76 -13.41
CA LYS E 71 4.43 12.85 -14.31
C LYS E 71 5.52 13.69 -13.70
N ASP E 72 6.70 13.58 -14.27
CA ASP E 72 7.76 14.49 -13.91
C ASP E 72 8.35 15.00 -15.20
N ASN E 73 8.01 16.25 -15.57
CA ASN E 73 8.42 16.80 -16.85
C ASN E 73 9.92 16.77 -17.02
N SER E 74 10.64 17.00 -15.93
CA SER E 74 12.09 17.11 -15.98
C SER E 74 12.78 15.75 -16.23
N LYS E 75 12.11 14.66 -15.90
CA LYS E 75 12.62 13.29 -16.20
C LYS E 75 12.00 12.63 -17.44
N SER E 76 11.16 13.37 -18.20
CA SER E 76 10.45 12.86 -19.37
C SER E 76 9.73 11.56 -19.04
N GLN E 77 9.11 11.51 -17.86
CA GLN E 77 8.45 10.29 -17.40
C GLN E 77 7.04 10.56 -16.97
N VAL E 78 6.17 9.61 -17.30
CA VAL E 78 4.82 9.62 -16.83
C VAL E 78 4.64 8.38 -15.97
N PHE E 79 3.84 8.51 -14.91
CA PHE E 79 3.59 7.38 -14.04
C PHE E 79 2.14 6.99 -13.82
N LEU E 80 1.99 5.69 -13.59
CA LEU E 80 0.71 5.09 -13.29
C LEU E 80 0.86 4.31 -12.01
N LYS E 81 -0.09 4.53 -11.10
CA LYS E 81 -0.17 3.79 -9.85
C LYS E 81 -1.61 3.31 -9.68
N MET E 82 -1.78 2.00 -9.52
CA MET E 82 -3.09 1.45 -9.30
C MET E 82 -3.08 0.57 -8.05
N ASN E 83 -4.05 0.79 -7.16
CA ASN E 83 -4.21 0.04 -5.91
C ASN E 83 -5.31 -1.02 -5.98
N SER E 84 -5.43 -1.82 -4.92
CA SER E 84 -6.55 -2.78 -4.80
C SER E 84 -6.65 -3.65 -6.02
N LEU E 85 -5.52 -4.17 -6.45
CA LEU E 85 -5.45 -4.99 -7.66
C LEU E 85 -6.36 -6.24 -7.59
N GLN E 86 -7.02 -6.54 -8.70
CA GLN E 86 -7.79 -7.76 -8.85
C GLN E 86 -7.17 -8.59 -9.98
N THR E 87 -7.39 -9.90 -9.96
CA THR E 87 -6.71 -10.73 -10.95
C THR E 87 -7.06 -10.34 -12.39
N ASP E 88 -8.27 -9.79 -12.62
CA ASP E 88 -8.60 -9.29 -13.95
C ASP E 88 -7.97 -7.91 -14.31
N ASP E 89 -7.10 -7.41 -13.44
CA ASP E 89 -6.22 -6.31 -13.83
C ASP E 89 -5.02 -6.83 -14.65
N THR E 90 -4.96 -8.14 -14.84
CA THR E 90 -3.92 -8.76 -15.66
C THR E 90 -4.17 -8.23 -17.07
N ALA E 91 -3.15 -7.59 -17.66
CA ALA E 91 -3.34 -6.97 -18.97
C ALA E 91 -1.98 -6.52 -19.50
N ILE E 92 -1.93 -6.14 -20.77
CA ILE E 92 -0.81 -5.36 -21.33
C ILE E 92 -1.13 -3.90 -21.14
N TYR E 93 -0.18 -3.13 -20.61
CA TYR E 93 -0.40 -1.71 -20.26
C TYR E 93 0.46 -0.85 -21.15
N TYR E 94 -0.21 0.08 -21.86
CA TYR E 94 0.45 0.98 -22.79
C TYR E 94 0.38 2.44 -22.32
N CYS E 95 1.46 3.15 -22.49
CA CYS E 95 1.34 4.59 -22.48
C CYS E 95 1.27 5.06 -23.90
N VAL E 96 0.53 6.16 -24.13
CA VAL E 96 0.19 6.56 -25.50
C VAL E 96 0.20 8.08 -25.61
N LYS E 97 0.89 8.59 -26.63
CA LYS E 97 0.97 10.06 -26.90
C LYS E 97 -0.36 10.60 -27.42
N ALA E 98 -0.78 11.75 -26.88
CA ALA E 98 -1.95 12.49 -27.36
C ALA E 98 -1.64 13.14 -28.73
N TYR E 99 -2.67 13.29 -29.56
CA TYR E 99 -2.51 13.75 -30.94
C TYR E 99 -3.86 14.18 -31.40
N ARG E 100 -3.99 15.47 -31.73
CA ARG E 100 -5.27 16.02 -32.22
C ARG E 100 -6.43 15.68 -31.27
N ASN E 101 -7.42 14.94 -31.76
CA ASN E 101 -8.54 14.48 -30.90
C ASN E 101 -8.50 12.97 -30.69
N ALA E 102 -7.28 12.43 -30.71
CA ALA E 102 -7.12 10.99 -30.48
C ALA E 102 -5.73 10.68 -29.97
N MET E 103 -5.09 9.63 -30.51
CA MET E 103 -3.81 9.17 -29.99
C MET E 103 -2.98 8.67 -31.16
N ASP E 104 -1.66 8.96 -31.16
CA ASP E 104 -0.81 8.55 -32.29
C ASP E 104 0.24 7.47 -31.96
N TYR E 105 1.24 7.80 -31.15
CA TYR E 105 2.34 6.87 -30.86
C TYR E 105 2.08 6.10 -29.57
N TRP E 106 2.21 4.78 -29.64
CA TRP E 106 2.04 3.93 -28.48
C TRP E 106 3.40 3.36 -28.09
N GLY E 107 3.59 3.12 -26.79
CA GLY E 107 4.72 2.30 -26.38
C GLY E 107 4.49 0.86 -26.84
N GLN E 108 5.49 -0.01 -26.66
CA GLN E 108 5.26 -1.43 -26.97
C GLN E 108 4.35 -2.14 -25.98
N GLY E 109 4.21 -1.61 -24.76
CA GLY E 109 3.34 -2.20 -23.76
C GLY E 109 4.18 -3.00 -22.79
N THR E 110 3.71 -3.07 -21.56
CA THR E 110 4.36 -3.90 -20.59
C THR E 110 3.32 -4.88 -20.03
N SER E 111 3.72 -6.16 -19.96
CA SER E 111 2.81 -7.20 -19.50
C SER E 111 2.81 -7.22 -18.00
N VAL E 112 1.62 -7.13 -17.42
CA VAL E 112 1.43 -7.13 -15.97
C VAL E 112 0.53 -8.31 -15.61
N THR E 113 1.02 -9.21 -14.77
CA THR E 113 0.18 -10.29 -14.31
C THR E 113 -0.07 -10.14 -12.81
N VAL E 114 -1.34 -10.15 -12.42
CA VAL E 114 -1.75 -10.06 -11.01
C VAL E 114 -2.07 -11.48 -10.51
N SER E 115 -1.19 -11.98 -9.64
CA SER E 115 -1.29 -13.35 -9.13
C SER E 115 -0.45 -13.47 -7.88
N SER E 116 -0.87 -14.36 -6.99
N SER E 116 -0.87 -14.36 -6.99
CA SER E 116 -0.09 -14.67 -5.79
CA SER E 116 -0.10 -14.67 -5.78
C SER E 116 1.00 -15.70 -6.06
C SER E 116 0.92 -15.79 -6.01
N ALA E 117 0.90 -16.38 -7.21
CA ALA E 117 1.81 -17.50 -7.55
C ALA E 117 3.28 -17.09 -7.66
N LYS E 118 4.16 -18.05 -7.41
CA LYS E 118 5.61 -17.81 -7.47
C LYS E 118 6.06 -17.77 -8.92
N THR E 119 7.19 -17.10 -9.16
CA THR E 119 7.84 -17.08 -10.44
C THR E 119 8.55 -18.41 -10.69
N THR E 120 8.37 -18.98 -11.89
CA THR E 120 9.09 -20.24 -12.24
C THR E 120 9.70 -20.08 -13.62
N ALA E 121 11.00 -20.32 -13.69
CA ALA E 121 11.77 -20.16 -14.89
C ALA E 121 11.50 -21.37 -15.82
N PRO E 122 11.54 -21.15 -17.14
CA PRO E 122 11.25 -22.28 -18.04
C PRO E 122 12.42 -23.25 -18.20
N SER E 123 12.10 -24.49 -18.57
CA SER E 123 13.02 -25.42 -19.18
C SER E 123 12.95 -25.26 -20.67
N VAL E 124 14.11 -25.15 -21.28
CA VAL E 124 14.25 -24.90 -22.71
C VAL E 124 14.90 -26.14 -23.33
N TYR E 125 14.15 -26.77 -24.22
CA TYR E 125 14.58 -28.02 -24.81
C TYR E 125 14.73 -27.88 -26.33
N PRO E 126 15.89 -28.25 -26.87
CA PRO E 126 16.06 -28.23 -28.31
C PRO E 126 15.34 -29.38 -29.00
N LEU E 127 14.77 -29.11 -30.19
CA LEU E 127 14.09 -30.13 -30.97
C LEU E 127 14.74 -30.30 -32.32
N ALA E 128 15.46 -31.41 -32.49
CA ALA E 128 16.15 -31.75 -33.72
C ALA E 128 15.31 -32.76 -34.50
N PRO E 129 15.51 -32.84 -35.82
CA PRO E 129 14.68 -33.77 -36.56
C PRO E 129 14.89 -35.22 -36.12
N VAL E 130 13.88 -36.02 -36.36
CA VAL E 130 13.93 -37.47 -36.17
C VAL E 130 15.28 -38.05 -36.63
N CYS E 131 15.95 -38.76 -35.72
CA CYS E 131 17.17 -39.50 -36.04
C CYS E 131 16.99 -40.41 -37.27
N GLY E 132 17.85 -40.22 -38.27
CA GLY E 132 17.79 -41.05 -39.48
C GLY E 132 16.76 -40.70 -40.54
N ASP E 133 15.96 -39.66 -40.31
CA ASP E 133 15.03 -39.17 -41.38
C ASP E 133 15.81 -38.76 -42.62
N THR E 134 15.17 -38.83 -43.79
CA THR E 134 15.78 -38.40 -45.08
C THR E 134 16.15 -36.91 -45.01
N SER E 135 17.33 -36.56 -45.53
CA SER E 135 17.81 -35.19 -45.48
C SER E 135 17.25 -34.45 -46.67
N GLY E 136 16.07 -33.85 -46.47
CA GLY E 136 15.35 -33.23 -47.57
C GLY E 136 15.94 -31.88 -47.97
N SER E 137 15.31 -31.23 -48.95
CA SER E 137 15.80 -29.95 -49.44
C SER E 137 15.64 -28.84 -48.39
N SER E 138 14.68 -29.00 -47.48
CA SER E 138 14.69 -28.09 -46.33
C SER E 138 14.54 -28.87 -45.04
N VAL E 139 14.75 -28.18 -43.93
CA VAL E 139 14.73 -28.86 -42.63
C VAL E 139 14.09 -27.94 -41.58
N THR E 140 13.21 -28.52 -40.76
CA THR E 140 12.57 -27.77 -39.70
C THR E 140 13.15 -28.18 -38.34
N LEU E 141 13.54 -27.18 -37.55
CA LEU E 141 14.00 -27.38 -36.18
C LEU E 141 13.03 -26.67 -35.24
N GLY E 142 13.15 -26.98 -33.95
CA GLY E 142 12.25 -26.40 -32.98
C GLY E 142 12.90 -26.18 -31.64
N CYS E 143 12.19 -25.43 -30.81
CA CYS E 143 12.63 -25.11 -29.46
C CYS E 143 11.37 -25.23 -28.60
N LEU E 144 11.46 -25.90 -27.46
CA LEU E 144 10.30 -26.10 -26.59
C LEU E 144 10.56 -25.43 -25.25
N VAL E 145 9.71 -24.49 -24.91
CA VAL E 145 9.86 -23.67 -23.70
C VAL E 145 8.76 -24.05 -22.68
N LYS E 146 9.15 -24.77 -21.64
CA LYS E 146 8.15 -25.48 -20.86
C LYS E 146 8.19 -25.15 -19.38
N GLY E 147 7.00 -25.02 -18.81
CA GLY E 147 6.80 -24.96 -17.35
C GLY E 147 7.25 -23.64 -16.73
N TYR E 148 6.83 -22.52 -17.31
CA TYR E 148 7.15 -21.20 -16.73
C TYR E 148 5.97 -20.36 -16.24
N PHE E 149 6.27 -19.38 -15.40
CA PHE E 149 5.25 -18.47 -14.95
C PHE E 149 5.96 -17.27 -14.38
N PRO E 150 5.46 -16.05 -14.68
CA PRO E 150 4.32 -15.73 -15.57
C PRO E 150 4.81 -15.47 -16.99
N GLU E 151 3.89 -15.11 -17.88
CA GLU E 151 4.26 -14.51 -19.17
C GLU E 151 4.92 -13.16 -18.83
N PRO E 152 5.80 -12.65 -19.71
CA PRO E 152 6.15 -13.25 -21.00
C PRO E 152 7.54 -13.91 -21.07
N VAL E 153 7.78 -14.61 -22.16
CA VAL E 153 9.14 -14.95 -22.57
C VAL E 153 9.43 -14.31 -23.93
N THR E 154 10.70 -14.06 -24.24
CA THR E 154 11.08 -13.66 -25.59
C THR E 154 11.97 -14.76 -26.14
N LEU E 155 11.68 -15.14 -27.38
CA LEU E 155 12.43 -16.22 -28.02
C LEU E 155 13.00 -15.71 -29.32
N THR E 156 14.28 -15.94 -29.57
CA THR E 156 14.87 -15.59 -30.85
C THR E 156 15.67 -16.80 -31.35
N TRP E 157 16.04 -16.75 -32.62
CA TRP E 157 16.96 -17.73 -33.17
C TRP E 157 18.24 -17.02 -33.59
N ASN E 158 19.39 -17.54 -33.18
CA ASN E 158 20.70 -16.93 -33.50
C ASN E 158 20.71 -15.44 -33.18
N SER E 159 20.28 -15.14 -31.95
CA SER E 159 20.24 -13.78 -31.41
C SER E 159 19.43 -12.81 -32.23
N GLY E 160 18.38 -13.29 -32.89
CA GLY E 160 17.51 -12.46 -33.72
C GLY E 160 17.96 -12.31 -35.17
N SER E 161 19.16 -12.79 -35.48
CA SER E 161 19.70 -12.81 -36.86
C SER E 161 18.90 -13.70 -37.79
N LEU E 162 18.47 -14.86 -37.29
CA LEU E 162 17.65 -15.77 -38.09
C LEU E 162 16.16 -15.51 -37.84
N SER E 163 15.47 -14.95 -38.82
CA SER E 163 14.06 -14.57 -38.64
C SER E 163 13.16 -15.06 -39.77
N SER E 164 13.74 -15.26 -40.95
CA SER E 164 13.04 -15.93 -42.05
C SER E 164 12.60 -17.34 -41.63
N GLY E 165 11.35 -17.68 -41.89
CA GLY E 165 10.85 -19.06 -41.73
C GLY E 165 10.69 -19.49 -40.27
N VAL E 166 10.48 -18.51 -39.39
CA VAL E 166 10.30 -18.79 -37.96
C VAL E 166 8.79 -18.71 -37.65
N HIS E 167 8.29 -19.65 -36.85
CA HIS E 167 6.95 -19.55 -36.27
C HIS E 167 7.05 -19.71 -34.78
N THR E 168 6.65 -18.67 -34.07
CA THR E 168 6.72 -18.73 -32.59
C THR E 168 5.28 -18.75 -32.12
N PHE E 169 4.91 -19.76 -31.35
CA PHE E 169 3.51 -20.09 -31.08
C PHE E 169 3.08 -19.47 -29.74
N PRO E 170 1.88 -18.89 -29.69
CA PRO E 170 1.41 -18.35 -28.41
C PRO E 170 1.43 -19.39 -27.27
N ALA E 171 1.90 -18.96 -26.11
CA ALA E 171 1.93 -19.78 -24.89
C ALA E 171 0.54 -20.29 -24.50
N VAL E 172 0.44 -21.49 -23.97
CA VAL E 172 -0.86 -21.95 -23.46
C VAL E 172 -0.66 -22.41 -22.03
N LEU E 173 -1.61 -22.05 -21.17
CA LEU E 173 -1.50 -22.24 -19.72
C LEU E 173 -2.08 -23.60 -19.33
N GLN E 174 -1.28 -24.42 -18.64
CA GLN E 174 -1.69 -25.75 -18.23
C GLN E 174 -1.14 -26.07 -16.85
N SER E 175 -2.03 -26.45 -15.94
CA SER E 175 -1.66 -26.73 -14.53
C SER E 175 -0.83 -25.60 -13.95
N ASP E 176 -1.31 -24.37 -14.10
CA ASP E 176 -0.66 -23.17 -13.57
C ASP E 176 0.73 -22.82 -14.17
N LEU E 177 1.13 -23.51 -15.24
CA LEU E 177 2.41 -23.17 -15.89
C LEU E 177 2.18 -23.01 -17.40
N TYR E 178 3.06 -22.23 -18.03
CA TYR E 178 2.97 -22.00 -19.47
C TYR E 178 3.92 -22.84 -20.26
N THR E 179 3.54 -23.08 -21.50
CA THR E 179 4.44 -23.73 -22.44
C THR E 179 4.28 -23.04 -23.78
N LEU E 180 5.41 -22.83 -24.46
CA LEU E 180 5.36 -22.34 -25.81
C LEU E 180 6.44 -23.00 -26.62
N SER E 181 6.30 -22.91 -27.94
CA SER E 181 7.23 -23.57 -28.83
C SER E 181 7.51 -22.61 -29.96
N SER E 182 8.62 -22.84 -30.64
CA SER E 182 8.92 -22.08 -31.86
C SER E 182 9.55 -23.03 -32.86
N SER E 183 9.17 -22.89 -34.12
CA SER E 183 9.90 -23.62 -35.15
C SER E 183 10.65 -22.70 -36.10
N VAL E 184 11.70 -23.24 -36.71
CA VAL E 184 12.35 -22.51 -37.80
C VAL E 184 12.74 -23.48 -38.90
N THR E 185 12.52 -23.08 -40.16
CA THR E 185 12.74 -23.89 -41.36
C THR E 185 13.78 -23.22 -42.26
N VAL E 186 14.82 -24.00 -42.59
CA VAL E 186 15.99 -23.53 -43.35
C VAL E 186 16.32 -24.59 -44.41
N THR E 187 17.16 -24.25 -45.38
CA THR E 187 17.55 -25.20 -46.41
C THR E 187 18.47 -26.24 -45.83
N SER E 188 18.58 -27.35 -46.54
CA SER E 188 19.61 -28.37 -46.33
C SER E 188 21.05 -27.84 -46.29
N SER E 189 21.36 -26.86 -47.14
CA SER E 189 22.71 -26.26 -47.17
C SER E 189 23.01 -25.41 -45.93
N THR E 190 21.95 -25.08 -45.19
CA THR E 190 22.09 -24.25 -44.00
C THR E 190 22.39 -25.03 -42.73
N TRP E 191 21.65 -26.12 -42.50
CA TRP E 191 21.78 -26.84 -41.26
C TRP E 191 21.92 -28.33 -41.55
N PRO E 192 22.83 -29.02 -40.85
CA PRO E 192 23.63 -28.53 -39.73
C PRO E 192 25.00 -27.92 -40.03
N SER E 193 25.26 -27.50 -41.27
CA SER E 193 26.50 -26.76 -41.59
C SER E 193 26.70 -25.57 -40.67
N GLN E 194 25.60 -24.88 -40.35
CA GLN E 194 25.69 -23.71 -39.49
C GLN E 194 25.07 -23.99 -38.15
N SER E 195 25.56 -23.28 -37.15
CA SER E 195 25.01 -23.34 -35.84
C SER E 195 23.66 -22.61 -35.83
N ILE E 196 22.65 -23.25 -35.25
CA ILE E 196 21.36 -22.61 -35.04
C ILE E 196 21.00 -22.86 -33.58
N THR E 197 20.66 -21.78 -32.88
CA THR E 197 20.50 -21.77 -31.42
C THR E 197 19.25 -20.97 -31.10
N CYS E 198 18.39 -21.50 -30.23
CA CYS E 198 17.30 -20.70 -29.68
C CYS E 198 17.73 -20.05 -28.38
N ASN E 199 17.41 -18.76 -28.28
CA ASN E 199 17.66 -17.95 -27.11
C ASN E 199 16.31 -17.64 -26.47
N VAL E 200 16.18 -17.88 -25.18
CA VAL E 200 14.92 -17.67 -24.49
C VAL E 200 15.23 -16.81 -23.28
N ALA E 201 14.54 -15.68 -23.15
CA ALA E 201 14.68 -14.84 -21.96
C ALA E 201 13.35 -14.83 -21.25
N HIS E 202 13.37 -14.92 -19.92
CA HIS E 202 12.17 -14.84 -19.11
C HIS E 202 12.42 -13.81 -17.98
N PRO E 203 11.99 -12.55 -18.22
CA PRO E 203 12.36 -11.39 -17.37
C PRO E 203 12.00 -11.58 -15.90
N ALA E 204 10.82 -12.15 -15.66
CA ALA E 204 10.30 -12.39 -14.32
C ALA E 204 11.30 -13.15 -13.46
N SER E 205 12.07 -14.06 -14.05
CA SER E 205 13.00 -14.88 -13.29
C SER E 205 14.44 -14.47 -13.49
N SER E 206 14.67 -13.47 -14.34
CA SER E 206 16.03 -12.99 -14.68
C SER E 206 16.88 -14.00 -15.42
N THR E 207 16.22 -14.94 -16.11
CA THR E 207 16.95 -15.99 -16.81
C THR E 207 17.01 -15.75 -18.30
N LYS E 208 18.11 -16.22 -18.87
CA LYS E 208 18.44 -16.09 -20.27
C LYS E 208 19.15 -17.40 -20.60
N VAL E 209 18.62 -18.14 -21.56
CA VAL E 209 19.10 -19.50 -21.84
C VAL E 209 19.29 -19.65 -23.34
N ASP E 210 20.40 -20.27 -23.73
CA ASP E 210 20.66 -20.61 -25.12
C ASP E 210 20.68 -22.12 -25.26
N LYS E 211 20.08 -22.64 -26.32
CA LYS E 211 20.10 -24.05 -26.59
C LYS E 211 20.42 -24.23 -28.05
N LYS E 212 21.63 -24.72 -28.31
CA LYS E 212 22.04 -25.09 -29.65
C LYS E 212 21.26 -26.36 -30.05
N ILE E 213 20.76 -26.39 -31.29
CA ILE E 213 20.09 -27.57 -31.88
C ILE E 213 21.14 -28.48 -32.48
N GLU E 214 21.28 -29.68 -31.93
CA GLU E 214 22.27 -30.65 -32.40
C GLU E 214 21.59 -31.81 -33.12
N PRO E 215 22.17 -32.31 -34.23
CA PRO E 215 21.63 -33.56 -34.82
C PRO E 215 21.57 -34.63 -33.76
N ARG E 216 20.48 -35.43 -33.74
CA ARG E 216 20.32 -36.53 -32.79
C ARG E 216 21.27 -37.67 -33.16
N GLY E 217 21.43 -37.93 -34.36
N ASN F 1 -21.60 5.30 -20.04
CA ASN F 1 -20.57 4.96 -21.06
C ASN F 1 -21.24 4.86 -22.42
N ILE F 2 -20.63 5.47 -23.43
CA ILE F 2 -21.02 5.17 -24.79
C ILE F 2 -20.40 3.80 -25.16
N VAL F 3 -21.25 2.86 -25.57
CA VAL F 3 -20.77 1.52 -25.99
C VAL F 3 -20.60 1.45 -27.50
N LEU F 4 -19.49 0.86 -27.96
CA LEU F 4 -19.28 0.70 -29.39
C LEU F 4 -19.35 -0.81 -29.73
N SER F 5 -20.17 -1.13 -30.72
CA SER F 5 -20.38 -2.53 -31.10
C SER F 5 -19.96 -2.65 -32.52
N GLN F 6 -19.01 -3.53 -32.76
CA GLN F 6 -18.49 -3.73 -34.08
C GLN F 6 -19.05 -5.03 -34.67
N SER F 7 -19.30 -5.02 -35.97
CA SER F 7 -19.70 -6.25 -36.67
C SER F 7 -19.14 -6.26 -38.10
N PRO F 8 -18.86 -7.47 -38.65
CA PRO F 8 -18.97 -8.75 -37.94
C PRO F 8 -17.76 -8.90 -37.01
N GLY F 9 -17.75 -9.93 -36.17
CA GLY F 9 -16.56 -10.19 -35.30
C GLY F 9 -15.35 -10.52 -36.14
N SER F 10 -15.58 -11.25 -37.25
CA SER F 10 -14.54 -11.72 -38.16
C SER F 10 -15.08 -11.64 -39.57
N LEU F 11 -14.20 -11.31 -40.50
CA LEU F 11 -14.57 -11.23 -41.91
C LEU F 11 -13.38 -11.81 -42.64
N ALA F 12 -13.64 -12.64 -43.68
CA ALA F 12 -12.59 -13.15 -44.58
C ALA F 12 -12.83 -12.55 -45.96
N VAL F 13 -11.82 -11.86 -46.51
CA VAL F 13 -11.93 -11.20 -47.82
C VAL F 13 -10.73 -11.58 -48.69
N SER F 14 -10.98 -11.81 -50.00
CA SER F 14 -9.90 -12.15 -50.92
C SER F 14 -9.04 -10.96 -51.24
N LEU F 15 -7.76 -11.22 -51.49
CA LEU F 15 -6.82 -10.21 -52.00
C LEU F 15 -7.42 -9.51 -53.21
N GLY F 16 -7.32 -8.17 -53.25
CA GLY F 16 -7.84 -7.40 -54.38
C GLY F 16 -9.30 -6.99 -54.22
N GLN F 17 -9.99 -7.52 -53.23
CA GLN F 17 -11.40 -7.24 -53.06
C GLN F 17 -11.66 -6.18 -51.97
N ARG F 18 -12.94 -5.88 -51.73
CA ARG F 18 -13.33 -4.80 -50.82
C ARG F 18 -13.75 -5.37 -49.47
N ALA F 19 -13.25 -4.79 -48.38
CA ALA F 19 -13.72 -5.16 -47.06
C ALA F 19 -14.38 -3.96 -46.42
N THR F 20 -15.53 -4.19 -45.78
CA THR F 20 -16.30 -3.14 -45.14
C THR F 20 -16.70 -3.59 -43.75
N ILE F 21 -16.27 -2.85 -42.75
CA ILE F 21 -16.58 -3.25 -41.41
C ILE F 21 -17.34 -2.15 -40.71
N SER F 22 -18.21 -2.53 -39.78
CA SER F 22 -19.12 -1.56 -39.17
C SER F 22 -18.88 -1.33 -37.70
N CYS F 23 -19.17 -0.11 -37.25
CA CYS F 23 -19.12 0.23 -35.83
C CYS F 23 -20.41 0.98 -35.53
N ARG F 24 -21.09 0.57 -34.45
N ARG F 24 -21.14 0.55 -34.49
CA ARG F 24 -22.36 1.17 -34.04
CA ARG F 24 -22.39 1.22 -34.08
C ARG F 24 -22.20 1.69 -32.62
C ARG F 24 -22.26 1.69 -32.64
N ALA F 25 -22.49 2.97 -32.43
CA ALA F 25 -22.39 3.58 -31.11
C ALA F 25 -23.77 3.57 -30.42
N SER F 26 -23.78 3.40 -29.10
CA SER F 26 -25.06 3.33 -28.38
C SER F 26 -25.80 4.68 -28.28
N LYS F 27 -25.09 5.77 -28.57
CA LYS F 27 -25.56 7.15 -28.46
C LYS F 27 -24.77 7.95 -29.50
N SER F 28 -25.33 9.03 -30.06
CA SER F 28 -24.59 9.81 -31.07
C SER F 28 -23.22 10.23 -30.58
N VAL F 29 -22.22 10.23 -31.46
CA VAL F 29 -20.88 10.67 -31.08
C VAL F 29 -20.52 12.02 -31.73
N ASP F 30 -21.53 12.69 -32.27
CA ASP F 30 -21.34 13.91 -33.04
C ASP F 30 -21.49 15.15 -32.18
N THR F 31 -20.60 16.12 -32.38
CA THR F 31 -20.76 17.46 -31.82
C THR F 31 -20.29 18.39 -32.93
N TYR F 32 -21.08 19.41 -33.27
CA TYR F 32 -20.65 20.40 -34.28
C TYR F 32 -20.45 19.76 -35.67
N GLY F 33 -21.28 18.75 -35.96
CA GLY F 33 -21.23 18.00 -37.21
C GLY F 33 -20.03 17.08 -37.35
N HIS F 34 -19.18 17.05 -36.32
CA HIS F 34 -17.98 16.20 -36.31
C HIS F 34 -18.27 14.98 -35.48
N SER F 35 -17.82 13.83 -35.97
CA SER F 35 -17.98 12.56 -35.29
C SER F 35 -16.72 12.24 -34.54
N PHE F 36 -16.79 12.30 -33.20
CA PHE F 36 -15.65 11.92 -32.32
C PHE F 36 -15.48 10.42 -32.16
N ILE F 37 -15.05 9.80 -33.23
CA ILE F 37 -14.82 8.35 -33.26
C ILE F 37 -13.75 8.12 -34.30
N HIS F 38 -12.90 7.11 -34.07
CA HIS F 38 -11.66 7.00 -34.81
C HIS F 38 -11.39 5.53 -35.03
N TRP F 39 -10.60 5.20 -36.05
CA TRP F 39 -10.32 3.83 -36.38
C TRP F 39 -8.85 3.54 -36.24
N TYR F 40 -8.56 2.36 -35.68
CA TYR F 40 -7.20 1.89 -35.43
C TYR F 40 -7.00 0.49 -36.01
N GLN F 41 -5.78 0.20 -36.46
CA GLN F 41 -5.42 -1.13 -36.95
C GLN F 41 -4.48 -1.72 -35.88
N GLN F 42 -4.67 -2.98 -35.51
CA GLN F 42 -3.72 -3.66 -34.65
C GLN F 42 -3.21 -4.93 -35.30
N LYS F 43 -1.94 -4.91 -35.72
CA LYS F 43 -1.30 -6.08 -36.27
C LYS F 43 -0.78 -6.94 -35.12
N PRO F 44 -0.65 -8.27 -35.33
CA PRO F 44 -0.25 -9.14 -34.21
C PRO F 44 1.06 -8.70 -33.60
N GLY F 45 1.14 -8.73 -32.28
CA GLY F 45 2.34 -8.34 -31.54
C GLY F 45 2.68 -6.86 -31.56
N GLN F 46 1.79 -6.02 -32.10
CA GLN F 46 1.98 -4.55 -32.12
C GLN F 46 0.88 -3.86 -31.32
N PRO F 47 1.11 -2.59 -30.89
CA PRO F 47 -0.04 -1.85 -30.36
C PRO F 47 -0.98 -1.41 -31.51
N PRO F 48 -2.20 -0.98 -31.20
CA PRO F 48 -3.03 -0.37 -32.27
C PRO F 48 -2.38 0.90 -32.83
N ASN F 49 -2.84 1.30 -34.02
CA ASN F 49 -2.31 2.48 -34.68
C ASN F 49 -3.43 3.13 -35.43
N LEU F 50 -3.53 4.45 -35.27
CA LEU F 50 -4.62 5.23 -35.81
C LEU F 50 -4.54 5.33 -37.31
N LEU F 51 -5.65 5.00 -37.97
CA LEU F 51 -5.77 5.07 -39.42
C LEU F 51 -6.60 6.26 -39.84
N ILE F 52 -7.73 6.45 -39.17
CA ILE F 52 -8.76 7.39 -39.60
C ILE F 52 -9.15 8.23 -38.37
N HIS F 53 -9.02 9.55 -38.51
CA HIS F 53 -9.25 10.47 -37.37
C HIS F 53 -10.60 11.14 -37.60
N LEU F 54 -11.41 11.30 -36.56
CA LEU F 54 -12.74 11.95 -36.70
C LEU F 54 -13.59 11.33 -37.81
N ALA F 55 -13.76 10.02 -37.74
CA ALA F 55 -14.60 9.22 -38.64
C ALA F 55 -14.22 9.11 -40.11
N SER F 56 -13.72 10.20 -40.69
CA SER F 56 -13.45 10.18 -42.10
C SER F 56 -12.13 10.81 -42.55
N ASN F 57 -11.33 11.38 -41.64
CA ASN F 57 -10.04 11.98 -42.06
C ASN F 57 -8.89 10.99 -42.10
N LEU F 58 -8.44 10.63 -43.30
CA LEU F 58 -7.36 9.65 -43.44
C LEU F 58 -6.05 10.19 -42.90
N GLU F 59 -5.41 9.45 -42.02
CA GLU F 59 -4.16 9.89 -41.45
C GLU F 59 -3.07 9.96 -42.49
N SER F 60 -2.24 10.99 -42.35
CA SER F 60 -1.14 11.23 -43.26
C SER F 60 -0.27 10.00 -43.30
N GLY F 61 0.00 9.50 -44.48
CA GLY F 61 0.89 8.35 -44.60
C GLY F 61 0.15 7.03 -44.56
N VAL F 62 -1.13 7.06 -44.23
CA VAL F 62 -1.95 5.85 -44.38
C VAL F 62 -2.39 5.71 -45.86
N PRO F 63 -2.28 4.49 -46.45
CA PRO F 63 -2.64 4.39 -47.85
C PRO F 63 -4.09 4.77 -48.10
N ALA F 64 -4.32 5.33 -49.27
CA ALA F 64 -5.63 5.73 -49.71
C ALA F 64 -6.62 4.57 -49.86
N ARG F 65 -6.15 3.32 -49.76
CA ARG F 65 -7.05 2.14 -49.78
C ARG F 65 -8.02 2.11 -48.58
N PHE F 66 -7.68 2.85 -47.53
CA PHE F 66 -8.47 2.93 -46.30
C PHE F 66 -9.40 4.13 -46.35
N SER F 67 -10.67 3.91 -46.04
CA SER F 67 -11.58 5.05 -45.96
C SER F 67 -12.63 4.85 -44.89
N GLY F 68 -13.06 5.96 -44.29
CA GLY F 68 -14.06 5.95 -43.22
C GLY F 68 -15.28 6.75 -43.61
N ARG F 69 -16.46 6.23 -43.23
CA ARG F 69 -17.73 6.90 -43.49
C ARG F 69 -18.59 6.87 -42.22
N GLY F 70 -19.51 7.82 -42.14
CA GLY F 70 -20.54 7.76 -41.13
C GLY F 70 -20.77 9.06 -40.39
N SER F 71 -21.84 9.05 -39.62
CA SER F 71 -22.30 10.14 -38.76
C SER F 71 -23.30 9.58 -37.73
N GLY F 72 -23.47 10.32 -36.63
CA GLY F 72 -24.40 9.96 -35.56
C GLY F 72 -23.98 8.70 -34.82
N THR F 73 -24.64 7.58 -35.16
CA THR F 73 -24.30 6.30 -34.50
C THR F 73 -23.73 5.24 -35.43
N ASP F 74 -23.70 5.47 -36.74
CA ASP F 74 -23.31 4.41 -37.68
C ASP F 74 -22.08 4.78 -38.49
N PHE F 75 -21.05 3.95 -38.38
CA PHE F 75 -19.77 4.18 -39.01
C PHE F 75 -19.28 2.94 -39.71
N THR F 76 -18.51 3.13 -40.77
CA THR F 76 -17.92 2.01 -41.49
C THR F 76 -16.48 2.34 -41.83
N LEU F 77 -15.67 1.30 -41.85
CA LEU F 77 -14.33 1.42 -42.34
C LEU F 77 -14.28 0.50 -43.55
N THR F 78 -13.73 1.00 -44.65
CA THR F 78 -13.63 0.25 -45.90
C THR F 78 -12.19 0.15 -46.30
N ILE F 79 -11.76 -1.07 -46.64
CA ILE F 79 -10.43 -1.27 -47.18
C ILE F 79 -10.64 -1.84 -48.58
N ASP F 80 -10.10 -1.13 -49.57
CA ASP F 80 -10.36 -1.48 -50.98
C ASP F 80 -9.29 -0.86 -51.83
N PRO F 81 -8.43 -1.71 -52.47
CA PRO F 81 -8.38 -3.19 -52.42
C PRO F 81 -7.59 -3.75 -51.23
N VAL F 82 -8.05 -4.88 -50.67
CA VAL F 82 -7.40 -5.51 -49.50
C VAL F 82 -6.07 -6.13 -49.91
N GLU F 83 -5.04 -5.93 -49.09
CA GLU F 83 -3.71 -6.53 -49.31
C GLU F 83 -3.35 -7.46 -48.15
N ALA F 84 -2.37 -8.32 -48.38
CA ALA F 84 -1.93 -9.30 -47.37
C ALA F 84 -1.61 -8.63 -46.03
N ASP F 85 -0.92 -7.50 -46.08
CA ASP F 85 -0.50 -6.75 -44.89
C ASP F 85 -1.70 -6.32 -44.03
N ASP F 86 -2.89 -6.35 -44.62
CA ASP F 86 -4.09 -5.87 -43.94
C ASP F 86 -4.67 -6.85 -42.94
N ALA F 87 -4.06 -8.05 -42.86
CA ALA F 87 -4.48 -9.09 -41.92
C ALA F 87 -4.25 -8.61 -40.48
N ALA F 88 -5.31 -8.31 -39.77
CA ALA F 88 -5.18 -7.57 -38.52
C ALA F 88 -6.55 -7.42 -37.89
N THR F 89 -6.60 -6.90 -36.66
CA THR F 89 -7.85 -6.55 -36.02
C THR F 89 -8.00 -5.01 -36.03
N TYR F 90 -9.20 -4.57 -36.43
CA TYR F 90 -9.56 -3.17 -36.53
C TYR F 90 -10.49 -2.76 -35.39
N TYR F 91 -10.23 -1.59 -34.80
CA TYR F 91 -11.02 -1.10 -33.66
C TYR F 91 -11.50 0.30 -33.91
N CYS F 92 -12.76 0.56 -33.56
CA CYS F 92 -13.25 1.94 -33.48
C CYS F 92 -13.10 2.37 -32.03
N GLN F 93 -13.08 3.69 -31.81
CA GLN F 93 -12.86 4.26 -30.51
C GLN F 93 -13.50 5.68 -30.52
N GLN F 94 -14.34 5.97 -29.52
CA GLN F 94 -15.03 7.26 -29.43
C GLN F 94 -14.51 8.06 -28.25
N ASN F 95 -14.57 9.39 -28.38
CA ASN F 95 -14.32 10.28 -27.26
C ASN F 95 -15.23 11.50 -27.34
N ASN F 96 -16.47 11.32 -27.82
CA ASN F 96 -17.48 12.36 -27.64
C ASN F 96 -17.87 12.53 -26.19
N GLU F 97 -17.84 11.44 -25.41
CA GLU F 97 -18.10 11.50 -23.95
C GLU F 97 -17.04 10.70 -23.22
N ASP F 98 -16.84 11.01 -21.93
N ASP F 98 -16.84 11.02 -21.93
CA ASP F 98 -15.97 10.17 -21.11
CA ASP F 98 -15.97 10.18 -21.09
C ASP F 98 -16.81 9.05 -20.50
C ASP F 98 -16.74 9.12 -20.30
N PRO F 99 -16.15 7.92 -20.16
CA PRO F 99 -14.76 7.62 -20.54
C PRO F 99 -14.62 7.41 -22.06
N TRP F 100 -13.43 7.65 -22.63
CA TRP F 100 -13.16 7.20 -23.99
C TRP F 100 -13.38 5.69 -23.96
N THR F 101 -13.97 5.16 -25.01
CA THR F 101 -14.18 3.70 -25.10
C THR F 101 -13.88 3.14 -26.51
N PHE F 102 -13.56 1.84 -26.53
CA PHE F 102 -13.22 1.12 -27.75
C PHE F 102 -14.30 0.07 -28.04
N GLY F 103 -14.47 -0.23 -29.32
CA GLY F 103 -15.31 -1.32 -29.76
C GLY F 103 -14.55 -2.60 -29.53
N GLY F 104 -15.24 -3.71 -29.75
CA GLY F 104 -14.70 -5.02 -29.38
C GLY F 104 -13.76 -5.56 -30.44
N GLY F 105 -13.74 -4.90 -31.60
CA GLY F 105 -12.81 -5.24 -32.66
C GLY F 105 -13.40 -6.15 -33.73
N THR F 106 -12.82 -6.03 -34.91
CA THR F 106 -13.14 -6.89 -36.04
C THR F 106 -11.84 -7.44 -36.65
N LYS F 107 -11.76 -8.76 -36.79
CA LYS F 107 -10.53 -9.35 -37.28
C LYS F 107 -10.73 -9.51 -38.77
N LEU F 108 -9.79 -9.03 -39.57
CA LEU F 108 -9.91 -9.20 -41.02
C LEU F 108 -9.00 -10.35 -41.37
N GLU F 109 -9.58 -11.41 -41.94
CA GLU F 109 -8.82 -12.56 -42.41
C GLU F 109 -8.71 -12.42 -43.92
N ILE F 110 -7.48 -12.53 -44.43
CA ILE F 110 -7.22 -12.45 -45.86
C ILE F 110 -7.51 -13.85 -46.38
N LYS F 111 -8.37 -13.95 -47.41
CA LYS F 111 -8.79 -15.27 -47.91
C LYS F 111 -7.92 -15.69 -49.08
N ARG F 112 -6.75 -16.24 -48.78
CA ARG F 112 -5.83 -16.74 -49.79
C ARG F 112 -6.29 -18.12 -50.29
N ALA F 113 -5.62 -18.65 -51.33
CA ALA F 113 -5.85 -20.02 -51.82
C ALA F 113 -5.62 -20.99 -50.68
N ASP F 114 -6.48 -21.99 -50.56
CA ASP F 114 -6.29 -23.12 -49.64
C ASP F 114 -4.88 -23.70 -49.79
N ALA F 115 -4.24 -24.07 -48.67
CA ALA F 115 -2.89 -24.69 -48.70
C ALA F 115 -2.79 -25.71 -47.60
N ALA F 116 -2.22 -26.88 -47.96
CA ALA F 116 -2.05 -27.99 -47.02
C ALA F 116 -0.86 -27.70 -46.09
N PRO F 117 -0.89 -28.21 -44.84
CA PRO F 117 0.21 -27.93 -43.92
C PRO F 117 1.50 -28.72 -44.22
N THR F 118 2.65 -28.11 -43.94
CA THR F 118 3.91 -28.83 -43.86
C THR F 118 4.04 -29.35 -42.43
N VAL F 119 4.11 -30.67 -42.27
CA VAL F 119 4.06 -31.29 -40.93
C VAL F 119 5.43 -31.89 -40.56
N SER F 120 5.87 -31.64 -39.33
CA SER F 120 7.14 -32.16 -38.81
C SER F 120 6.93 -32.69 -37.42
N ILE F 121 7.49 -33.86 -37.12
CA ILE F 121 7.34 -34.42 -35.76
C ILE F 121 8.69 -34.46 -35.05
N PHE F 122 8.67 -34.30 -33.71
CA PHE F 122 9.90 -34.19 -32.95
C PHE F 122 9.81 -35.03 -31.70
N PRO F 123 10.69 -36.02 -31.59
CA PRO F 123 10.77 -36.82 -30.37
C PRO F 123 11.18 -35.96 -29.16
N PRO F 124 10.92 -36.45 -27.94
CA PRO F 124 11.41 -35.73 -26.76
C PRO F 124 12.92 -35.51 -26.85
N SER F 125 13.41 -34.35 -26.40
CA SER F 125 14.85 -34.12 -26.38
C SER F 125 15.45 -34.97 -25.24
N SER F 126 16.69 -35.40 -25.41
CA SER F 126 17.31 -36.18 -24.33
C SER F 126 17.35 -35.41 -23.01
N GLU F 127 17.56 -34.08 -23.08
N GLU F 127 17.53 -34.09 -23.09
CA GLU F 127 17.57 -33.28 -21.86
CA GLU F 127 17.57 -33.21 -21.91
C GLU F 127 16.25 -33.33 -21.09
C GLU F 127 16.26 -33.21 -21.11
N GLN F 128 15.13 -33.33 -21.79
CA GLN F 128 13.85 -33.48 -21.11
C GLN F 128 13.72 -34.87 -20.46
N LEU F 129 14.13 -35.89 -21.19
CA LEU F 129 14.05 -37.27 -20.74
C LEU F 129 14.81 -37.53 -19.45
N THR F 130 15.94 -36.85 -19.29
CA THR F 130 16.71 -36.84 -18.05
C THR F 130 15.85 -36.42 -16.84
N SER F 131 14.93 -35.48 -17.06
CA SER F 131 14.10 -35.00 -15.96
C SER F 131 12.75 -35.72 -15.83
N GLY F 132 12.61 -36.88 -16.48
CA GLY F 132 11.41 -37.72 -16.30
C GLY F 132 10.16 -37.29 -17.04
N GLY F 133 10.33 -36.35 -17.98
CA GLY F 133 9.22 -35.85 -18.78
C GLY F 133 9.43 -36.19 -20.24
N ALA F 134 8.35 -36.28 -20.99
CA ALA F 134 8.50 -36.57 -22.40
C ALA F 134 7.42 -35.92 -23.24
N SER F 135 7.83 -34.91 -24.00
CA SER F 135 6.89 -34.19 -24.85
C SER F 135 7.22 -34.55 -26.29
N VAL F 136 6.19 -34.90 -27.05
CA VAL F 136 6.36 -35.05 -28.48
C VAL F 136 5.67 -33.87 -29.15
N VAL F 137 6.35 -33.22 -30.09
CA VAL F 137 5.86 -31.99 -30.67
C VAL F 137 5.61 -32.20 -32.14
N CYS F 138 4.45 -31.75 -32.62
N CYS F 138 4.48 -31.67 -32.61
CA CYS F 138 4.22 -31.67 -34.05
CA CYS F 138 4.15 -31.71 -34.02
C CYS F 138 3.90 -30.27 -34.49
C CYS F 138 3.86 -30.28 -34.51
N PHE F 139 4.64 -29.82 -35.51
CA PHE F 139 4.41 -28.51 -36.14
C PHE F 139 3.62 -28.73 -37.45
N LEU F 140 2.53 -27.97 -37.64
CA LEU F 140 1.71 -28.03 -38.85
C LEU F 140 1.82 -26.60 -39.37
N ASN F 141 2.69 -26.41 -40.34
CA ASN F 141 3.13 -25.06 -40.72
C ASN F 141 2.58 -24.61 -42.09
N ASN F 142 2.16 -23.35 -42.14
CA ASN F 142 1.83 -22.63 -43.40
C ASN F 142 0.66 -23.20 -44.16
N PHE F 143 -0.47 -23.28 -43.50
CA PHE F 143 -1.70 -23.77 -44.11
C PHE F 143 -2.82 -22.75 -44.09
N TYR F 144 -3.83 -23.01 -44.93
CA TYR F 144 -5.03 -22.16 -44.99
C TYR F 144 -6.23 -22.97 -45.51
N PRO F 145 -7.40 -22.86 -44.86
CA PRO F 145 -7.83 -22.00 -43.74
C PRO F 145 -7.37 -22.53 -42.38
N LYS F 146 -7.67 -21.77 -41.33
CA LYS F 146 -7.23 -22.05 -39.96
C LYS F 146 -7.75 -23.35 -39.34
N ASP F 147 -8.95 -23.77 -39.73
CA ASP F 147 -9.51 -25.03 -39.21
C ASP F 147 -8.66 -26.24 -39.57
N ILE F 148 -8.35 -27.03 -38.56
CA ILE F 148 -7.44 -28.15 -38.75
C ILE F 148 -7.56 -29.06 -37.56
N ASN F 149 -7.36 -30.35 -37.79
CA ASN F 149 -7.47 -31.34 -36.72
C ASN F 149 -6.20 -32.11 -36.62
N VAL F 150 -5.75 -32.35 -35.38
CA VAL F 150 -4.56 -33.15 -35.11
C VAL F 150 -4.95 -34.37 -34.25
N LYS F 151 -4.52 -35.55 -34.68
CA LYS F 151 -4.73 -36.76 -33.90
C LYS F 151 -3.38 -37.35 -33.55
N TRP F 152 -3.16 -37.60 -32.26
CA TRP F 152 -1.97 -38.31 -31.78
C TRP F 152 -2.27 -39.80 -31.66
N LYS F 153 -1.37 -40.62 -32.17
CA LYS F 153 -1.47 -42.09 -32.02
C LYS F 153 -0.19 -42.66 -31.43
N ILE F 154 -0.36 -43.55 -30.46
CA ILE F 154 0.75 -44.23 -29.84
C ILE F 154 0.57 -45.72 -30.11
N ASP F 155 1.51 -46.28 -30.86
CA ASP F 155 1.47 -47.66 -31.36
C ASP F 155 0.16 -47.96 -32.09
N GLY F 156 -0.35 -46.96 -32.81
CA GLY F 156 -1.59 -47.10 -33.57
C GLY F 156 -2.88 -46.80 -32.82
N SER F 157 -2.80 -46.55 -31.52
CA SER F 157 -3.97 -46.18 -30.74
C SER F 157 -3.99 -44.69 -30.39
N GLU F 158 -5.17 -44.08 -30.55
CA GLU F 158 -5.38 -42.65 -30.33
C GLU F 158 -5.20 -42.27 -28.87
N ARG F 159 -4.53 -41.15 -28.65
CA ARG F 159 -4.34 -40.56 -27.32
C ARG F 159 -4.89 -39.12 -27.28
N GLN F 160 -5.78 -38.85 -26.34
CA GLN F 160 -6.45 -37.54 -26.23
C GLN F 160 -5.96 -36.65 -25.08
N ASN F 161 -5.59 -37.27 -23.96
CA ASN F 161 -5.14 -36.52 -22.78
C ASN F 161 -3.71 -36.03 -22.92
N GLY F 162 -3.42 -34.86 -22.34
CA GLY F 162 -2.05 -34.33 -22.31
C GLY F 162 -1.56 -33.68 -23.60
N VAL F 163 -2.50 -33.24 -24.45
CA VAL F 163 -2.18 -32.55 -25.72
C VAL F 163 -2.49 -31.07 -25.55
N LEU F 164 -1.57 -30.21 -25.98
CA LEU F 164 -1.72 -28.77 -25.85
C LEU F 164 -1.53 -28.20 -27.25
N ASN F 165 -2.51 -27.44 -27.73
CA ASN F 165 -2.46 -26.91 -29.08
C ASN F 165 -2.44 -25.38 -29.07
N SER F 166 -1.65 -24.82 -29.98
CA SER F 166 -1.54 -23.38 -30.14
C SER F 166 -1.47 -23.00 -31.62
N TRP F 167 -2.23 -21.99 -32.05
CA TRP F 167 -2.20 -21.48 -33.42
C TRP F 167 -1.49 -20.12 -33.45
N THR F 168 -0.74 -19.86 -34.52
CA THR F 168 -0.22 -18.52 -34.76
C THR F 168 -1.35 -17.62 -35.24
N ASP F 169 -1.12 -16.31 -35.22
CA ASP F 169 -1.96 -15.35 -35.98
C ASP F 169 -1.68 -15.43 -37.47
N GLN F 170 -2.60 -14.95 -38.30
CA GLN F 170 -2.40 -15.06 -39.75
C GLN F 170 -1.14 -14.29 -40.18
N ASP F 171 -0.30 -14.92 -40.97
CA ASP F 171 0.93 -14.28 -41.43
C ASP F 171 0.68 -13.04 -42.33
N SER F 172 1.43 -11.97 -42.09
CA SER F 172 1.33 -10.72 -42.84
C SER F 172 1.72 -10.79 -44.29
N LYS F 173 2.57 -11.76 -44.60
CA LYS F 173 3.16 -11.86 -45.93
C LYS F 173 2.49 -12.91 -46.77
N ASP F 174 2.31 -14.10 -46.21
CA ASP F 174 1.81 -15.21 -47.05
C ASP F 174 0.39 -15.63 -46.70
N SER F 175 -0.20 -14.92 -45.73
CA SER F 175 -1.60 -15.14 -45.32
C SER F 175 -1.92 -16.58 -44.81
N THR F 176 -0.91 -17.31 -44.35
CA THR F 176 -1.18 -18.64 -43.79
C THR F 176 -1.22 -18.60 -42.25
N TYR F 177 -1.66 -19.72 -41.69
CA TYR F 177 -1.55 -20.01 -40.27
C TYR F 177 -0.60 -21.17 -40.06
N SER F 178 -0.11 -21.25 -38.83
CA SER F 178 0.64 -22.40 -38.40
C SER F 178 0.13 -22.81 -37.02
N MET F 179 0.36 -24.07 -36.67
CA MET F 179 -0.13 -24.63 -35.44
C MET F 179 0.88 -25.63 -34.85
N SER F 180 1.02 -25.56 -33.54
CA SER F 180 1.90 -26.45 -32.79
C SER F 180 1.04 -27.31 -31.87
N SER F 181 1.29 -28.63 -31.88
CA SER F 181 0.66 -29.59 -30.98
C SER F 181 1.71 -30.36 -30.21
N THR F 182 1.54 -30.42 -28.90
CA THR F 182 2.48 -31.10 -27.99
C THR F 182 1.73 -32.11 -27.10
N LEU F 183 2.09 -33.39 -27.26
CA LEU F 183 1.60 -34.46 -26.41
C LEU F 183 2.63 -34.65 -25.31
N THR F 184 2.25 -34.47 -24.04
CA THR F 184 3.23 -34.65 -22.97
C THR F 184 2.89 -35.92 -22.20
N LEU F 185 3.89 -36.80 -22.07
CA LEU F 185 3.78 -38.05 -21.33
C LEU F 185 4.83 -38.06 -20.24
N THR F 186 4.74 -39.01 -19.31
CA THR F 186 5.89 -39.32 -18.46
C THR F 186 6.97 -40.05 -19.25
N LYS F 187 8.21 -39.99 -18.78
CA LYS F 187 9.32 -40.72 -19.39
C LYS F 187 9.03 -42.24 -19.40
N ASP F 188 8.41 -42.74 -18.34
CA ASP F 188 8.18 -44.18 -18.20
C ASP F 188 7.15 -44.68 -19.19
N GLU F 189 6.07 -43.92 -19.37
CA GLU F 189 5.11 -44.23 -20.43
C GLU F 189 5.66 -44.05 -21.85
N TYR F 190 6.48 -43.02 -22.04
CA TYR F 190 7.09 -42.81 -23.35
C TYR F 190 7.94 -44.02 -23.70
N GLU F 191 8.63 -44.56 -22.69
CA GLU F 191 9.56 -45.67 -22.87
C GLU F 191 8.90 -47.04 -22.90
N ARG F 192 7.58 -47.08 -22.73
CA ARG F 192 6.81 -48.33 -22.88
C ARG F 192 6.28 -48.55 -24.28
N HIS F 193 6.45 -47.58 -25.18
CA HIS F 193 5.89 -47.69 -26.54
C HIS F 193 6.91 -47.39 -27.63
N ASN F 194 6.67 -47.88 -28.84
CA ASN F 194 7.63 -47.70 -29.92
C ASN F 194 7.29 -46.58 -30.90
N SER F 195 6.07 -46.61 -31.45
CA SER F 195 5.75 -45.70 -32.55
C SER F 195 4.87 -44.53 -32.13
N TYR F 196 5.28 -43.33 -32.55
CA TYR F 196 4.55 -42.10 -32.25
C TYR F 196 4.16 -41.40 -33.53
N THR F 197 2.89 -41.01 -33.61
CA THR F 197 2.28 -40.52 -34.84
C THR F 197 1.42 -39.28 -34.61
N CYS F 198 1.66 -38.26 -35.41
N CYS F 198 1.65 -38.30 -35.47
CA CYS F 198 0.69 -37.19 -35.47
CA CYS F 198 0.83 -37.11 -35.56
C CYS F 198 0.06 -37.16 -36.86
C CYS F 198 0.08 -37.14 -36.91
N GLU F 199 -1.26 -37.12 -36.86
CA GLU F 199 -2.07 -37.09 -38.09
C GLU F 199 -2.86 -35.79 -38.20
N ALA F 200 -2.67 -35.11 -39.33
CA ALA F 200 -3.30 -33.84 -39.57
C ALA F 200 -4.37 -33.98 -40.63
N THR F 201 -5.59 -33.63 -40.28
CA THR F 201 -6.68 -33.57 -41.22
C THR F 201 -7.04 -32.10 -41.50
N HIS F 202 -7.04 -31.76 -42.76
CA HIS F 202 -7.28 -30.39 -43.20
C HIS F 202 -8.14 -30.50 -44.45
N LYS F 203 -8.92 -29.48 -44.75
CA LYS F 203 -9.86 -29.58 -45.88
C LYS F 203 -9.16 -29.81 -47.22
N THR F 204 -7.85 -29.53 -47.29
CA THR F 204 -7.07 -29.69 -48.53
C THR F 204 -6.88 -31.15 -48.98
N SER F 205 -7.15 -32.12 -48.10
CA SER F 205 -7.13 -33.52 -48.51
C SER F 205 -8.13 -34.33 -47.75
N THR F 206 -8.64 -35.35 -48.45
CA THR F 206 -9.54 -36.33 -47.88
C THR F 206 -8.81 -37.27 -46.90
N SER F 207 -7.52 -37.49 -47.11
CA SER F 207 -6.74 -38.34 -46.21
C SER F 207 -5.82 -37.50 -45.33
N PRO F 208 -5.63 -37.89 -44.05
CA PRO F 208 -4.69 -37.17 -43.17
C PRO F 208 -3.24 -37.16 -43.65
N ILE F 209 -2.50 -36.11 -43.32
CA ILE F 209 -1.02 -36.12 -43.44
C ILE F 209 -0.46 -36.78 -42.17
N VAL F 210 0.32 -37.83 -42.37
CA VAL F 210 0.81 -38.63 -41.25
C VAL F 210 2.33 -38.48 -41.10
N LYS F 211 2.77 -38.11 -39.89
CA LYS F 211 4.19 -38.10 -39.59
C LYS F 211 4.41 -38.95 -38.35
N SER F 212 5.47 -39.76 -38.39
CA SER F 212 5.68 -40.81 -37.41
C SER F 212 7.13 -41.01 -37.13
N PHE F 213 7.45 -41.46 -35.92
CA PHE F 213 8.79 -42.01 -35.64
C PHE F 213 8.66 -43.27 -34.79
N ASN F 214 9.68 -44.13 -34.86
CA ASN F 214 9.81 -45.23 -33.91
C ASN F 214 10.92 -44.95 -32.92
N ARG F 215 10.61 -45.01 -31.63
CA ARG F 215 11.57 -44.71 -30.56
C ARG F 215 12.78 -45.66 -30.57
N ASN F 216 13.95 -45.11 -30.26
CA ASN F 216 15.24 -45.82 -30.25
C ASN F 216 15.58 -46.63 -31.51
N GLU F 217 14.92 -46.29 -32.63
CA GLU F 217 15.19 -46.94 -33.91
C GLU F 217 16.47 -46.40 -34.57
S SO4 G . -63.10 32.69 -49.28
O1 SO4 G . -63.12 31.74 -50.42
O2 SO4 G . -61.69 33.08 -49.01
O3 SO4 G . -63.70 32.05 -48.09
O4 SO4 G . -63.89 33.90 -49.58
S DMS H . -13.28 23.94 -25.99
O DMS H . -14.42 24.85 -26.24
C1 DMS H . -12.39 24.39 -24.59
C2 DMS H . -12.10 24.23 -27.20
S SO4 I . -27.69 18.51 22.80
O1 SO4 I . -27.06 17.21 22.42
O2 SO4 I . -26.95 19.61 22.14
O3 SO4 I . -27.65 18.69 24.27
O4 SO4 I . -29.12 18.52 22.39
S DMS J . 22.19 9.37 46.37
O DMS J . 20.97 10.15 46.01
C1 DMS J . 23.02 10.08 47.69
C2 DMS J . 23.33 9.65 45.12
C1 GOL K . 22.00 -16.57 57.08
O1 GOL K . 22.61 -17.41 56.09
C2 GOL K . 22.89 -16.74 58.31
O2 GOL K . 22.73 -18.09 58.74
C3 GOL K . 22.50 -15.78 59.45
O3 GOL K . 23.59 -15.79 60.39
C1 GOL L . -13.26 -1.99 -15.08
O1 GOL L . -12.79 -2.91 -16.08
C2 GOL L . -12.40 -2.20 -13.85
O2 GOL L . -12.54 -3.54 -13.40
C3 GOL L . -12.84 -1.20 -12.78
O3 GOL L . -11.88 -1.17 -11.73
#